data_9FS5
#
_entry.id   9FS5
#
_cell.length_a   1.00
_cell.length_b   1.00
_cell.length_c   1.00
_cell.angle_alpha   90.00
_cell.angle_beta   90.00
_cell.angle_gamma   90.00
#
_symmetry.space_group_name_H-M   'P 1'
#
_entity_poly.entity_id   1
_entity_poly.type   'polypeptide(L)'
_entity_poly.pdbx_seq_one_letter_code
;CGAMSTAIKKRNLEVKTQMSETIWLEPASERTVFLQIKNTSDKDMSGLQGKIADAVKAKGYQVVTSPDKAYYWIQANVLK
ADKMDLRESQGWLNRGYEGAAVGAALGAGITGYNSNSAGATLGVGLAAGLVGMAADAMVEDVNYTMITDVQIAERTKATV
TTDNVAALRQGTSGAKIQTSTETGNQHKYQTRVVSNANKVNLKFEEAKPVLEDQLAKSIANILGS
;
_entity_poly.pdbx_strand_id   A,B,C,D,E,F,G,H,I,J
#
# COMPACT_ATOMS: atom_id res chain seq x y z
N CYS A 1 -36.88 -15.13 -8.01
CA CYS A 1 -36.86 -14.15 -9.09
C CYS A 1 -35.46 -14.02 -9.69
N GLY A 2 -34.44 -14.08 -8.82
CA GLY A 2 -33.07 -14.05 -9.31
C GLY A 2 -32.76 -15.22 -10.23
N ALA A 3 -33.24 -16.41 -9.87
CA ALA A 3 -33.08 -17.56 -10.76
C ALA A 3 -33.80 -17.35 -12.07
N MET A 4 -35.01 -16.77 -12.02
CA MET A 4 -35.74 -16.47 -13.24
C MET A 4 -34.97 -15.48 -14.10
N SER A 5 -34.38 -14.46 -13.47
CA SER A 5 -33.59 -13.48 -14.22
C SER A 5 -32.40 -14.14 -14.88
N THR A 6 -31.70 -15.02 -14.15
CA THR A 6 -30.56 -15.72 -14.73
C THR A 6 -30.99 -16.61 -15.90
N ALA A 7 -32.10 -17.33 -15.74
CA ALA A 7 -32.58 -18.21 -16.80
C ALA A 7 -32.98 -17.41 -18.04
N ILE A 8 -33.61 -16.26 -17.85
CA ILE A 8 -34.00 -15.45 -18.99
C ILE A 8 -32.77 -14.85 -19.67
N LYS A 9 -31.83 -14.32 -18.88
CA LYS A 9 -30.66 -13.65 -19.42
C LYS A 9 -29.80 -14.60 -20.25
N LYS A 10 -29.25 -15.62 -19.60
CA LYS A 10 -28.34 -16.56 -20.27
C LYS A 10 -29.09 -17.83 -20.67
N ARG A 11 -30.08 -17.65 -21.54
CA ARG A 11 -30.86 -18.76 -22.06
C ARG A 11 -30.23 -19.41 -23.28
N ASN A 12 -29.21 -18.80 -23.86
CA ASN A 12 -28.56 -19.31 -25.06
C ASN A 12 -27.08 -19.54 -24.78
N LEU A 13 -26.54 -20.59 -25.39
CA LEU A 13 -25.13 -20.93 -25.21
C LEU A 13 -24.26 -19.83 -25.79
N GLU A 14 -23.42 -19.22 -24.96
CA GLU A 14 -22.54 -18.15 -25.39
C GLU A 14 -21.10 -18.63 -25.31
N VAL A 15 -20.38 -18.58 -26.43
CA VAL A 15 -19.03 -19.11 -26.53
C VAL A 15 -18.09 -18.03 -27.01
N LYS A 16 -17.00 -17.82 -26.27
CA LYS A 16 -16.00 -16.82 -26.58
C LYS A 16 -14.64 -17.48 -26.67
N THR A 17 -13.84 -17.08 -27.64
CA THR A 17 -12.50 -17.63 -27.84
C THR A 17 -11.54 -16.49 -28.10
N GLN A 18 -10.57 -16.31 -27.21
CA GLN A 18 -9.66 -15.18 -27.28
C GLN A 18 -8.22 -15.66 -27.28
N MET A 19 -7.46 -15.24 -28.28
CA MET A 19 -6.02 -15.52 -28.34
C MET A 19 -5.27 -14.48 -27.53
N SER A 20 -4.17 -14.90 -26.89
CA SER A 20 -3.45 -14.01 -26.02
C SER A 20 -2.66 -12.97 -26.81
N GLU A 21 -1.75 -13.41 -27.66
CA GLU A 21 -0.90 -12.51 -28.42
C GLU A 21 -0.77 -13.04 -29.85
N THR A 22 -0.28 -12.16 -30.73
CA THR A 22 -0.17 -12.47 -32.16
C THR A 22 1.19 -13.07 -32.47
N ILE A 23 1.19 -14.11 -33.29
CA ILE A 23 2.41 -14.71 -33.80
C ILE A 23 2.55 -14.30 -35.25
N TRP A 24 3.62 -13.57 -35.57
CA TRP A 24 3.83 -13.06 -36.92
C TRP A 24 4.67 -14.05 -37.71
N LEU A 25 4.15 -14.45 -38.87
CA LEU A 25 4.84 -15.36 -39.77
C LEU A 25 5.13 -14.65 -41.08
N GLU A 26 6.37 -14.74 -41.54
CA GLU A 26 6.73 -14.13 -42.80
C GLU A 26 6.03 -14.86 -43.95
N PRO A 27 5.66 -14.14 -45.01
CA PRO A 27 5.03 -14.80 -46.16
C PRO A 27 5.96 -15.84 -46.77
N ALA A 28 5.39 -16.96 -47.17
CA ALA A 28 6.16 -18.05 -47.74
C ALA A 28 5.27 -18.87 -48.67
N SER A 29 5.91 -19.58 -49.58
CA SER A 29 5.22 -20.42 -50.55
C SER A 29 5.10 -21.87 -50.11
N GLU A 30 5.58 -22.22 -48.92
CA GLU A 30 5.51 -23.58 -48.45
C GLU A 30 4.14 -23.88 -47.87
N ARG A 31 3.70 -25.13 -48.02
CA ARG A 31 2.35 -25.53 -47.65
C ARG A 31 2.28 -26.64 -46.61
N THR A 32 3.36 -27.38 -46.37
CA THR A 32 3.29 -28.57 -45.54
C THR A 32 3.14 -28.21 -44.07
N VAL A 33 2.20 -28.88 -43.39
CA VAL A 33 1.91 -28.67 -41.98
C VAL A 33 1.86 -30.02 -41.28
N PHE A 34 2.38 -30.06 -40.05
CA PHE A 34 2.31 -31.25 -39.21
C PHE A 34 1.63 -30.88 -37.89
N LEU A 35 0.60 -31.64 -37.53
CA LEU A 35 -0.20 -31.35 -36.35
C LEU A 35 0.16 -32.28 -35.21
N GLN A 36 0.12 -31.75 -33.98
CA GLN A 36 0.30 -32.56 -32.78
C GLN A 36 -0.55 -31.94 -31.68
N ILE A 37 -1.67 -32.60 -31.36
CA ILE A 37 -2.65 -32.08 -30.42
C ILE A 37 -2.73 -33.03 -29.24
N LYS A 38 -2.61 -32.47 -28.03
CA LYS A 38 -2.72 -33.25 -26.80
C LYS A 38 -3.74 -32.60 -25.89
N ASN A 39 -4.27 -33.39 -24.96
CA ASN A 39 -5.32 -32.94 -24.05
C ASN A 39 -5.01 -33.48 -22.66
N THR A 40 -4.57 -32.61 -21.75
CA THR A 40 -4.28 -32.99 -20.38
C THR A 40 -5.32 -32.43 -19.41
N SER A 41 -6.52 -32.17 -19.89
CA SER A 41 -7.61 -31.68 -19.06
C SER A 41 -8.63 -32.78 -18.82
N ASP A 42 -9.48 -32.57 -17.81
CA ASP A 42 -10.49 -33.56 -17.48
C ASP A 42 -11.59 -33.61 -18.54
N LYS A 43 -11.83 -32.50 -19.23
CA LYS A 43 -12.83 -32.50 -20.29
C LYS A 43 -12.33 -33.26 -21.51
N ASP A 44 -13.26 -33.63 -22.37
CA ASP A 44 -12.97 -34.43 -23.56
C ASP A 44 -13.09 -33.55 -24.79
N MET A 45 -11.99 -33.40 -25.53
CA MET A 45 -11.98 -32.72 -26.83
C MET A 45 -11.28 -33.67 -27.79
N SER A 46 -12.04 -34.60 -28.37
CA SER A 46 -11.46 -35.62 -29.23
C SER A 46 -11.43 -35.20 -30.70
N GLY A 47 -12.39 -34.40 -31.13
CA GLY A 47 -12.46 -33.97 -32.51
C GLY A 47 -11.67 -32.73 -32.84
N LEU A 48 -10.90 -32.19 -31.89
CA LEU A 48 -10.18 -30.95 -32.12
C LEU A 48 -9.12 -31.12 -33.20
N GLN A 49 -8.39 -32.25 -33.19
CA GLN A 49 -7.36 -32.46 -34.20
C GLN A 49 -7.96 -32.54 -35.60
N GLY A 50 -9.06 -33.28 -35.74
CA GLY A 50 -9.70 -33.39 -37.05
C GLY A 50 -10.21 -32.05 -37.56
N LYS A 51 -10.80 -31.26 -36.67
CA LYS A 51 -11.30 -29.95 -37.07
C LYS A 51 -10.16 -29.01 -37.44
N ILE A 52 -9.06 -29.06 -36.71
CA ILE A 52 -7.89 -28.27 -37.08
C ILE A 52 -7.37 -28.68 -38.45
N ALA A 53 -7.30 -29.99 -38.70
CA ALA A 53 -6.84 -30.46 -40.00
C ALA A 53 -7.76 -30.00 -41.11
N ASP A 54 -9.07 -30.06 -40.90
CA ASP A 54 -10.01 -29.63 -41.92
C ASP A 54 -9.88 -28.13 -42.19
N ALA A 55 -9.77 -27.33 -41.12
CA ALA A 55 -9.64 -25.89 -41.31
C ALA A 55 -8.34 -25.53 -42.02
N VAL A 56 -7.26 -26.24 -41.69
CA VAL A 56 -5.98 -25.99 -42.35
C VAL A 56 -6.06 -26.38 -43.83
N LYS A 57 -6.68 -27.51 -44.14
CA LYS A 57 -6.82 -27.92 -45.53
C LYS A 57 -7.69 -26.95 -46.30
N ALA A 58 -8.67 -26.33 -45.65
CA ALA A 58 -9.52 -25.36 -46.31
C ALA A 58 -8.75 -24.13 -46.77
N LYS A 59 -7.59 -23.86 -46.20
CA LYS A 59 -6.78 -22.70 -46.55
C LYS A 59 -5.77 -23.00 -47.64
N GLY A 60 -5.74 -24.22 -48.17
CA GLY A 60 -4.80 -24.61 -49.19
C GLY A 60 -3.56 -25.30 -48.66
N TYR A 61 -3.35 -25.34 -47.35
CA TYR A 61 -2.22 -26.05 -46.80
C TYR A 61 -2.43 -27.55 -46.91
N GLN A 62 -1.32 -28.29 -46.89
CA GLN A 62 -1.32 -29.74 -47.00
C GLN A 62 -0.80 -30.34 -45.71
N VAL A 63 -1.58 -31.24 -45.12
CA VAL A 63 -1.24 -31.83 -43.84
C VAL A 63 -0.47 -33.13 -44.08
N VAL A 64 0.69 -33.25 -43.47
CA VAL A 64 1.55 -34.43 -43.60
C VAL A 64 1.67 -35.10 -42.24
N THR A 65 2.15 -36.34 -42.26
CA THR A 65 2.25 -37.14 -41.04
C THR A 65 3.65 -37.15 -40.44
N SER A 66 4.70 -37.16 -41.25
CA SER A 66 6.05 -37.20 -40.74
C SER A 66 6.53 -35.78 -40.48
N PRO A 67 6.94 -35.44 -39.25
CA PRO A 67 7.35 -34.06 -38.96
C PRO A 67 8.62 -33.63 -39.68
N ASP A 68 9.41 -34.57 -40.21
CA ASP A 68 10.67 -34.21 -40.83
C ASP A 68 10.48 -33.36 -42.08
N LYS A 69 9.46 -33.69 -42.89
CA LYS A 69 9.25 -33.01 -44.16
C LYS A 69 8.15 -31.96 -44.09
N ALA A 70 7.78 -31.50 -42.90
CA ALA A 70 6.77 -30.47 -42.74
C ALA A 70 7.44 -29.12 -42.52
N TYR A 71 6.99 -28.13 -43.29
CA TYR A 71 7.53 -26.77 -43.11
C TYR A 71 7.00 -26.14 -41.83
N TYR A 72 5.72 -26.35 -41.53
CA TYR A 72 5.10 -25.79 -40.35
C TYR A 72 4.73 -26.89 -39.37
N TRP A 73 4.80 -26.57 -38.09
CA TRP A 73 4.29 -27.44 -37.03
C TRP A 73 3.23 -26.68 -36.25
N ILE A 74 2.13 -27.36 -35.95
CA ILE A 74 1.11 -26.82 -35.06
C ILE A 74 1.04 -27.77 -33.88
N GLN A 75 1.63 -27.37 -32.76
CA GLN A 75 1.60 -28.12 -31.52
C GLN A 75 0.64 -27.44 -30.58
N ALA A 76 -0.39 -28.17 -30.15
CA ALA A 76 -1.41 -27.61 -29.28
C ALA A 76 -1.64 -28.55 -28.10
N ASN A 77 -1.90 -27.96 -26.93
CA ASN A 77 -2.20 -28.74 -25.74
C ASN A 77 -3.36 -28.08 -25.02
N VAL A 78 -4.47 -28.78 -24.92
CA VAL A 78 -5.61 -28.31 -24.13
C VAL A 78 -5.23 -28.52 -22.67
N LEU A 79 -4.71 -27.48 -22.03
CA LEU A 79 -4.03 -27.64 -20.76
C LEU A 79 -5.02 -27.74 -19.60
N LYS A 80 -5.88 -26.74 -19.45
CA LYS A 80 -6.70 -26.63 -18.25
C LYS A 80 -8.17 -26.50 -18.61
N ALA A 81 -9.02 -26.95 -17.69
CA ALA A 81 -10.46 -26.78 -17.84
C ALA A 81 -11.08 -26.67 -16.46
N ASP A 82 -11.94 -25.67 -16.28
CA ASP A 82 -12.57 -25.40 -15.00
C ASP A 82 -14.04 -25.08 -15.24
N LYS A 83 -14.86 -25.37 -14.24
CA LYS A 83 -16.29 -25.06 -14.29
C LYS A 83 -16.66 -24.27 -13.06
N MET A 84 -17.37 -23.16 -13.25
CA MET A 84 -17.73 -22.30 -12.13
C MET A 84 -19.16 -21.82 -12.29
N ASP A 85 -19.72 -21.33 -11.20
CA ASP A 85 -21.06 -20.74 -11.18
C ASP A 85 -20.92 -19.24 -11.00
N LEU A 86 -21.42 -18.47 -11.96
CA LEU A 86 -21.32 -17.02 -11.87
C LEU A 86 -22.19 -16.47 -10.74
N ARG A 87 -23.31 -17.12 -10.45
CA ARG A 87 -24.18 -16.68 -9.37
C ARG A 87 -23.46 -16.70 -8.02
N GLU A 88 -22.43 -17.53 -7.87
CA GLU A 88 -21.64 -17.56 -6.65
C GLU A 88 -20.87 -16.27 -6.42
N SER A 89 -20.74 -15.41 -7.44
CA SER A 89 -20.01 -14.16 -7.26
C SER A 89 -20.69 -13.27 -6.23
N GLN A 90 -22.02 -13.28 -6.19
CA GLN A 90 -22.75 -12.52 -5.18
C GLN A 90 -22.69 -13.16 -3.80
N GLY A 91 -22.39 -14.46 -3.73
CA GLY A 91 -22.32 -15.14 -2.46
C GLY A 91 -23.68 -15.36 -1.84
N TRP A 92 -24.33 -14.27 -1.45
CA TRP A 92 -25.67 -14.32 -0.88
C TRP A 92 -26.71 -14.28 -2.00
N LEU A 93 -27.96 -14.52 -1.63
CA LEU A 93 -29.10 -14.61 -2.54
C LEU A 93 -28.95 -15.71 -3.57
N ASN A 94 -27.96 -16.59 -3.40
CA ASN A 94 -27.72 -17.70 -4.31
C ASN A 94 -28.03 -19.06 -3.71
N ARG A 95 -27.86 -19.21 -2.39
CA ARG A 95 -28.12 -20.50 -1.76
C ARG A 95 -29.57 -20.92 -1.92
N GLY A 96 -30.49 -19.96 -1.96
CA GLY A 96 -31.89 -20.29 -2.11
C GLY A 96 -32.79 -19.55 -1.14
N TYR A 97 -32.25 -18.55 -0.46
CA TYR A 97 -33.03 -17.80 0.51
C TYR A 97 -34.20 -17.07 -0.15
N GLU A 98 -33.95 -16.47 -1.32
CA GLU A 98 -35.00 -15.71 -1.99
C GLU A 98 -36.12 -16.63 -2.46
N GLY A 99 -35.78 -17.77 -3.03
CA GLY A 99 -36.80 -18.72 -3.43
C GLY A 99 -37.60 -19.25 -2.25
N ALA A 100 -36.91 -19.47 -1.13
CA ALA A 100 -37.58 -19.89 0.09
C ALA A 100 -38.55 -18.82 0.56
N ALA A 101 -38.15 -17.56 0.48
CA ALA A 101 -38.98 -16.44 0.89
C ALA A 101 -40.24 -16.37 0.02
N VAL A 102 -40.08 -16.53 -1.29
CA VAL A 102 -41.22 -16.49 -2.20
C VAL A 102 -42.16 -17.65 -1.89
N GLY A 103 -41.60 -18.84 -1.69
CA GLY A 103 -42.42 -19.99 -1.35
C GLY A 103 -43.18 -19.82 -0.06
N ALA A 104 -42.54 -19.22 0.95
CA ALA A 104 -43.21 -18.95 2.22
C ALA A 104 -44.33 -17.94 2.04
N ALA A 105 -44.07 -16.88 1.28
CA ALA A 105 -45.07 -15.85 1.01
C ALA A 105 -46.25 -16.44 0.23
N LEU A 106 -46.00 -17.53 -0.49
CA LEU A 106 -47.09 -18.21 -1.19
C LEU A 106 -48.14 -18.73 -0.22
N GLY A 107 -47.80 -18.91 1.07
CA GLY A 107 -48.78 -19.38 2.03
C GLY A 107 -49.98 -18.45 2.18
N ALA A 108 -49.77 -17.15 1.93
CA ALA A 108 -50.90 -16.22 1.88
C ALA A 108 -51.87 -16.60 0.76
N GLY A 109 -51.38 -17.33 -0.25
CA GLY A 109 -52.28 -17.81 -1.29
C GLY A 109 -53.20 -18.92 -0.82
N ILE A 110 -52.86 -19.55 0.31
CA ILE A 110 -53.74 -20.56 0.90
C ILE A 110 -54.48 -20.02 2.12
N THR A 111 -54.03 -18.93 2.73
CA THR A 111 -54.79 -18.31 3.80
C THR A 111 -56.05 -17.63 3.28
N GLY A 112 -56.01 -17.10 2.06
CA GLY A 112 -57.16 -16.45 1.49
C GLY A 112 -58.11 -17.33 0.70
N TYR A 113 -57.80 -18.61 0.56
CA TYR A 113 -58.61 -19.53 -0.23
C TYR A 113 -58.84 -20.82 0.55
N ASN A 114 -60.02 -21.41 0.37
CA ASN A 114 -60.38 -22.70 0.96
C ASN A 114 -60.21 -22.62 2.48
N SER A 115 -59.82 -23.72 3.10
CA SER A 115 -59.58 -23.72 4.54
C SER A 115 -58.38 -22.86 4.88
N ASN A 116 -58.45 -22.20 6.03
CA ASN A 116 -57.39 -21.29 6.46
C ASN A 116 -57.30 -21.30 7.97
N SER A 117 -56.13 -20.90 8.48
CA SER A 117 -55.81 -20.90 9.91
C SER A 117 -56.14 -22.23 10.56
N ALA A 118 -56.06 -23.32 9.79
CA ALA A 118 -56.41 -24.65 10.27
C ALA A 118 -55.18 -25.49 10.59
N GLY A 119 -54.01 -24.86 10.68
CA GLY A 119 -52.78 -25.59 10.90
C GLY A 119 -52.18 -26.08 9.60
N ALA A 120 -53.04 -26.59 8.70
CA ALA A 120 -52.56 -27.02 7.39
C ALA A 120 -51.99 -25.87 6.58
N THR A 121 -52.39 -24.64 6.88
CA THR A 121 -51.82 -23.49 6.19
C THR A 121 -50.32 -23.39 6.43
N LEU A 122 -49.89 -23.58 7.68
CA LEU A 122 -48.46 -23.51 7.98
C LEU A 122 -47.70 -24.63 7.26
N GLY A 123 -48.25 -25.83 7.25
CA GLY A 123 -47.59 -26.93 6.55
C GLY A 123 -47.47 -26.69 5.06
N VAL A 124 -48.55 -26.20 4.44
CA VAL A 124 -48.51 -25.91 3.01
C VAL A 124 -47.51 -24.80 2.72
N GLY A 125 -47.48 -23.77 3.57
CA GLY A 125 -46.52 -22.70 3.39
C GLY A 125 -45.08 -23.17 3.52
N LEU A 126 -44.82 -24.05 4.50
CA LEU A 126 -43.47 -24.58 4.66
C LEU A 126 -43.07 -25.44 3.47
N ALA A 127 -43.99 -26.27 2.98
CA ALA A 127 -43.68 -27.09 1.81
C ALA A 127 -43.41 -26.22 0.59
N ALA A 128 -44.22 -25.17 0.41
CA ALA A 128 -44.01 -24.27 -0.72
C ALA A 128 -42.67 -23.55 -0.61
N GLY A 129 -42.32 -23.10 0.60
CA GLY A 129 -41.03 -22.46 0.78
C GLY A 129 -39.87 -23.39 0.49
N LEU A 130 -39.97 -24.64 0.96
CA LEU A 130 -38.92 -25.62 0.69
C LEU A 130 -38.79 -25.90 -0.80
N VAL A 131 -39.92 -26.04 -1.49
CA VAL A 131 -39.89 -26.29 -2.93
C VAL A 131 -39.30 -25.10 -3.67
N GLY A 132 -39.65 -23.89 -3.25
CA GLY A 132 -39.09 -22.70 -3.89
C GLY A 132 -37.59 -22.60 -3.68
N MET A 133 -37.12 -22.90 -2.46
CA MET A 133 -35.69 -22.88 -2.21
C MET A 133 -34.97 -23.94 -3.04
N ALA A 134 -35.55 -25.13 -3.14
CA ALA A 134 -34.94 -26.18 -3.96
C ALA A 134 -34.87 -25.77 -5.42
N ALA A 135 -35.94 -25.18 -5.95
CA ALA A 135 -35.95 -24.74 -7.35
C ALA A 135 -34.94 -23.63 -7.58
N ASP A 136 -34.83 -22.70 -6.63
CA ASP A 136 -33.86 -21.62 -6.77
C ASP A 136 -32.43 -22.14 -6.71
N ALA A 137 -32.19 -23.16 -5.89
CA ALA A 137 -30.84 -23.70 -5.76
C ALA A 137 -30.44 -24.53 -6.97
N MET A 138 -31.41 -25.12 -7.66
CA MET A 138 -31.12 -26.00 -8.79
C MET A 138 -30.89 -25.24 -10.09
N VAL A 139 -31.02 -23.92 -10.09
CA VAL A 139 -30.73 -23.12 -11.27
C VAL A 139 -29.32 -22.58 -11.14
N GLU A 140 -28.45 -22.98 -12.08
CA GLU A 140 -27.04 -22.66 -12.03
C GLU A 140 -26.64 -21.90 -13.29
N ASP A 141 -25.88 -20.83 -13.11
CA ASP A 141 -25.34 -20.06 -14.23
C ASP A 141 -23.91 -20.55 -14.47
N VAL A 142 -23.79 -21.63 -15.22
CA VAL A 142 -22.53 -22.34 -15.35
C VAL A 142 -21.69 -21.71 -16.45
N ASN A 143 -20.38 -21.65 -16.18
CA ASN A 143 -19.39 -21.12 -17.10
C ASN A 143 -18.20 -22.06 -17.11
N TYR A 144 -17.86 -22.58 -18.29
CA TYR A 144 -16.72 -23.44 -18.50
C TYR A 144 -15.58 -22.63 -19.09
N THR A 145 -14.41 -22.69 -18.45
CA THR A 145 -13.22 -21.99 -18.91
C THR A 145 -12.19 -23.02 -19.34
N MET A 146 -11.61 -22.82 -20.52
CA MET A 146 -10.64 -23.74 -21.09
C MET A 146 -9.39 -22.96 -21.46
N ILE A 147 -8.23 -23.47 -21.07
CA ILE A 147 -6.95 -22.85 -21.35
C ILE A 147 -6.15 -23.79 -22.24
N THR A 148 -5.75 -23.31 -23.41
CA THR A 148 -5.02 -24.08 -24.40
C THR A 148 -3.70 -23.39 -24.70
N ASP A 149 -2.63 -24.17 -24.83
CA ASP A 149 -1.32 -23.66 -25.18
C ASP A 149 -0.98 -24.08 -26.60
N VAL A 150 -0.54 -23.14 -27.42
CA VAL A 150 -0.23 -23.37 -28.82
C VAL A 150 1.24 -23.06 -29.04
N GLN A 151 1.91 -23.93 -29.80
CA GLN A 151 3.32 -23.73 -30.16
C GLN A 151 3.47 -23.97 -31.65
N ILE A 152 3.84 -22.92 -32.37
CA ILE A 152 3.99 -22.96 -33.82
C ILE A 152 5.46 -23.00 -34.15
N ALA A 153 5.86 -23.96 -34.99
CA ALA A 153 7.24 -24.08 -35.43
C ALA A 153 7.32 -23.79 -36.92
N GLU A 154 8.28 -22.95 -37.29
CA GLU A 154 8.48 -22.54 -38.67
C GLU A 154 9.92 -22.80 -39.05
N ARG A 155 10.13 -23.47 -40.17
CA ARG A 155 11.47 -23.81 -40.63
C ARG A 155 12.12 -22.58 -41.28
N THR A 156 13.39 -22.34 -40.97
CA THR A 156 14.11 -21.19 -41.47
C THR A 156 15.44 -21.63 -42.06
N LYS A 157 16.25 -20.65 -42.45
CA LYS A 157 17.57 -20.90 -43.02
C LYS A 157 18.71 -20.53 -42.08
N ALA A 158 18.45 -19.68 -41.09
CA ALA A 158 19.46 -19.29 -40.11
C ALA A 158 19.58 -20.35 -39.04
N THR A 159 20.80 -20.60 -38.58
CA THR A 159 21.01 -21.58 -37.53
C THR A 159 20.44 -21.06 -36.21
N VAL A 160 19.63 -21.90 -35.57
CA VAL A 160 18.95 -21.55 -34.33
C VAL A 160 19.55 -22.40 -33.21
N THR A 161 20.05 -21.74 -32.17
CA THR A 161 20.61 -22.43 -31.02
C THR A 161 19.57 -22.45 -29.92
N THR A 162 19.19 -23.65 -29.49
CA THR A 162 18.26 -23.84 -28.39
C THR A 162 19.04 -24.15 -27.13
N ASP A 163 18.85 -23.34 -26.10
CA ASP A 163 19.54 -23.49 -24.82
C ASP A 163 18.51 -23.96 -23.80
N ASN A 164 18.46 -25.27 -23.57
CA ASN A 164 17.57 -25.82 -22.57
C ASN A 164 18.10 -25.47 -21.18
N VAL A 165 17.29 -24.79 -20.38
CA VAL A 165 17.61 -24.42 -19.02
C VAL A 165 16.43 -24.81 -18.14
N ALA A 166 16.67 -25.69 -17.16
CA ALA A 166 15.64 -26.14 -16.25
C ALA A 166 16.15 -26.09 -14.83
N ALA A 167 15.30 -25.65 -13.91
CA ALA A 167 15.63 -25.57 -12.49
C ALA A 167 14.65 -26.46 -11.74
N LEU A 168 14.98 -27.74 -11.64
CA LEU A 168 14.11 -28.71 -10.98
C LEU A 168 14.19 -28.51 -9.47
N ARG A 169 13.09 -28.07 -8.86
CA ARG A 169 13.07 -27.80 -7.44
C ARG A 169 13.35 -29.06 -6.64
N GLN A 170 14.13 -28.93 -5.57
CA GLN A 170 14.54 -30.05 -4.72
C GLN A 170 14.31 -29.63 -3.27
N GLY A 171 13.12 -29.97 -2.76
CA GLY A 171 12.80 -29.91 -1.35
C GLY A 171 13.17 -28.64 -0.62
N THR A 172 12.49 -27.53 -0.91
CA THR A 172 12.71 -26.28 -0.17
C THR A 172 14.16 -25.82 -0.30
N SER A 173 15.08 -26.67 0.17
CA SER A 173 16.51 -26.37 0.19
C SER A 173 17.04 -25.82 -1.12
N GLY A 174 16.96 -26.57 -2.21
CA GLY A 174 17.69 -26.21 -3.42
C GLY A 174 17.03 -26.60 -4.70
N ALA A 175 17.84 -26.82 -5.74
CA ALA A 175 17.34 -27.23 -7.03
C ALA A 175 18.48 -27.86 -7.81
N LYS A 176 18.11 -28.65 -8.82
CA LYS A 176 19.05 -29.19 -9.78
C LYS A 176 18.90 -28.42 -11.07
N ILE A 177 19.99 -27.81 -11.54
CA ILE A 177 19.96 -26.97 -12.74
C ILE A 177 20.52 -27.78 -13.89
N GLN A 178 19.69 -28.02 -14.90
CA GLN A 178 20.08 -28.73 -16.11
C GLN A 178 20.19 -27.75 -17.25
N THR A 179 21.31 -27.81 -17.98
CA THR A 179 21.53 -26.94 -19.13
C THR A 179 22.06 -27.77 -20.28
N SER A 180 21.59 -27.46 -21.48
CA SER A 180 22.08 -28.13 -22.68
C SER A 180 21.93 -27.19 -23.86
N THR A 181 22.67 -27.47 -24.94
CA THR A 181 22.65 -26.64 -26.13
C THR A 181 22.53 -27.51 -27.37
N GLU A 182 21.57 -27.17 -28.23
CA GLU A 182 21.39 -27.85 -29.50
C GLU A 182 21.33 -26.81 -30.62
N THR A 183 21.59 -27.27 -31.85
CA THR A 183 21.55 -26.40 -33.02
C THR A 183 20.63 -27.03 -34.06
N GLY A 184 19.72 -26.22 -34.60
CA GLY A 184 18.78 -26.70 -35.60
C GLY A 184 18.19 -25.56 -36.37
N ASN A 185 17.61 -25.88 -37.52
CA ASN A 185 17.02 -24.88 -38.41
C ASN A 185 15.51 -24.89 -38.22
N GLN A 186 15.07 -24.31 -37.09
CA GLN A 186 13.64 -24.23 -36.80
C GLN A 186 13.40 -23.21 -35.71
N HIS A 187 12.47 -22.30 -35.94
CA HIS A 187 12.04 -21.34 -34.95
C HIS A 187 10.75 -21.82 -34.31
N LYS A 188 10.56 -21.52 -33.03
CA LYS A 188 9.35 -21.91 -32.32
C LYS A 188 8.80 -20.71 -31.58
N TYR A 189 7.49 -20.51 -31.66
CA TYR A 189 6.81 -19.44 -30.95
C TYR A 189 5.63 -20.02 -30.21
N GLN A 190 5.21 -19.34 -29.14
CA GLN A 190 4.13 -19.83 -28.30
C GLN A 190 3.00 -18.83 -28.27
N THR A 191 1.86 -19.27 -27.76
CA THR A 191 0.70 -18.41 -27.52
C THR A 191 -0.30 -19.20 -26.69
N ARG A 192 -1.30 -18.49 -26.19
CA ARG A 192 -2.31 -19.07 -25.33
C ARG A 192 -3.70 -18.67 -25.81
N VAL A 193 -4.64 -19.61 -25.76
CA VAL A 193 -6.02 -19.37 -26.15
C VAL A 193 -6.92 -19.67 -24.96
N VAL A 194 -7.84 -18.76 -24.68
CA VAL A 194 -8.78 -18.90 -23.58
C VAL A 194 -10.18 -18.99 -24.15
N SER A 195 -10.92 -20.03 -23.77
CA SER A 195 -12.27 -20.27 -24.25
C SER A 195 -13.23 -20.25 -23.08
N ASN A 196 -14.41 -19.70 -23.31
CA ASN A 196 -15.47 -19.62 -22.30
C ASN A 196 -16.77 -20.08 -22.92
N ALA A 197 -17.51 -20.92 -22.19
CA ALA A 197 -18.82 -21.38 -22.61
C ALA A 197 -19.78 -21.15 -21.45
N ASN A 198 -20.77 -20.29 -21.65
CA ASN A 198 -21.66 -19.85 -20.59
C ASN A 198 -23.09 -20.20 -20.95
N LYS A 199 -23.84 -20.72 -19.98
CA LYS A 199 -25.26 -21.01 -20.13
C LYS A 199 -25.83 -21.37 -18.77
N VAL A 200 -27.15 -21.48 -18.72
CA VAL A 200 -27.84 -21.89 -17.49
C VAL A 200 -27.99 -23.41 -17.50
N ASN A 201 -27.52 -24.05 -16.44
CA ASN A 201 -27.56 -25.51 -16.32
C ASN A 201 -26.95 -26.19 -17.54
N LEU A 202 -25.81 -25.66 -17.99
CA LEU A 202 -25.15 -26.16 -19.18
C LEU A 202 -24.40 -27.45 -18.88
N LYS A 203 -24.50 -28.40 -19.79
CA LYS A 203 -23.72 -29.63 -19.76
C LYS A 203 -22.64 -29.55 -20.83
N PHE A 204 -21.42 -29.95 -20.46
CA PHE A 204 -20.28 -29.76 -21.36
C PHE A 204 -20.45 -30.51 -22.68
N GLU A 205 -21.26 -31.57 -22.70
CA GLU A 205 -21.46 -32.30 -23.95
C GLU A 205 -22.12 -31.42 -25.01
N GLU A 206 -22.95 -30.47 -24.60
CA GLU A 206 -23.57 -29.56 -25.55
C GLU A 206 -22.59 -28.50 -26.04
N ALA A 207 -21.74 -27.99 -25.15
CA ALA A 207 -20.81 -26.93 -25.51
C ALA A 207 -19.56 -27.44 -26.20
N LYS A 208 -19.32 -28.75 -26.19
CA LYS A 208 -18.09 -29.29 -26.78
C LYS A 208 -17.94 -29.00 -28.27
N PRO A 209 -18.92 -29.27 -29.14
CA PRO A 209 -18.66 -29.11 -30.58
C PRO A 209 -18.35 -27.69 -31.00
N VAL A 210 -19.11 -26.70 -30.51
CA VAL A 210 -18.84 -25.32 -30.91
C VAL A 210 -17.53 -24.83 -30.31
N LEU A 211 -17.18 -25.31 -29.11
CA LEU A 211 -15.89 -24.97 -28.52
C LEU A 211 -14.76 -25.47 -29.40
N GLU A 212 -14.86 -26.73 -29.85
CA GLU A 212 -13.86 -27.27 -30.75
C GLU A 212 -13.81 -26.49 -32.06
N ASP A 213 -14.98 -26.13 -32.60
CA ASP A 213 -15.02 -25.40 -33.85
C ASP A 213 -14.28 -24.08 -33.74
N GLN A 214 -14.60 -23.30 -32.71
CA GLN A 214 -13.97 -21.99 -32.57
C GLN A 214 -12.47 -22.12 -32.31
N LEU A 215 -12.08 -23.07 -31.44
CA LEU A 215 -10.65 -23.22 -31.16
C LEU A 215 -9.88 -23.64 -32.41
N ALA A 216 -10.42 -24.58 -33.17
CA ALA A 216 -9.75 -25.01 -34.40
C ALA A 216 -9.67 -23.88 -35.39
N LYS A 217 -10.73 -23.09 -35.53
CA LYS A 217 -10.71 -21.98 -36.48
C LYS A 217 -9.65 -20.96 -36.09
N SER A 218 -9.53 -20.64 -34.81
CA SER A 218 -8.53 -19.68 -34.38
C SER A 218 -7.12 -20.20 -34.63
N ILE A 219 -6.86 -21.45 -34.24
CA ILE A 219 -5.52 -22.00 -34.39
C ILE A 219 -5.14 -22.10 -35.86
N ALA A 220 -6.09 -22.48 -36.71
CA ALA A 220 -5.80 -22.53 -38.15
C ALA A 220 -5.59 -21.14 -38.71
N ASN A 221 -6.38 -20.15 -38.26
CA ASN A 221 -6.24 -18.80 -38.76
C ASN A 221 -4.91 -18.17 -38.34
N ILE A 222 -4.25 -18.73 -37.34
CA ILE A 222 -2.87 -18.30 -37.08
C ILE A 222 -2.03 -18.39 -38.34
N LEU A 223 -2.23 -19.45 -39.14
CA LEU A 223 -1.46 -19.64 -40.36
C LEU A 223 -1.83 -18.67 -41.47
N GLY A 224 -3.05 -18.12 -41.45
CA GLY A 224 -3.44 -17.15 -42.45
C GLY A 224 -4.08 -17.74 -43.68
N SER A 225 -3.33 -17.82 -44.77
CA SER A 225 -3.85 -18.36 -46.04
C SER A 225 -2.72 -18.78 -46.97
N CYS B 1 -37.53 1.21 -15.62
CA CYS B 1 -37.16 2.57 -15.99
C CYS B 1 -35.69 2.64 -16.39
N GLY B 2 -34.85 1.89 -15.68
CA GLY B 2 -33.45 1.83 -16.05
C GLY B 2 -33.24 1.28 -17.44
N ALA B 3 -33.99 0.25 -17.81
CA ALA B 3 -33.94 -0.28 -19.17
C ALA B 3 -34.39 0.77 -20.17
N MET B 4 -35.45 1.53 -19.83
CA MET B 4 -35.89 2.60 -20.71
C MET B 4 -34.82 3.67 -20.87
N SER B 5 -34.14 4.01 -19.78
CA SER B 5 -33.06 4.99 -19.85
C SER B 5 -31.93 4.49 -20.75
N THR B 6 -31.56 3.22 -20.60
CA THR B 6 -30.51 2.67 -21.45
C THR B 6 -30.93 2.66 -22.92
N ALA B 7 -32.17 2.28 -23.20
CA ALA B 7 -32.65 2.24 -24.58
C ALA B 7 -32.68 3.63 -25.20
N ILE B 8 -33.09 4.63 -24.42
CA ILE B 8 -33.12 5.99 -24.93
C ILE B 8 -31.71 6.51 -25.16
N LYS B 9 -30.82 6.30 -24.19
CA LYS B 9 -29.46 6.83 -24.26
C LYS B 9 -28.70 6.28 -25.46
N LYS B 10 -28.46 4.97 -25.47
CA LYS B 10 -27.67 4.34 -26.53
C LYS B 10 -28.59 3.71 -27.57
N ARG B 11 -29.39 4.56 -28.21
CA ARG B 11 -30.29 4.12 -29.27
C ARG B 11 -29.64 4.09 -30.64
N ASN B 12 -28.43 4.63 -30.76
CA ASN B 12 -27.73 4.68 -32.04
C ASN B 12 -26.39 3.96 -31.91
N LEU B 13 -25.98 3.29 -32.98
CA LEU B 13 -24.72 2.57 -32.98
C LEU B 13 -23.56 3.55 -32.85
N GLU B 14 -22.76 3.40 -31.81
CA GLU B 14 -21.61 4.27 -31.58
C GLU B 14 -20.33 3.46 -31.75
N VAL B 15 -19.46 3.91 -32.64
CA VAL B 15 -18.24 3.18 -32.99
C VAL B 15 -17.04 4.08 -32.78
N LYS B 16 -16.06 3.59 -32.04
CA LYS B 16 -14.83 4.31 -31.75
C LYS B 16 -13.63 3.46 -32.15
N THR B 17 -12.63 4.10 -32.74
CA THR B 17 -11.42 3.43 -33.18
C THR B 17 -10.22 4.25 -32.76
N GLN B 18 -9.35 3.67 -31.93
CA GLN B 18 -8.23 4.40 -31.37
C GLN B 18 -6.93 3.64 -31.58
N MET B 19 -5.95 4.29 -32.20
CA MET B 19 -4.61 3.75 -32.32
C MET B 19 -3.86 3.97 -31.01
N SER B 20 -2.93 3.05 -30.71
CA SER B 20 -2.19 3.14 -29.46
C SER B 20 -1.10 4.20 -29.54
N GLU B 21 -0.17 4.04 -30.47
CA GLU B 21 0.94 4.97 -30.63
C GLU B 21 1.15 5.26 -32.11
N THR B 22 1.99 6.27 -32.37
CA THR B 22 2.23 6.75 -33.73
C THR B 22 3.47 6.08 -34.31
N ILE B 23 3.38 5.67 -35.57
CA ILE B 23 4.51 5.14 -36.31
C ILE B 23 4.94 6.21 -37.30
N TRP B 24 6.17 6.70 -37.14
CA TRP B 24 6.69 7.77 -37.98
C TRP B 24 7.42 7.18 -39.18
N LEU B 25 7.01 7.59 -40.38
CA LEU B 25 7.62 7.14 -41.61
C LEU B 25 8.25 8.33 -42.32
N GLU B 26 9.50 8.19 -42.73
CA GLU B 26 10.16 9.25 -43.46
C GLU B 26 9.51 9.44 -44.82
N PRO B 27 9.46 10.68 -45.32
CA PRO B 27 8.90 10.90 -46.66
C PRO B 27 9.67 10.14 -47.72
N ALA B 28 8.95 9.57 -48.68
CA ALA B 28 9.57 8.80 -49.74
C ALA B 28 8.68 8.84 -50.97
N SER B 29 9.30 8.57 -52.12
CA SER B 29 8.60 8.59 -53.40
C SER B 29 8.13 7.20 -53.83
N GLU B 30 8.34 6.18 -53.01
CA GLU B 30 7.92 4.82 -53.35
C GLU B 30 6.44 4.64 -53.05
N ARG B 31 5.79 3.81 -53.87
CA ARG B 31 4.35 3.63 -53.81
C ARG B 31 3.89 2.21 -53.55
N THR B 32 4.76 1.21 -53.72
CA THR B 32 4.31 -0.18 -53.67
C THR B 32 4.01 -0.62 -52.24
N VAL B 33 2.87 -1.29 -52.06
CA VAL B 33 2.43 -1.78 -50.77
C VAL B 33 1.99 -3.24 -50.92
N PHE B 34 2.30 -4.05 -49.92
CA PHE B 34 1.88 -5.44 -49.86
C PHE B 34 1.09 -5.66 -48.57
N LEU B 35 -0.11 -6.21 -48.69
CA LEU B 35 -1.01 -6.38 -47.56
C LEU B 35 -1.03 -7.84 -47.10
N GLN B 36 -1.15 -8.03 -45.79
CA GLN B 36 -1.32 -9.37 -45.22
C GLN B 36 -2.19 -9.23 -43.98
N ILE B 37 -3.45 -9.64 -44.09
CA ILE B 37 -4.44 -9.46 -43.04
C ILE B 37 -4.89 -10.84 -42.57
N LYS B 38 -4.85 -11.05 -41.25
CA LYS B 38 -5.29 -12.29 -40.65
C LYS B 38 -6.29 -11.99 -39.55
N ASN B 39 -7.11 -12.98 -39.21
CA ASN B 39 -8.16 -12.83 -38.21
C ASN B 39 -8.19 -14.07 -37.34
N THR B 40 -7.72 -13.96 -36.11
CA THR B 40 -7.73 -15.05 -35.16
C THR B 40 -8.75 -14.84 -34.05
N SER B 41 -9.83 -14.11 -34.34
CA SER B 41 -10.89 -13.86 -33.39
C SER B 41 -12.14 -14.61 -33.81
N ASP B 42 -13.07 -14.76 -32.86
CA ASP B 42 -14.30 -15.48 -33.14
C ASP B 42 -15.22 -14.69 -34.07
N LYS B 43 -15.12 -13.36 -34.06
CA LYS B 43 -15.93 -12.56 -34.95
C LYS B 43 -15.40 -12.66 -36.38
N ASP B 44 -16.24 -12.28 -37.33
CA ASP B 44 -15.92 -12.38 -38.75
C ASP B 44 -15.71 -10.98 -39.31
N MET B 45 -14.51 -10.73 -39.83
CA MET B 45 -14.20 -9.50 -40.57
C MET B 45 -13.53 -9.94 -41.86
N SER B 46 -14.35 -10.24 -42.86
CA SER B 46 -13.84 -10.74 -44.13
C SER B 46 -13.51 -9.64 -45.12
N GLY B 47 -14.22 -8.51 -45.06
CA GLY B 47 -14.00 -7.42 -45.97
C GLY B 47 -12.93 -6.44 -45.56
N LEU B 48 -12.22 -6.70 -44.46
CA LEU B 48 -11.22 -5.74 -43.98
C LEU B 48 -10.08 -5.58 -44.97
N GLN B 49 -9.62 -6.68 -45.56
CA GLN B 49 -8.52 -6.60 -46.51
C GLN B 49 -8.89 -5.78 -47.73
N GLY B 50 -10.09 -6.01 -48.27
CA GLY B 50 -10.53 -5.25 -49.44
C GLY B 50 -10.67 -3.77 -49.13
N LYS B 51 -11.21 -3.44 -47.96
CA LYS B 51 -11.37 -2.03 -47.61
C LYS B 51 -10.02 -1.37 -47.38
N ILE B 52 -9.07 -2.08 -46.78
CA ILE B 52 -7.72 -1.55 -46.62
C ILE B 52 -7.09 -1.29 -47.98
N ALA B 53 -7.27 -2.24 -48.91
CA ALA B 53 -6.71 -2.06 -50.25
C ALA B 53 -7.32 -0.86 -50.95
N ASP B 54 -8.64 -0.70 -50.84
CA ASP B 54 -9.30 0.44 -51.46
C ASP B 54 -8.83 1.76 -50.87
N ALA B 55 -8.73 1.82 -49.54
CA ALA B 55 -8.28 3.06 -48.90
C ALA B 55 -6.85 3.38 -49.27
N VAL B 56 -5.99 2.37 -49.36
CA VAL B 56 -4.60 2.59 -49.76
C VAL B 56 -4.53 3.08 -51.20
N LYS B 57 -5.32 2.47 -52.10
CA LYS B 57 -5.31 2.91 -53.49
C LYS B 57 -5.85 4.32 -53.63
N ALA B 58 -6.76 4.73 -52.75
CA ALA B 58 -7.30 6.08 -52.81
C ALA B 58 -6.23 7.13 -52.50
N LYS B 59 -5.15 6.76 -51.85
CA LYS B 59 -4.07 7.68 -51.51
C LYS B 59 -2.99 7.75 -52.56
N GLY B 60 -3.13 7.04 -53.68
CA GLY B 60 -2.13 7.01 -54.72
C GLY B 60 -1.16 5.85 -54.64
N TYR B 61 -1.17 5.09 -53.56
CA TYR B 61 -0.31 3.93 -53.46
C TYR B 61 -0.79 2.82 -54.38
N GLN B 62 0.13 1.94 -54.74
CA GLN B 62 -0.16 0.81 -55.64
C GLN B 62 0.03 -0.48 -54.87
N VAL B 63 -0.99 -1.33 -54.89
CA VAL B 63 -0.98 -2.58 -54.14
C VAL B 63 -0.46 -3.70 -55.04
N VAL B 64 0.55 -4.42 -54.56
CA VAL B 64 1.15 -5.52 -55.30
C VAL B 64 0.93 -6.81 -54.51
N THR B 65 1.14 -7.93 -55.19
CA THR B 65 0.89 -9.24 -54.61
C THR B 65 2.14 -9.93 -54.08
N SER B 66 3.28 -9.76 -54.75
CA SER B 66 4.52 -10.41 -54.31
C SER B 66 5.23 -9.51 -53.32
N PRO B 67 5.51 -9.97 -52.10
CA PRO B 67 6.15 -9.11 -51.10
C PRO B 67 7.57 -8.71 -51.45
N ASP B 68 8.21 -9.40 -52.39
CA ASP B 68 9.61 -9.11 -52.70
C ASP B 68 9.77 -7.72 -53.29
N LYS B 69 8.85 -7.30 -54.16
CA LYS B 69 8.97 -6.03 -54.86
C LYS B 69 8.09 -4.94 -54.25
N ALA B 70 7.69 -5.08 -53.00
CA ALA B 70 6.89 -4.08 -52.32
C ALA B 70 7.76 -3.27 -51.39
N TYR B 71 7.66 -1.93 -51.49
CA TYR B 71 8.43 -1.08 -50.59
C TYR B 71 7.84 -1.10 -49.18
N TYR B 72 6.52 -1.08 -49.07
CA TYR B 72 5.85 -1.09 -47.78
C TYR B 72 5.12 -2.41 -47.58
N TRP B 73 5.06 -2.85 -46.32
CA TRP B 73 4.22 -3.97 -45.92
C TRP B 73 3.23 -3.49 -44.88
N ILE B 74 1.98 -3.93 -45.01
CA ILE B 74 0.97 -3.70 -44.00
C ILE B 74 0.51 -5.07 -43.53
N GLN B 75 1.00 -5.47 -42.37
CA GLN B 75 0.62 -6.74 -41.74
C GLN B 75 -0.32 -6.43 -40.59
N ALA B 76 -1.52 -7.00 -40.64
CA ALA B 76 -2.52 -6.75 -39.62
C ALA B 76 -3.10 -8.06 -39.15
N ASN B 77 -3.42 -8.14 -37.86
CA ASN B 77 -4.03 -9.32 -37.28
C ASN B 77 -5.13 -8.87 -36.33
N VAL B 78 -6.38 -9.21 -36.65
CA VAL B 78 -7.49 -8.94 -35.76
C VAL B 78 -7.39 -9.97 -34.65
N LEU B 79 -6.78 -9.59 -33.53
CA LEU B 79 -6.35 -10.56 -32.54
C LEU B 79 -7.50 -11.00 -31.64
N LYS B 80 -8.16 -10.04 -30.98
CA LYS B 80 -9.11 -10.38 -29.94
C LYS B 80 -10.44 -9.71 -30.18
N ALA B 81 -11.50 -10.34 -29.70
CA ALA B 81 -12.84 -9.77 -29.76
C ALA B 81 -13.62 -10.25 -28.54
N ASP B 82 -14.29 -9.31 -27.89
CA ASP B 82 -15.03 -9.60 -26.66
C ASP B 82 -16.35 -8.85 -26.71
N LYS B 83 -17.36 -9.40 -26.04
CA LYS B 83 -18.67 -8.76 -25.94
C LYS B 83 -19.05 -8.67 -24.48
N MET B 84 -19.48 -7.49 -24.04
CA MET B 84 -19.83 -7.29 -22.65
C MET B 84 -21.09 -6.45 -22.54
N ASP B 85 -21.71 -6.49 -21.37
CA ASP B 85 -22.88 -5.68 -21.05
C ASP B 85 -22.47 -4.59 -20.09
N LEU B 86 -22.67 -3.34 -20.48
CA LEU B 86 -22.29 -2.23 -19.62
C LEU B 86 -23.18 -2.15 -18.39
N ARG B 87 -24.44 -2.55 -18.51
CA ARG B 87 -25.34 -2.54 -17.36
C ARG B 87 -24.86 -3.43 -16.23
N GLU B 88 -24.04 -4.45 -16.55
CA GLU B 88 -23.47 -5.31 -15.52
C GLU B 88 -22.49 -4.57 -14.62
N SER B 89 -22.04 -3.38 -15.00
CA SER B 89 -21.12 -2.64 -14.17
C SER B 89 -21.75 -2.29 -12.82
N GLN B 90 -23.04 -1.96 -12.82
CA GLN B 90 -23.75 -1.70 -11.57
C GLN B 90 -24.02 -2.95 -10.77
N GLY B 91 -24.03 -4.12 -11.42
CA GLY B 91 -24.29 -5.36 -10.73
C GLY B 91 -25.74 -5.50 -10.35
N TRP B 92 -26.19 -4.67 -9.42
CA TRP B 92 -27.58 -4.65 -8.98
C TRP B 92 -28.41 -3.79 -9.92
N LEU B 93 -29.74 -3.88 -9.76
CA LEU B 93 -30.72 -3.18 -10.59
C LEU B 93 -30.64 -3.58 -12.06
N ASN B 94 -29.89 -4.64 -12.38
CA ASN B 94 -29.74 -5.12 -13.74
C ASN B 94 -30.41 -6.46 -13.98
N ARG B 95 -30.47 -7.32 -12.96
CA ARG B 95 -31.09 -8.62 -13.14
C ARG B 95 -32.55 -8.51 -13.52
N GLY B 96 -33.25 -7.49 -13.04
CA GLY B 96 -34.65 -7.32 -13.37
C GLY B 96 -35.52 -7.00 -12.18
N TYR B 97 -34.90 -6.68 -11.04
CA TYR B 97 -35.65 -6.37 -9.84
C TYR B 97 -36.52 -5.14 -10.02
N GLU B 98 -35.99 -4.11 -10.67
CA GLU B 98 -36.75 -2.88 -10.85
C GLU B 98 -37.95 -3.09 -11.76
N GLY B 99 -37.76 -3.81 -12.87
CA GLY B 99 -38.88 -4.12 -13.74
C GLY B 99 -39.93 -4.95 -13.03
N ALA B 100 -39.49 -5.91 -12.21
CA ALA B 100 -40.41 -6.71 -11.42
C ALA B 100 -41.20 -5.84 -10.46
N ALA B 101 -40.54 -4.88 -9.85
CA ALA B 101 -41.19 -3.96 -8.92
C ALA B 101 -42.25 -3.13 -9.62
N VAL B 102 -41.92 -2.62 -10.80
CA VAL B 102 -42.88 -1.82 -11.57
C VAL B 102 -44.08 -2.69 -11.96
N GLY B 103 -43.82 -3.90 -12.42
CA GLY B 103 -44.89 -4.80 -12.79
C GLY B 103 -45.78 -5.15 -11.62
N ALA B 104 -45.19 -5.35 -10.44
CA ALA B 104 -45.98 -5.63 -9.24
C ALA B 104 -46.83 -4.43 -8.85
N ALA B 105 -46.25 -3.23 -8.91
CA ALA B 105 -46.97 -2.01 -8.59
C ALA B 105 -48.11 -1.77 -9.58
N LEU B 106 -47.98 -2.34 -10.78
CA LEU B 106 -49.06 -2.25 -11.76
C LEU B 106 -50.34 -2.92 -11.24
N GLY B 107 -50.24 -3.83 -10.26
CA GLY B 107 -51.43 -4.46 -9.72
C GLY B 107 -52.42 -3.48 -9.11
N ALA B 108 -51.91 -2.35 -8.61
CA ALA B 108 -52.81 -1.29 -8.16
C ALA B 108 -53.65 -0.76 -9.31
N GLY B 109 -53.19 -0.94 -10.55
CA GLY B 109 -53.98 -0.57 -11.70
C GLY B 109 -55.17 -1.48 -11.91
N ILE B 110 -55.14 -2.67 -11.32
CA ILE B 110 -56.29 -3.57 -11.39
C ILE B 110 -57.09 -3.59 -10.09
N THR B 111 -56.51 -3.14 -8.98
CA THR B 111 -57.30 -3.01 -7.75
C THR B 111 -58.29 -1.86 -7.85
N GLY B 112 -57.96 -0.80 -8.57
CA GLY B 112 -58.84 0.32 -8.72
C GLY B 112 -59.82 0.26 -9.88
N TYR B 113 -59.77 -0.80 -10.68
CA TYR B 113 -60.62 -0.93 -11.86
C TYR B 113 -61.22 -2.33 -11.92
N ASN B 114 -62.45 -2.41 -12.41
CA ASN B 114 -63.15 -3.68 -12.62
C ASN B 114 -63.19 -4.46 -11.30
N SER B 115 -63.14 -5.78 -11.38
CA SER B 115 -63.12 -6.60 -10.17
C SER B 115 -61.83 -6.37 -9.39
N ASN B 116 -61.94 -6.40 -8.06
CA ASN B 116 -60.81 -6.15 -7.19
C ASN B 116 -60.95 -6.98 -5.93
N SER B 117 -59.82 -7.21 -5.27
CA SER B 117 -59.72 -8.04 -4.06
C SER B 117 -60.42 -9.38 -4.26
N ALA B 118 -60.43 -9.89 -5.48
CA ALA B 118 -61.11 -11.13 -5.82
C ALA B 118 -60.14 -12.30 -6.00
N GLY B 119 -58.90 -12.14 -5.56
CA GLY B 119 -57.89 -13.16 -5.76
C GLY B 119 -57.23 -13.03 -7.10
N ALA B 120 -58.01 -12.76 -8.15
CA ALA B 120 -57.46 -12.55 -9.48
C ALA B 120 -56.55 -11.33 -9.52
N THR B 121 -56.73 -10.38 -8.60
CA THR B 121 -55.84 -9.23 -8.54
C THR B 121 -54.40 -9.65 -8.26
N LEU B 122 -54.21 -10.57 -7.32
CA LEU B 122 -52.87 -11.05 -7.00
C LEU B 122 -52.25 -11.76 -8.19
N GLY B 123 -53.03 -12.60 -8.88
CA GLY B 123 -52.50 -13.28 -10.05
C GLY B 123 -52.11 -12.34 -11.16
N VAL B 124 -52.96 -11.34 -11.44
CA VAL B 124 -52.65 -10.37 -12.48
C VAL B 124 -51.40 -9.57 -12.08
N GLY B 125 -51.30 -9.18 -10.82
CA GLY B 125 -50.12 -8.46 -10.37
C GLY B 125 -48.85 -9.27 -10.48
N LEU B 126 -48.92 -10.55 -10.13
CA LEU B 126 -47.75 -11.42 -10.26
C LEU B 126 -47.35 -11.59 -11.72
N ALA B 127 -48.34 -11.80 -12.61
CA ALA B 127 -48.02 -11.92 -14.03
C ALA B 127 -47.40 -10.64 -14.58
N ALA B 128 -47.93 -9.49 -14.17
CA ALA B 128 -47.38 -8.22 -14.62
C ALA B 128 -45.96 -8.02 -14.11
N GLY B 129 -45.71 -8.38 -12.85
CA GLY B 129 -44.36 -8.28 -12.32
C GLY B 129 -43.39 -9.18 -13.05
N LEU B 130 -43.80 -10.41 -13.34
CA LEU B 130 -42.95 -11.34 -14.08
C LEU B 130 -42.66 -10.81 -15.47
N VAL B 131 -43.68 -10.28 -16.16
CA VAL B 131 -43.47 -9.74 -17.50
C VAL B 131 -42.55 -8.54 -17.46
N GLY B 132 -42.71 -7.67 -16.46
CA GLY B 132 -41.82 -6.53 -16.33
C GLY B 132 -40.39 -6.93 -16.07
N MET B 133 -40.18 -7.93 -15.21
CA MET B 133 -38.83 -8.42 -14.95
C MET B 133 -38.23 -9.02 -16.21
N ALA B 134 -39.01 -9.78 -16.97
CA ALA B 134 -38.51 -10.35 -18.21
C ALA B 134 -38.13 -9.28 -19.21
N ALA B 135 -38.97 -8.25 -19.35
CA ALA B 135 -38.67 -7.16 -20.27
C ALA B 135 -37.43 -6.39 -19.84
N ASP B 136 -37.28 -6.15 -18.54
CA ASP B 136 -36.10 -5.44 -18.05
C ASP B 136 -34.85 -6.26 -18.25
N ALA B 137 -34.94 -7.59 -18.12
CA ALA B 137 -33.77 -8.44 -18.28
C ALA B 137 -33.37 -8.58 -19.74
N MET B 138 -34.32 -8.45 -20.66
CA MET B 138 -34.04 -8.65 -22.08
C MET B 138 -33.47 -7.41 -22.75
N VAL B 139 -33.31 -6.31 -22.03
CA VAL B 139 -32.70 -5.10 -22.58
C VAL B 139 -31.24 -5.09 -22.15
N GLU B 140 -30.35 -5.14 -23.14
CA GLU B 140 -28.91 -5.26 -22.90
C GLU B 140 -28.19 -4.09 -23.55
N ASP B 141 -27.25 -3.49 -22.81
CA ASP B 141 -26.41 -2.43 -23.33
C ASP B 141 -25.09 -3.06 -23.76
N VAL B 142 -25.08 -3.58 -24.99
CA VAL B 142 -23.98 -4.41 -25.45
C VAL B 142 -22.87 -3.54 -26.02
N ASN B 143 -21.64 -3.95 -25.73
CA ASN B 143 -20.43 -3.30 -26.19
C ASN B 143 -19.47 -4.36 -26.70
N TYR B 144 -19.07 -4.24 -27.96
CA TYR B 144 -18.10 -5.13 -28.58
C TYR B 144 -16.75 -4.44 -28.61
N THR B 145 -15.73 -5.11 -28.08
CA THR B 145 -14.37 -4.61 -28.06
C THR B 145 -13.50 -5.49 -28.95
N MET B 146 -12.73 -4.85 -29.83
CA MET B 146 -11.87 -5.55 -30.77
C MET B 146 -10.45 -5.03 -30.64
N ILE B 147 -9.48 -5.94 -30.57
CA ILE B 147 -8.07 -5.60 -30.45
C ILE B 147 -7.38 -6.11 -31.70
N THR B 148 -6.72 -5.21 -32.42
CA THR B 148 -6.02 -5.51 -33.66
C THR B 148 -4.55 -5.11 -33.53
N ASP B 149 -3.67 -5.96 -34.04
CA ASP B 149 -2.23 -5.69 -34.04
C ASP B 149 -1.79 -5.39 -35.45
N VAL B 150 -1.04 -4.29 -35.61
CA VAL B 150 -0.57 -3.84 -36.91
C VAL B 150 0.95 -3.84 -36.91
N GLN B 151 1.54 -4.31 -38.00
CA GLN B 151 2.98 -4.33 -38.16
C GLN B 151 3.31 -3.78 -39.54
N ILE B 152 4.00 -2.64 -39.58
CA ILE B 152 4.34 -1.95 -40.80
C ILE B 152 5.82 -2.17 -41.08
N ALA B 153 6.13 -2.61 -42.28
CA ALA B 153 7.51 -2.83 -42.71
C ALA B 153 7.88 -1.84 -43.79
N GLU B 154 9.02 -1.19 -43.64
CA GLU B 154 9.51 -0.19 -44.56
C GLU B 154 10.92 -0.57 -45.00
N ARG B 155 11.15 -0.58 -46.31
CA ARG B 155 12.45 -0.95 -46.84
C ARG B 155 13.42 0.22 -46.70
N THR B 156 14.65 -0.07 -46.29
CA THR B 156 15.67 0.96 -46.06
C THR B 156 16.95 0.56 -46.78
N LYS B 157 17.99 1.36 -46.56
CA LYS B 157 19.31 1.11 -47.14
C LYS B 157 20.33 0.64 -46.13
N ALA B 158 20.11 0.88 -44.84
CA ALA B 158 21.02 0.43 -43.81
C ALA B 158 20.75 -1.04 -43.48
N THR B 159 21.82 -1.77 -43.21
CA THR B 159 21.67 -3.18 -42.85
C THR B 159 21.01 -3.30 -41.49
N VAL B 160 19.96 -4.12 -41.41
CA VAL B 160 19.19 -4.31 -40.20
C VAL B 160 19.42 -5.73 -39.72
N THR B 161 19.88 -5.87 -38.48
CA THR B 161 20.10 -7.18 -37.89
C THR B 161 18.93 -7.52 -36.99
N THR B 162 18.25 -8.61 -37.29
CA THR B 162 17.14 -9.11 -36.48
C THR B 162 17.64 -10.22 -35.59
N ASP B 163 17.48 -10.05 -34.28
CA ASP B 163 17.92 -11.02 -33.28
C ASP B 163 16.67 -11.67 -32.70
N ASN B 164 16.33 -12.84 -33.21
CA ASN B 164 15.19 -13.59 -32.69
C ASN B 164 15.58 -14.17 -31.33
N VAL B 165 14.80 -13.83 -30.30
CA VAL B 165 14.99 -14.33 -28.95
C VAL B 165 13.63 -14.80 -28.44
N ALA B 166 13.54 -16.09 -28.10
CA ALA B 166 12.31 -16.68 -27.61
C ALA B 166 12.61 -17.50 -26.37
N ALA B 167 11.72 -17.44 -25.39
CA ALA B 167 11.83 -18.20 -24.15
C ALA B 167 10.59 -19.07 -24.02
N LEU B 168 10.62 -20.25 -24.64
CA LEU B 168 9.49 -21.16 -24.62
C LEU B 168 9.38 -21.80 -23.25
N ARG B 169 8.32 -21.48 -22.53
CA ARG B 169 8.13 -22.00 -21.18
C ARG B 169 8.03 -23.53 -21.21
N GLN B 170 8.65 -24.17 -20.22
CA GLN B 170 8.68 -25.63 -20.11
C GLN B 170 8.33 -25.98 -18.67
N GLY B 171 7.03 -26.24 -18.45
CA GLY B 171 6.51 -26.84 -17.25
C GLY B 171 7.02 -26.30 -15.93
N THR B 172 6.64 -25.07 -15.57
CA THR B 172 6.98 -24.50 -14.27
C THR B 172 8.50 -24.42 -14.10
N SER B 173 9.15 -25.59 -14.14
CA SER B 173 10.59 -25.72 -13.94
C SER B 173 11.41 -24.71 -14.73
N GLY B 174 11.35 -24.75 -16.06
CA GLY B 174 12.31 -24.02 -16.88
C GLY B 174 11.78 -23.50 -18.17
N ALA B 175 12.68 -23.32 -19.13
CA ALA B 175 12.32 -22.84 -20.45
C ALA B 175 13.41 -23.23 -21.43
N LYS B 176 13.05 -23.25 -22.71
CA LYS B 176 14.00 -23.43 -23.80
C LYS B 176 14.20 -22.07 -24.46
N ILE B 177 15.45 -21.61 -24.49
CA ILE B 177 15.77 -20.31 -25.04
C ILE B 177 16.32 -20.49 -26.44
N GLN B 178 15.63 -19.93 -27.42
CA GLN B 178 16.05 -19.99 -28.82
C GLN B 178 16.53 -18.62 -29.25
N THR B 179 17.70 -18.57 -29.87
CA THR B 179 18.28 -17.33 -30.35
C THR B 179 18.80 -17.53 -31.76
N SER B 180 18.60 -16.53 -32.61
CA SER B 180 19.11 -16.56 -33.96
C SER B 180 19.33 -15.13 -34.45
N THR B 181 20.13 -14.99 -35.50
CA THR B 181 20.48 -13.69 -36.04
C THR B 181 20.37 -13.71 -37.56
N GLU B 182 19.65 -12.74 -38.11
CA GLU B 182 19.54 -12.58 -39.55
C GLU B 182 19.85 -11.14 -39.92
N THR B 183 20.21 -10.94 -41.19
CA THR B 183 20.52 -9.61 -41.71
C THR B 183 19.66 -9.34 -42.93
N GLY B 184 19.02 -8.17 -42.95
CA GLY B 184 18.17 -7.80 -44.07
C GLY B 184 17.94 -6.31 -44.10
N ASN B 185 17.49 -5.84 -45.26
CA ASN B 185 17.25 -4.41 -45.47
C ASN B 185 15.77 -4.12 -45.33
N GLN B 186 15.28 -4.12 -44.09
CA GLN B 186 13.88 -3.85 -43.83
C GLN B 186 13.69 -3.53 -42.35
N HIS B 187 13.01 -2.43 -42.07
CA HIS B 187 12.63 -2.06 -40.72
C HIS B 187 11.19 -2.46 -40.48
N LYS B 188 10.88 -2.86 -39.25
CA LYS B 188 9.52 -3.24 -38.89
C LYS B 188 9.13 -2.53 -37.61
N TYR B 189 7.91 -1.98 -37.60
CA TYR B 189 7.36 -1.31 -36.43
C TYR B 189 5.99 -1.88 -36.14
N GLN B 190 5.56 -1.78 -34.89
CA GLN B 190 4.28 -2.34 -34.48
C GLN B 190 3.39 -1.24 -33.92
N THR B 191 2.12 -1.59 -33.75
CA THR B 191 1.14 -0.72 -33.10
C THR B 191 -0.11 -1.54 -32.85
N ARG B 192 -1.01 -0.96 -32.06
CA ARG B 192 -2.24 -1.64 -31.67
C ARG B 192 -3.42 -0.70 -31.87
N VAL B 193 -4.53 -1.24 -32.37
CA VAL B 193 -5.75 -0.49 -32.59
C VAL B 193 -6.87 -1.14 -31.79
N VAL B 194 -7.62 -0.32 -31.07
CA VAL B 194 -8.72 -0.78 -30.24
C VAL B 194 -10.02 -0.20 -30.79
N SER B 195 -10.99 -1.05 -31.05
CA SER B 195 -12.27 -0.65 -31.60
C SER B 195 -13.38 -1.01 -30.62
N ASN B 196 -14.38 -0.14 -30.54
CA ASN B 196 -15.54 -0.35 -29.67
C ASN B 196 -16.80 -0.06 -30.46
N ALA B 197 -17.79 -0.94 -30.32
CA ALA B 197 -19.10 -0.76 -30.94
C ALA B 197 -20.16 -0.94 -29.86
N ASN B 198 -20.91 0.12 -29.58
CA ASN B 198 -21.85 0.14 -28.46
C ASN B 198 -23.24 0.41 -28.98
N LYS B 199 -24.22 -0.35 -28.46
CA LYS B 199 -25.62 -0.12 -28.77
C LYS B 199 -26.46 -0.99 -27.85
N VAL B 200 -27.77 -0.76 -27.86
CA VAL B 200 -28.70 -1.57 -27.09
C VAL B 200 -29.15 -2.75 -27.92
N ASN B 201 -28.98 -3.96 -27.38
CA ASN B 201 -29.35 -5.20 -28.07
C ASN B 201 -28.71 -5.27 -29.45
N LEU B 202 -27.43 -4.88 -29.52
CA LEU B 202 -26.71 -4.84 -30.78
C LEU B 202 -26.31 -6.23 -31.22
N LYS B 203 -26.45 -6.50 -32.52
CA LYS B 203 -25.95 -7.71 -33.14
C LYS B 203 -24.73 -7.37 -33.98
N PHE B 204 -23.69 -8.19 -33.87
CA PHE B 204 -22.42 -7.87 -34.50
C PHE B 204 -22.54 -7.73 -36.02
N GLU B 205 -23.53 -8.37 -36.64
CA GLU B 205 -23.67 -8.26 -38.08
C GLU B 205 -23.97 -6.82 -38.51
N GLU B 206 -24.63 -6.05 -37.64
CA GLU B 206 -24.91 -4.66 -37.96
C GLU B 206 -23.67 -3.78 -37.76
N ALA B 207 -22.88 -4.06 -36.73
CA ALA B 207 -21.71 -3.25 -36.43
C ALA B 207 -20.50 -3.62 -37.27
N LYS B 208 -20.52 -4.75 -37.97
CA LYS B 208 -19.36 -5.19 -38.73
C LYS B 208 -18.93 -4.21 -39.82
N PRO B 209 -19.82 -3.71 -40.70
CA PRO B 209 -19.31 -2.90 -41.83
C PRO B 209 -18.66 -1.60 -41.39
N VAL B 210 -19.26 -0.86 -40.46
CA VAL B 210 -18.66 0.40 -40.04
C VAL B 210 -17.38 0.15 -39.24
N LEU B 211 -17.33 -0.95 -38.49
CA LEU B 211 -16.11 -1.32 -37.80
C LEU B 211 -14.97 -1.55 -38.80
N GLU B 212 -15.25 -2.32 -39.85
CA GLU B 212 -14.25 -2.53 -40.89
C GLU B 212 -13.86 -1.23 -41.56
N ASP B 213 -14.83 -0.36 -41.84
CA ASP B 213 -14.53 0.91 -42.50
C ASP B 213 -13.57 1.73 -41.67
N GLN B 214 -13.88 1.91 -40.38
CA GLN B 214 -13.03 2.74 -39.54
C GLN B 214 -11.64 2.12 -39.37
N LEU B 215 -11.57 0.80 -39.14
CA LEU B 215 -10.28 0.16 -38.97
C LEU B 215 -9.43 0.28 -40.22
N ALA B 216 -10.02 0.05 -41.39
CA ALA B 216 -9.29 0.17 -42.64
C ALA B 216 -8.81 1.60 -42.86
N LYS B 217 -9.67 2.58 -42.59
CA LYS B 217 -9.28 3.97 -42.78
C LYS B 217 -8.11 4.34 -41.88
N SER B 218 -8.13 3.90 -40.62
CA SER B 218 -7.04 4.21 -39.72
C SER B 218 -5.74 3.56 -40.16
N ILE B 219 -5.79 2.27 -40.51
CA ILE B 219 -4.58 1.56 -40.91
C ILE B 219 -4.01 2.16 -42.18
N ALA B 220 -4.86 2.53 -43.14
CA ALA B 220 -4.38 3.16 -44.35
C ALA B 220 -3.80 4.54 -44.07
N ASN B 221 -4.44 5.30 -43.18
CA ASN B 221 -3.94 6.63 -42.85
C ASN B 221 -2.61 6.59 -42.13
N ILE B 222 -2.24 5.43 -41.57
CA ILE B 222 -0.87 5.30 -41.08
C ILE B 222 0.13 5.66 -42.18
N LEU B 223 -0.16 5.27 -43.43
CA LEU B 223 0.74 5.55 -44.54
C LEU B 223 0.75 7.02 -44.94
N GLY B 224 -0.31 7.77 -44.67
CA GLY B 224 -0.33 9.18 -44.97
C GLY B 224 -0.90 9.53 -46.33
N SER B 225 -0.01 9.82 -47.28
CA SER B 225 -0.44 10.18 -48.63
C SER B 225 0.69 10.03 -49.63
N CYS C 1 -33.67 18.69 -13.06
CA CYS C 1 -32.97 19.89 -12.62
C CYS C 1 -31.48 19.77 -12.90
N GLY C 2 -30.93 18.57 -12.71
CA GLY C 2 -29.53 18.36 -13.03
C GLY C 2 -29.22 18.60 -14.49
N ALA C 3 -30.12 18.13 -15.38
CA ALA C 3 -29.95 18.41 -16.80
C ALA C 3 -30.03 19.91 -17.07
N MET C 4 -30.95 20.61 -16.40
CA MET C 4 -31.04 22.05 -16.56
C MET C 4 -29.76 22.74 -16.09
N SER C 5 -29.20 22.27 -14.97
CA SER C 5 -27.94 22.84 -14.48
C SER C 5 -26.82 22.62 -15.47
N THR C 6 -26.74 21.41 -16.05
CA THR C 6 -25.70 21.14 -17.04
C THR C 6 -25.88 22.02 -18.28
N ALA C 7 -27.12 22.17 -18.74
CA ALA C 7 -27.37 22.98 -19.93
C ALA C 7 -27.04 24.45 -19.68
N ILE C 8 -27.35 24.95 -18.49
CA ILE C 8 -27.03 26.35 -18.18
C ILE C 8 -25.53 26.53 -18.04
N LYS C 9 -24.85 25.62 -17.34
CA LYS C 9 -23.43 25.77 -17.09
C LYS C 9 -22.63 25.77 -18.39
N LYS C 10 -22.65 24.65 -19.09
CA LYS C 10 -21.85 24.49 -20.31
C LYS C 10 -22.71 24.72 -21.55
N ARG C 11 -23.21 25.95 -21.66
CA ARG C 11 -24.02 26.35 -22.80
C ARG C 11 -23.18 26.88 -23.96
N ASN C 12 -21.89 27.09 -23.76
CA ASN C 12 -21.00 27.61 -24.77
C ASN C 12 -19.87 26.62 -25.03
N LEU C 13 -19.45 26.54 -26.28
CA LEU C 13 -18.37 25.64 -26.66
C LEU C 13 -17.07 26.08 -26.00
N GLU C 14 -16.48 25.21 -25.19
CA GLU C 14 -15.23 25.50 -24.49
C GLU C 14 -14.13 24.61 -25.06
N VAL C 15 -13.06 25.23 -25.54
CA VAL C 15 -11.98 24.51 -26.21
C VAL C 15 -10.66 24.82 -25.52
N LYS C 16 -9.93 23.78 -25.15
CA LYS C 16 -8.65 23.90 -24.49
C LYS C 16 -7.61 23.12 -25.28
N THR C 17 -6.42 23.70 -25.41
CA THR C 17 -5.31 23.07 -26.13
C THR C 17 -4.05 23.21 -25.30
N GLN C 18 -3.48 22.09 -24.87
CA GLN C 18 -2.33 22.10 -23.97
C GLN C 18 -1.21 21.28 -24.55
N MET C 19 -0.03 21.90 -24.67
CA MET C 19 1.17 21.20 -25.08
C MET C 19 1.76 20.47 -23.88
N SER C 20 2.45 19.36 -24.15
CA SER C 20 3.00 18.56 -23.07
C SER C 20 4.28 19.17 -22.52
N GLU C 21 5.29 19.33 -23.37
CA GLU C 21 6.58 19.87 -22.95
C GLU C 21 7.09 20.81 -24.03
N THR C 22 8.09 21.61 -23.66
CA THR C 22 8.65 22.63 -24.54
C THR C 22 9.80 22.07 -25.36
N ILE C 23 9.82 22.41 -26.63
CA ILE C 23 10.92 22.08 -27.52
C ILE C 23 11.72 23.35 -27.77
N TRP C 24 12.98 23.36 -27.35
CA TRP C 24 13.83 24.53 -27.46
C TRP C 24 14.60 24.50 -28.78
N LEU C 25 14.47 25.56 -29.56
CA LEU C 25 15.16 25.69 -30.83
C LEU C 25 16.11 26.87 -30.76
N GLU C 26 17.36 26.66 -31.16
CA GLU C 26 18.33 27.75 -31.18
C GLU C 26 17.94 28.77 -32.24
N PRO C 27 18.22 30.05 -31.98
CA PRO C 27 17.92 31.08 -32.99
C PRO C 27 18.68 30.82 -34.28
N ALA C 28 18.01 31.05 -35.41
CA ALA C 28 18.61 30.81 -36.70
C ALA C 28 17.96 31.73 -37.72
N SER C 29 18.68 31.95 -38.83
CA SER C 29 18.20 32.80 -39.91
C SER C 29 17.52 32.03 -41.03
N GLU C 30 17.39 30.71 -40.89
CA GLU C 30 16.77 29.90 -41.92
C GLU C 30 15.26 29.96 -41.81
N ARG C 31 14.58 29.88 -42.96
CA ARG C 31 13.14 30.07 -43.02
C ARG C 31 12.37 28.89 -43.59
N THR C 32 13.02 27.96 -44.27
CA THR C 32 12.31 26.91 -45.00
C THR C 32 11.72 25.88 -44.05
N VAL C 33 10.45 25.53 -44.28
CA VAL C 33 9.72 24.56 -43.47
C VAL C 33 9.04 23.57 -44.39
N PHE C 34 9.01 22.31 -43.99
CA PHE C 34 8.30 21.25 -44.70
C PHE C 34 7.30 20.60 -43.77
N LEU C 35 6.04 20.52 -44.18
CA LEU C 35 4.96 20.02 -43.34
C LEU C 35 4.59 18.60 -43.75
N GLN C 36 4.23 17.78 -42.77
CA GLN C 36 3.71 16.44 -43.02
C GLN C 36 2.70 16.12 -41.91
N ILE C 37 1.42 16.17 -42.26
CA ILE C 37 0.33 16.01 -41.30
C ILE C 37 -0.45 14.76 -41.66
N LYS C 38 -0.66 13.89 -40.67
CA LYS C 38 -1.42 12.67 -40.85
C LYS C 38 -2.50 12.59 -39.78
N ASN C 39 -3.54 11.81 -40.05
CA ASN C 39 -4.68 11.68 -39.15
C ASN C 39 -5.08 10.22 -39.10
N THR C 40 -4.80 9.55 -37.98
CA THR C 40 -5.17 8.16 -37.78
C THR C 40 -6.30 8.02 -36.77
N SER C 41 -7.12 9.05 -36.62
CA SER C 41 -8.25 9.01 -35.72
C SER C 41 -9.55 8.93 -36.51
N ASP C 42 -10.62 8.55 -35.82
CA ASP C 42 -11.92 8.43 -36.47
C ASP C 42 -12.49 9.78 -36.83
N LYS C 43 -12.15 10.83 -36.08
CA LYS C 43 -12.62 12.16 -36.40
C LYS C 43 -11.91 12.70 -37.64
N ASP C 44 -12.54 13.69 -38.26
CA ASP C 44 -12.03 14.28 -39.49
C ASP C 44 -11.45 15.66 -39.18
N MET C 45 -10.16 15.82 -39.46
CA MET C 45 -9.48 17.12 -39.38
C MET C 45 -8.73 17.28 -40.69
N SER C 46 -9.42 17.79 -41.71
CA SER C 46 -8.84 17.90 -43.03
C SER C 46 -8.16 19.24 -43.28
N GLY C 47 -8.62 20.30 -42.62
CA GLY C 47 -8.05 21.62 -42.79
C GLY C 47 -6.87 21.93 -41.90
N LEU C 48 -6.40 20.96 -41.11
CA LEU C 48 -5.32 21.23 -40.17
C LEU C 48 -4.03 21.59 -40.89
N GLN C 49 -3.72 20.88 -41.98
CA GLN C 49 -2.49 21.16 -42.72
C GLN C 49 -2.51 22.58 -43.29
N GLY C 50 -3.62 22.98 -43.89
CA GLY C 50 -3.72 24.31 -44.46
C GLY C 50 -3.60 25.39 -43.40
N LYS C 51 -4.24 25.19 -42.25
CA LYS C 51 -4.17 26.18 -41.18
C LYS C 51 -2.76 26.26 -40.61
N ILE C 52 -2.07 25.12 -40.47
CA ILE C 52 -0.68 25.15 -40.03
C ILE C 52 0.18 25.91 -41.03
N ALA C 53 -0.03 25.66 -42.32
CA ALA C 53 0.75 26.37 -43.34
C ALA C 53 0.49 27.87 -43.28
N ASP C 54 -0.77 28.27 -43.11
CA ASP C 54 -1.07 29.70 -43.04
C ASP C 54 -0.45 30.33 -41.81
N ALA C 55 -0.53 29.67 -40.66
CA ALA C 55 0.06 30.22 -39.44
C ALA C 55 1.57 30.32 -39.55
N VAL C 56 2.20 29.33 -40.17
CA VAL C 56 3.66 29.37 -40.36
C VAL C 56 4.04 30.50 -41.29
N LYS C 57 3.29 30.67 -42.39
CA LYS C 57 3.58 31.76 -43.32
C LYS C 57 3.38 33.12 -42.68
N ALA C 58 2.44 33.22 -41.73
CA ALA C 58 2.21 34.49 -41.04
C ALA C 58 3.40 34.91 -40.21
N LYS C 59 4.29 33.98 -39.85
CA LYS C 59 5.46 34.28 -39.04
C LYS C 59 6.68 34.61 -39.86
N GLY C 60 6.57 34.65 -41.19
CA GLY C 60 7.68 34.93 -42.06
C GLY C 60 8.38 33.71 -42.61
N TYR C 61 8.04 32.51 -42.11
CA TYR C 61 8.64 31.31 -42.65
C TYR C 61 8.08 31.00 -44.03
N GLN C 62 8.85 30.24 -44.81
CA GLN C 62 8.49 29.87 -46.16
C GLN C 62 8.29 28.37 -46.23
N VAL C 63 7.13 27.94 -46.72
CA VAL C 63 6.78 26.53 -46.77
C VAL C 63 7.18 25.96 -48.12
N VAL C 64 7.95 24.88 -48.10
CA VAL C 64 8.42 24.22 -49.31
C VAL C 64 7.83 22.81 -49.36
N THR C 65 7.91 22.21 -50.55
CA THR C 65 7.32 20.90 -50.78
C THR C 65 8.31 19.75 -50.69
N SER C 66 9.54 19.93 -51.14
CA SER C 66 10.53 18.86 -51.09
C SER C 66 11.25 18.90 -49.75
N PRO C 67 11.24 17.81 -48.99
CA PRO C 67 11.87 17.84 -47.66
C PRO C 67 13.39 17.97 -47.71
N ASP C 68 14.02 17.74 -48.86
CA ASP C 68 15.47 17.79 -48.93
C ASP C 68 16.00 19.19 -48.68
N LYS C 69 15.32 20.21 -49.18
CA LYS C 69 15.80 21.58 -49.08
C LYS C 69 15.09 22.37 -47.99
N ALA C 70 14.47 21.71 -47.02
CA ALA C 70 13.80 22.38 -45.93
C ALA C 70 14.68 22.33 -44.68
N TYR C 71 14.86 23.49 -44.05
CA TYR C 71 15.64 23.53 -42.82
C TYR C 71 14.86 22.93 -41.65
N TYR C 72 13.57 23.20 -41.59
CA TYR C 72 12.71 22.68 -40.52
C TYR C 72 11.71 21.69 -41.08
N TRP C 73 11.37 20.69 -40.27
CA TRP C 73 10.27 19.78 -40.56
C TRP C 73 9.25 19.87 -39.45
N ILE C 74 7.98 19.90 -39.81
CA ILE C 74 6.89 19.82 -38.86
C ILE C 74 6.10 18.57 -39.22
N GLN C 75 6.32 17.50 -38.46
CA GLN C 75 5.61 16.25 -38.63
C GLN C 75 4.58 16.13 -37.52
N ALA C 76 3.32 16.01 -37.88
CA ALA C 76 2.24 15.93 -36.91
C ALA C 76 1.33 14.76 -37.25
N ASN C 77 0.81 14.11 -36.21
CA ASN C 77 -0.11 13.00 -36.39
C ASN C 77 -1.22 13.14 -35.37
N VAL C 78 -2.44 13.35 -35.84
CA VAL C 78 -3.61 13.37 -34.97
C VAL C 78 -3.90 11.93 -34.60
N LEU C 79 -3.39 11.50 -33.44
CA LEU C 79 -3.33 10.07 -33.14
C LEU C 79 -4.66 9.55 -32.65
N LYS C 80 -5.20 10.14 -31.59
CA LYS C 80 -6.36 9.56 -30.91
C LYS C 80 -7.47 10.57 -30.78
N ALA C 81 -8.70 10.06 -30.73
CA ALA C 81 -9.87 10.90 -30.49
C ALA C 81 -10.91 10.08 -29.74
N ASP C 82 -11.45 10.65 -28.68
CA ASP C 82 -12.42 9.97 -27.83
C ASP C 82 -13.54 10.94 -27.49
N LYS C 83 -14.72 10.40 -27.22
CA LYS C 83 -15.87 11.20 -26.83
C LYS C 83 -16.45 10.60 -25.55
N MET C 84 -16.70 11.45 -24.56
CA MET C 84 -17.21 10.96 -23.28
C MET C 84 -18.28 11.92 -22.76
N ASP C 85 -19.06 11.43 -21.81
CA ASP C 85 -20.07 12.22 -21.13
C ASP C 85 -19.60 12.49 -19.71
N LEU C 86 -19.48 13.77 -19.36
CA LEU C 86 -19.02 14.11 -18.02
C LEU C 86 -20.05 13.77 -16.96
N ARG C 87 -21.34 13.83 -17.31
CA ARG C 87 -22.39 13.47 -16.37
C ARG C 87 -22.28 12.03 -15.91
N GLU C 88 -21.66 11.16 -16.70
CA GLU C 88 -21.45 9.77 -16.31
C GLU C 88 -20.47 9.65 -15.14
N SER C 89 -19.74 10.70 -14.81
CA SER C 89 -18.82 10.62 -13.68
C SER C 89 -19.55 10.37 -12.37
N GLN C 90 -20.74 10.96 -12.20
CA GLN C 90 -21.56 10.71 -11.04
C GLN C 90 -22.20 9.33 -11.05
N GLY C 91 -22.33 8.72 -12.22
CA GLY C 91 -22.94 7.41 -12.31
C GLY C 91 -24.44 7.47 -12.11
N TRP C 92 -24.86 7.78 -10.89
CA TRP C 92 -26.26 7.94 -10.56
C TRP C 92 -26.72 9.36 -10.87
N LEU C 93 -28.03 9.59 -10.75
CA LEU C 93 -28.69 10.85 -11.09
C LEU C 93 -28.50 11.23 -12.55
N ASN C 94 -27.99 10.31 -13.38
CA ASN C 94 -27.73 10.58 -14.78
C ASN C 94 -28.61 9.78 -15.73
N ARG C 95 -29.00 8.56 -15.35
CA ARG C 95 -29.82 7.74 -16.23
C ARG C 95 -31.16 8.40 -16.53
N GLY C 96 -31.69 9.17 -15.59
CA GLY C 96 -32.96 9.83 -15.80
C GLY C 96 -33.92 9.68 -14.63
N TYR C 97 -33.41 9.20 -13.51
CA TYR C 97 -34.25 9.00 -12.34
C TYR C 97 -34.83 10.32 -11.83
N GLU C 98 -34.01 11.37 -11.80
CA GLU C 98 -34.47 12.65 -11.29
C GLU C 98 -35.53 13.27 -12.20
N GLY C 99 -35.33 13.21 -13.51
CA GLY C 99 -36.34 13.71 -14.42
C GLY C 99 -37.63 12.92 -14.32
N ALA C 100 -37.52 11.61 -14.14
CA ALA C 100 -38.69 10.77 -13.94
C ALA C 100 -39.44 11.17 -12.67
N ALA C 101 -38.68 11.46 -11.61
CA ALA C 101 -39.28 11.87 -10.34
C ALA C 101 -40.04 13.18 -10.50
N VAL C 102 -39.44 14.14 -11.21
CA VAL C 102 -40.09 15.43 -11.42
C VAL C 102 -41.36 15.23 -12.25
N GLY C 103 -41.27 14.42 -13.29
CA GLY C 103 -42.43 14.15 -14.11
C GLY C 103 -43.56 13.48 -13.34
N ALA C 104 -43.21 12.56 -12.44
CA ALA C 104 -44.20 11.90 -11.62
C ALA C 104 -44.85 12.89 -10.65
N ALA C 105 -44.03 13.74 -10.04
CA ALA C 105 -44.54 14.75 -9.11
C ALA C 105 -45.43 15.74 -9.83
N LEU C 106 -45.24 15.88 -11.14
CA LEU C 106 -46.13 16.73 -11.93
C LEU C 106 -47.57 16.25 -11.89
N GLY C 107 -47.81 14.97 -11.57
CA GLY C 107 -49.17 14.47 -11.47
C GLY C 107 -50.02 15.21 -10.45
N ALA C 108 -49.38 15.74 -9.40
CA ALA C 108 -50.10 16.60 -8.47
C ALA C 108 -50.64 17.84 -9.16
N GLY C 109 -50.02 18.23 -10.29
CA GLY C 109 -50.55 19.34 -11.05
C GLY C 109 -51.85 19.01 -11.76
N ILE C 110 -52.16 17.72 -11.91
CA ILE C 110 -53.43 17.31 -12.48
C ILE C 110 -54.41 16.82 -11.42
N THR C 111 -53.93 16.46 -10.22
CA THR C 111 -54.85 16.12 -9.14
C THR C 111 -55.56 17.36 -8.61
N GLY C 112 -54.92 18.51 -8.63
CA GLY C 112 -55.53 19.73 -8.15
C GLY C 112 -56.32 20.53 -9.18
N TYR C 113 -56.34 20.09 -10.44
CA TYR C 113 -57.02 20.82 -11.50
C TYR C 113 -57.86 19.86 -12.33
N ASN C 114 -59.01 20.36 -12.80
CA ASN C 114 -59.91 19.61 -13.69
C ASN C 114 -60.30 18.31 -13.00
N SER C 115 -60.51 17.25 -13.78
CA SER C 115 -60.84 15.95 -13.21
C SER C 115 -59.67 15.40 -12.40
N ASN C 116 -59.99 14.69 -11.33
CA ASN C 116 -58.98 14.16 -10.43
C ASN C 116 -59.47 12.85 -9.84
N SER C 117 -58.51 12.04 -9.38
CA SER C 117 -58.78 10.70 -8.83
C SER C 117 -59.70 9.89 -9.73
N ALA C 118 -59.61 10.12 -11.04
CA ALA C 118 -60.49 9.46 -12.01
C ALA C 118 -59.76 8.37 -12.78
N GLY C 119 -58.59 7.96 -12.31
CA GLY C 119 -57.79 6.97 -13.02
C GLY C 119 -56.91 7.61 -14.06
N ALA C 120 -57.46 8.58 -14.80
CA ALA C 120 -56.68 9.32 -15.78
C ALA C 120 -55.54 10.10 -15.14
N THR C 121 -55.67 10.43 -13.85
CA THR C 121 -54.57 11.12 -13.16
C THR C 121 -53.32 10.25 -13.13
N LEU C 122 -53.47 8.95 -12.83
CA LEU C 122 -52.31 8.07 -12.81
C LEU C 122 -51.68 7.95 -14.19
N GLY C 123 -52.49 7.83 -15.24
CA GLY C 123 -51.95 7.75 -16.59
C GLY C 123 -51.21 9.01 -16.99
N VAL C 124 -51.78 10.17 -16.70
CA VAL C 124 -51.12 11.44 -17.02
C VAL C 124 -49.82 11.57 -16.24
N GLY C 125 -49.84 11.18 -14.96
CA GLY C 125 -48.61 11.25 -14.17
C GLY C 125 -47.53 10.32 -14.71
N LEU C 126 -47.92 9.12 -15.11
CA LEU C 126 -46.95 8.18 -15.67
C LEU C 126 -46.36 8.70 -16.97
N ALA C 127 -47.22 9.25 -17.84
CA ALA C 127 -46.73 9.82 -19.10
C ALA C 127 -45.79 10.99 -18.85
N ALA C 128 -46.13 11.85 -17.88
CA ALA C 128 -45.27 12.97 -17.56
C ALA C 128 -43.93 12.51 -16.99
N GLY C 129 -43.95 11.48 -16.14
CA GLY C 129 -42.70 10.95 -15.62
C GLY C 129 -41.83 10.35 -16.70
N LEU C 130 -42.46 9.61 -17.63
CA LEU C 130 -41.70 9.03 -18.74
C LEU C 130 -41.09 10.12 -19.62
N VAL C 131 -41.86 11.17 -19.91
CA VAL C 131 -41.36 12.26 -20.74
C VAL C 131 -40.22 12.98 -20.03
N GLY C 132 -40.36 13.20 -18.72
CA GLY C 132 -39.30 13.83 -17.97
C GLY C 132 -38.02 13.00 -17.95
N MET C 133 -38.15 11.69 -17.77
CA MET C 133 -36.99 10.82 -17.81
C MET C 133 -36.33 10.84 -19.18
N ALA C 134 -37.14 10.82 -20.25
CA ALA C 134 -36.57 10.88 -21.59
C ALA C 134 -35.84 12.19 -21.83
N ALA C 135 -36.42 13.30 -21.39
CA ALA C 135 -35.77 14.60 -21.58
C ALA C 135 -34.48 14.69 -20.77
N ASP C 136 -34.49 14.15 -19.54
CA ASP C 136 -33.28 14.18 -18.72
C ASP C 136 -32.19 13.31 -19.32
N ALA C 137 -32.56 12.17 -19.91
CA ALA C 137 -31.56 11.28 -20.48
C ALA C 137 -31.02 11.81 -21.80
N MET C 138 -31.80 12.63 -22.51
CA MET C 138 -31.38 13.14 -23.80
C MET C 138 -30.45 14.34 -23.70
N VAL C 139 -30.20 14.84 -22.49
CA VAL C 139 -29.26 15.95 -22.30
C VAL C 139 -27.92 15.36 -21.92
N GLU C 140 -26.90 15.61 -22.75
CA GLU C 140 -25.58 15.03 -22.58
C GLU C 140 -24.54 16.13 -22.46
N ASP C 141 -23.63 15.98 -21.51
CA ASP C 141 -22.52 16.89 -21.34
C ASP C 141 -21.31 16.27 -22.04
N VAL C 142 -21.21 16.52 -23.33
CA VAL C 142 -20.23 15.82 -24.17
C VAL C 142 -18.90 16.55 -24.13
N ASN C 143 -17.83 15.75 -24.09
CA ASN C 143 -16.46 16.23 -24.09
C ASN C 143 -15.66 15.38 -25.08
N TYR C 144 -15.07 16.04 -26.07
CA TYR C 144 -14.21 15.40 -27.05
C TYR C 144 -12.76 15.62 -26.69
N THR C 145 -11.99 14.55 -26.60
CA THR C 145 -10.58 14.60 -26.29
C THR C 145 -9.78 14.16 -27.51
N MET C 146 -8.76 14.92 -27.86
CA MET C 146 -7.93 14.63 -29.03
C MET C 146 -6.46 14.62 -28.61
N ILE C 147 -5.73 13.61 -29.04
CA ILE C 147 -4.32 13.46 -28.73
C ILE C 147 -3.55 13.51 -30.04
N THR C 148 -2.62 14.47 -30.14
CA THR C 148 -1.82 14.70 -31.32
C THR C 148 -0.35 14.57 -30.97
N ASP C 149 0.42 13.94 -31.84
CA ASP C 149 1.85 13.78 -31.67
C ASP C 149 2.58 14.67 -32.67
N VAL C 150 3.54 15.45 -32.20
CA VAL C 150 4.28 16.38 -33.03
C VAL C 150 5.75 16.00 -33.00
N GLN C 151 6.39 16.03 -34.16
CA GLN C 151 7.82 15.74 -34.29
C GLN C 151 8.45 16.83 -35.13
N ILE C 152 9.35 17.59 -34.52
CA ILE C 152 10.02 18.71 -35.16
C ILE C 152 11.44 18.30 -35.49
N ALA C 153 11.85 18.51 -36.74
CA ALA C 153 13.20 18.19 -37.19
C ALA C 153 13.92 19.48 -37.55
N GLU C 154 15.14 19.63 -37.04
CA GLU C 154 15.95 20.81 -37.26
C GLU C 154 17.30 20.37 -37.81
N ARG C 155 17.72 21.00 -38.91
CA ARG C 155 18.99 20.64 -39.53
C ARG C 155 20.14 21.28 -38.76
N THR C 156 21.21 20.52 -38.56
CA THR C 156 22.36 20.98 -37.80
C THR C 156 23.63 20.72 -38.59
N LYS C 157 24.78 20.98 -37.95
CA LYS C 157 26.08 20.76 -38.56
C LYS C 157 26.83 19.59 -37.95
N ALA C 158 26.45 19.14 -36.77
CA ALA C 158 27.08 18.01 -36.12
C ALA C 158 26.48 16.71 -36.65
N THR C 159 27.32 15.69 -36.80
CA THR C 159 26.84 14.40 -37.27
C THR C 159 25.97 13.76 -36.20
N VAL C 160 24.78 13.31 -36.60
CA VAL C 160 23.80 12.72 -35.71
C VAL C 160 23.67 11.25 -36.07
N THR C 161 23.90 10.38 -35.11
CA THR C 161 23.76 8.94 -35.30
C THR C 161 22.42 8.50 -34.75
N THR C 162 21.58 7.94 -35.63
CA THR C 162 20.29 7.39 -35.24
C THR C 162 20.42 5.88 -35.09
N ASP C 163 20.09 5.38 -33.90
CA ASP C 163 20.16 3.97 -33.58
C ASP C 163 18.74 3.44 -33.47
N ASN C 164 18.24 2.85 -34.56
CA ASN C 164 16.92 2.25 -34.54
C ASN C 164 16.96 0.96 -33.72
N VAL C 165 16.12 0.90 -32.68
CA VAL C 165 16.00 -0.27 -31.82
C VAL C 165 14.51 -0.58 -31.68
N ALA C 166 14.11 -1.77 -32.10
CA ALA C 166 12.72 -2.19 -32.03
C ALA C 166 12.65 -3.59 -31.44
N ALA C 167 11.67 -3.81 -30.57
CA ALA C 167 11.44 -5.11 -29.95
C ALA C 167 10.04 -5.57 -30.34
N LEU C 168 9.93 -6.22 -31.49
CA LEU C 168 8.64 -6.68 -32.00
C LEU C 168 8.20 -7.90 -31.20
N ARG C 169 7.13 -7.75 -30.43
CA ARG C 169 6.66 -8.84 -29.58
C ARG C 169 6.23 -10.03 -30.43
N GLN C 170 6.56 -11.23 -29.97
CA GLN C 170 6.27 -12.48 -30.67
C GLN C 170 5.64 -13.43 -29.67
N GLY C 171 4.30 -13.44 -29.66
CA GLY C 171 3.49 -14.44 -28.99
C GLY C 171 3.88 -14.80 -27.59
N THR C 172 3.70 -13.89 -26.63
CA THR C 172 3.96 -14.20 -25.22
C THR C 172 5.40 -14.60 -25.00
N SER C 173 5.82 -15.69 -25.66
CA SER C 173 7.14 -16.27 -25.52
C SER C 173 8.27 -15.25 -25.62
N GLY C 174 8.41 -14.56 -26.75
CA GLY C 174 9.62 -13.78 -27.01
C GLY C 174 9.40 -12.55 -27.82
N ALA C 175 10.45 -12.14 -28.53
CA ALA C 175 10.41 -10.96 -29.38
C ALA C 175 11.53 -11.05 -30.40
N LYS C 176 11.36 -10.31 -31.49
CA LYS C 176 12.40 -10.12 -32.48
C LYS C 176 12.98 -8.72 -32.29
N ILE C 177 14.28 -8.64 -32.06
CA ILE C 177 14.94 -7.37 -31.80
C ILE C 177 15.66 -6.93 -33.07
N GLN C 178 15.25 -5.79 -33.60
CA GLN C 178 15.85 -5.20 -34.79
C GLN C 178 16.67 -3.98 -34.38
N THR C 179 17.90 -3.91 -34.86
CA THR C 179 18.78 -2.80 -34.57
C THR C 179 19.46 -2.35 -35.86
N SER C 180 19.60 -1.04 -36.02
CA SER C 180 20.30 -0.48 -37.17
C SER C 180 20.87 0.87 -36.79
N THR C 181 21.84 1.33 -37.58
CA THR C 181 22.53 2.59 -37.31
C THR C 181 22.64 3.40 -38.59
N GLU C 182 22.23 4.66 -38.54
CA GLU C 182 22.36 5.57 -39.66
C GLU C 182 23.02 6.86 -39.18
N THR C 183 23.59 7.61 -40.13
CA THR C 183 24.24 8.87 -39.83
C THR C 183 23.65 9.96 -40.72
N GLY C 184 23.28 11.08 -40.12
CA GLY C 184 22.71 12.19 -40.87
C GLY C 184 22.79 13.47 -40.09
N ASN C 185 22.63 14.58 -40.80
CA ASN C 185 22.72 15.91 -40.19
C ASN C 185 21.30 16.44 -39.96
N GLN C 186 20.66 15.90 -38.93
CA GLN C 186 19.31 16.34 -38.57
C GLN C 186 18.98 15.87 -37.17
N HIS C 187 18.51 16.79 -36.34
CA HIS C 187 18.02 16.48 -35.01
C HIS C 187 16.50 16.40 -35.06
N LYS C 188 15.93 15.52 -34.24
CA LYS C 188 14.48 15.35 -34.17
C LYS C 188 14.05 15.38 -32.71
N TYR C 189 12.98 16.10 -32.44
CA TYR C 189 12.41 16.17 -31.10
C TYR C 189 10.91 15.92 -31.20
N GLN C 190 10.32 15.44 -30.10
CA GLN C 190 8.91 15.10 -30.08
C GLN C 190 8.18 15.91 -29.03
N THR C 191 6.86 15.86 -29.11
CA THR C 191 5.99 16.48 -28.11
C THR C 191 4.57 16.00 -28.36
N ARG C 192 3.69 16.27 -27.40
CA ARG C 192 2.31 15.83 -27.46
C ARG C 192 1.39 17.00 -27.14
N VAL C 193 0.28 17.09 -27.87
CA VAL C 193 -0.72 18.13 -27.67
C VAL C 193 -2.05 17.46 -27.35
N VAL C 194 -2.72 17.95 -26.32
CA VAL C 194 -4.00 17.42 -25.89
C VAL C 194 -5.05 18.51 -26.06
N SER C 195 -6.13 18.19 -26.78
CA SER C 195 -7.20 19.13 -27.05
C SER C 195 -8.50 18.62 -26.44
N ASN C 196 -9.30 19.54 -25.91
CA ASN C 196 -10.58 19.20 -25.31
C ASN C 196 -11.63 20.17 -25.83
N ALA C 197 -12.78 19.64 -26.22
CA ALA C 197 -13.92 20.45 -26.66
C ALA C 197 -15.13 20.00 -25.88
N ASN C 198 -15.69 20.90 -25.07
CA ASN C 198 -16.76 20.57 -24.14
C ASN C 198 -17.99 21.41 -24.45
N LYS C 199 -19.16 20.78 -24.44
CA LYS C 199 -20.42 21.48 -24.61
C LYS C 199 -21.54 20.51 -24.27
N VAL C 200 -22.77 21.01 -24.30
CA VAL C 200 -23.95 20.19 -24.08
C VAL C 200 -24.51 19.78 -25.43
N ASN C 201 -24.69 18.47 -25.63
CA ASN C 201 -25.19 17.91 -26.88
C ASN C 201 -24.36 18.42 -28.07
N LEU C 202 -23.05 18.44 -27.89
CA LEU C 202 -22.15 18.96 -28.91
C LEU C 202 -21.96 17.95 -30.03
N LYS C 203 -21.96 18.44 -31.26
CA LYS C 203 -21.62 17.65 -32.44
C LYS C 203 -20.23 18.06 -32.92
N PHE C 204 -19.41 17.08 -33.26
CA PHE C 204 -18.02 17.35 -33.59
C PHE C 204 -17.87 18.29 -34.78
N GLU C 205 -18.86 18.34 -35.67
CA GLU C 205 -18.77 19.23 -36.82
C GLU C 205 -18.71 20.69 -36.40
N GLU C 206 -19.33 21.03 -35.27
CA GLU C 206 -19.26 22.40 -34.78
C GLU C 206 -17.92 22.70 -34.12
N ALA C 207 -17.36 21.74 -33.39
CA ALA C 207 -16.11 21.96 -32.68
C ALA C 207 -14.88 21.78 -33.56
N LYS C 208 -15.04 21.24 -34.77
CA LYS C 208 -13.87 20.99 -35.63
C LYS C 208 -13.09 22.24 -36.00
N PRO C 209 -13.71 23.34 -36.47
CA PRO C 209 -12.89 24.46 -36.96
C PRO C 209 -12.06 25.12 -35.87
N VAL C 210 -12.63 25.38 -34.70
CA VAL C 210 -11.86 26.04 -33.64
C VAL C 210 -10.80 25.10 -33.09
N LEU C 211 -11.08 23.79 -33.06
CA LEU C 211 -10.07 22.82 -32.65
C LEU C 211 -8.88 22.86 -33.60
N GLU C 212 -9.15 22.87 -34.91
CA GLU C 212 -8.07 22.98 -35.88
C GLU C 212 -7.32 24.30 -35.73
N ASP C 213 -8.04 25.39 -35.50
CA ASP C 213 -7.39 26.69 -35.36
C ASP C 213 -6.41 26.68 -34.19
N GLN C 214 -6.88 26.23 -33.02
CA GLN C 214 -6.00 26.24 -31.85
C GLN C 214 -4.82 25.30 -32.02
N LEU C 215 -5.06 24.10 -32.55
CA LEU C 215 -3.97 23.16 -32.74
C LEU C 215 -2.93 23.69 -33.71
N ALA C 216 -3.37 24.28 -34.82
CA ALA C 216 -2.44 24.85 -35.78
C ALA C 216 -1.66 26.01 -35.17
N LYS C 217 -2.34 26.86 -34.41
CA LYS C 217 -1.64 27.99 -33.79
C LYS C 217 -0.57 27.52 -32.83
N SER C 218 -0.87 26.50 -32.01
CA SER C 218 0.13 25.98 -31.08
C SER C 218 1.32 25.38 -31.82
N ILE C 219 1.04 24.52 -32.80
CA ILE C 219 2.13 23.86 -33.51
C ILE C 219 3.00 24.87 -34.24
N ALA C 220 2.39 25.89 -34.85
CA ALA C 220 3.17 26.93 -35.51
C ALA C 220 3.96 27.75 -34.50
N ASN C 221 3.37 28.05 -33.34
CA ASN C 221 4.06 28.83 -32.33
C ASN C 221 5.23 28.09 -31.74
N ILE C 222 5.30 26.77 -31.92
CA ILE C 222 6.53 26.05 -31.57
C ILE C 222 7.73 26.71 -32.26
N LEU C 223 7.57 27.10 -33.52
CA LEU C 223 8.66 27.71 -34.28
C LEU C 223 9.02 29.11 -33.80
N GLY C 224 8.09 29.83 -33.18
CA GLY C 224 8.40 31.15 -32.67
C GLY C 224 8.14 32.28 -33.63
N SER C 225 9.19 32.81 -34.24
CA SER C 225 9.05 33.91 -35.19
C SER C 225 10.28 34.04 -36.08
N CYS D 1 -26.79 30.59 -1.32
CA CYS D 1 -25.93 31.16 -0.28
C CYS D 1 -24.47 30.82 -0.55
N GLY D 2 -24.21 29.61 -1.04
CA GLY D 2 -22.85 29.24 -1.40
C GLY D 2 -22.29 30.13 -2.50
N ALA D 3 -23.10 30.44 -3.50
CA ALA D 3 -22.67 31.37 -4.54
C ALA D 3 -22.41 32.75 -3.95
N MET D 4 -23.25 33.20 -3.02
CA MET D 4 -23.02 34.48 -2.37
C MET D 4 -21.72 34.46 -1.59
N SER D 5 -21.44 33.36 -0.89
CA SER D 5 -20.19 33.25 -0.15
C SER D 5 -18.99 33.30 -1.08
N THR D 6 -19.06 32.60 -2.22
CA THR D 6 -17.97 32.64 -3.18
C THR D 6 -17.78 34.04 -3.75
N ALA D 7 -18.88 34.72 -4.08
CA ALA D 7 -18.78 36.06 -4.64
C ALA D 7 -18.20 37.04 -3.62
N ILE D 8 -18.58 36.91 -2.35
CA ILE D 8 -18.03 37.80 -1.33
C ILE D 8 -16.55 37.51 -1.09
N LYS D 9 -16.19 36.23 -0.98
CA LYS D 9 -14.83 35.83 -0.68
C LYS D 9 -13.86 36.29 -1.76
N LYS D 10 -14.01 35.76 -2.96
CA LYS D 10 -13.10 36.07 -4.07
C LYS D 10 -13.69 37.15 -4.97
N ARG D 11 -13.90 38.32 -4.38
CA ARG D 11 -14.42 39.46 -5.12
C ARG D 11 -13.33 40.28 -5.79
N ASN D 12 -12.07 40.02 -5.48
CA ASN D 12 -10.95 40.75 -6.04
C ASN D 12 -10.02 39.80 -6.78
N LEU D 13 -9.44 40.29 -7.88
CA LEU D 13 -8.53 39.48 -8.67
C LEU D 13 -7.28 39.18 -7.87
N GLU D 14 -6.98 37.89 -7.69
CA GLU D 14 -5.79 37.47 -6.94
C GLU D 14 -4.83 36.78 -7.89
N VAL D 15 -3.60 37.29 -7.96
CA VAL D 15 -2.58 36.79 -8.88
C VAL D 15 -1.39 36.32 -8.09
N LYS D 16 -0.96 35.09 -8.33
CA LYS D 16 0.21 34.51 -7.67
C LYS D 16 1.19 34.01 -8.72
N THR D 17 2.48 34.23 -8.48
CA THR D 17 3.53 33.81 -9.39
C THR D 17 4.64 33.16 -8.60
N GLN D 18 4.90 31.89 -8.85
CA GLN D 18 5.87 31.13 -8.07
C GLN D 18 6.89 30.48 -8.99
N MET D 19 8.17 30.74 -8.73
CA MET D 19 9.26 30.09 -9.43
C MET D 19 9.54 28.74 -8.80
N SER D 20 9.96 27.77 -9.61
CA SER D 20 10.17 26.42 -9.11
C SER D 20 11.46 26.32 -8.31
N GLU D 21 12.59 26.63 -8.93
CA GLU D 21 13.89 26.53 -8.27
C GLU D 21 14.73 27.74 -8.65
N THR D 22 15.81 27.94 -7.89
CA THR D 22 16.69 29.08 -8.05
C THR D 22 17.82 28.76 -9.03
N ILE D 23 18.10 29.70 -9.92
CA ILE D 23 19.24 29.63 -10.82
C ILE D 23 20.31 30.58 -10.31
N TRP D 24 21.46 30.05 -9.94
CA TRP D 24 22.54 30.85 -9.37
C TRP D 24 23.47 31.31 -10.48
N LEU D 25 23.69 32.62 -10.55
CA LEU D 25 24.58 33.22 -11.53
C LEU D 25 25.73 33.90 -10.81
N GLU D 26 26.95 33.62 -11.25
CA GLU D 26 28.11 34.26 -10.66
C GLU D 26 28.10 35.75 -10.99
N PRO D 27 28.59 36.59 -10.07
CA PRO D 27 28.66 38.02 -10.36
C PRO D 27 29.54 38.29 -11.56
N ALA D 28 29.12 39.24 -12.40
CA ALA D 28 29.85 39.58 -13.60
C ALA D 28 29.56 41.03 -13.97
N SER D 29 30.46 41.61 -14.75
CA SER D 29 30.34 42.98 -15.21
C SER D 29 29.70 43.12 -16.58
N GLU D 30 29.29 42.01 -17.19
CA GLU D 30 28.68 42.05 -18.51
C GLU D 30 27.21 42.42 -18.40
N ARG D 31 26.71 43.13 -19.42
CA ARG D 31 25.37 43.68 -19.40
C ARG D 31 24.47 43.20 -20.53
N THR D 32 25.02 42.64 -21.60
CA THR D 32 24.23 42.36 -22.79
C THR D 32 23.30 41.18 -22.57
N VAL D 33 22.04 41.34 -22.97
CA VAL D 33 21.01 40.31 -22.83
C VAL D 33 20.28 40.17 -24.17
N PHE D 34 19.94 38.93 -24.51
CA PHE D 34 19.15 38.62 -25.70
C PHE D 34 17.91 37.85 -25.29
N LEU D 35 16.74 38.33 -25.70
CA LEU D 35 15.47 37.75 -25.30
C LEU D 35 14.88 36.91 -26.42
N GLN D 36 14.20 35.82 -26.04
CA GLN D 36 13.48 35.00 -27.01
C GLN D 36 12.27 34.41 -26.28
N ILE D 37 11.09 34.95 -26.56
CA ILE D 37 9.86 34.57 -25.85
C ILE D 37 8.90 33.95 -26.86
N LYS D 38 8.38 32.78 -26.51
CA LYS D 38 7.41 32.08 -27.34
C LYS D 38 6.19 31.73 -26.50
N ASN D 39 5.07 31.50 -27.18
CA ASN D 39 3.80 31.21 -26.51
C ASN D 39 3.11 30.10 -27.28
N THR D 40 3.08 28.90 -26.71
CA THR D 40 2.40 27.76 -27.31
C THR D 40 1.13 27.38 -26.56
N SER D 41 0.52 28.35 -25.90
CA SER D 41 -0.72 28.13 -25.16
C SER D 41 -1.88 28.81 -25.88
N ASP D 42 -3.10 28.40 -25.52
CA ASP D 42 -4.28 28.97 -26.15
C ASP D 42 -4.51 30.42 -25.73
N LYS D 43 -4.06 30.79 -24.53
CA LYS D 43 -4.21 32.16 -24.09
C LYS D 43 -3.23 33.07 -24.82
N ASP D 44 -3.51 34.36 -24.78
CA ASP D 44 -2.73 35.36 -25.49
C ASP D 44 -1.94 36.18 -24.48
N MET D 45 -0.61 36.13 -24.59
CA MET D 45 0.29 36.99 -23.81
C MET D 45 1.26 37.61 -24.81
N SER D 46 0.84 38.73 -25.42
CA SER D 46 1.63 39.35 -26.46
C SER D 46 2.60 40.40 -25.92
N GLY D 47 2.28 41.04 -24.81
CA GLY D 47 3.12 42.05 -24.24
C GLY D 47 4.19 41.55 -23.29
N LEU D 48 4.33 40.23 -23.15
CA LEU D 48 5.28 39.69 -22.19
C LEU D 48 6.71 40.04 -22.56
N GLN D 49 7.05 39.96 -23.84
CA GLN D 49 8.42 40.28 -24.26
C GLN D 49 8.76 41.73 -23.98
N GLY D 50 7.83 42.64 -24.28
CA GLY D 50 8.09 44.05 -24.02
C GLY D 50 8.26 44.35 -22.54
N LYS D 51 7.44 43.73 -21.70
CA LYS D 51 7.56 43.94 -20.27
C LYS D 51 8.85 43.36 -19.72
N ILE D 52 9.26 42.19 -20.23
CA ILE D 52 10.54 41.62 -19.82
C ILE D 52 11.68 42.54 -20.21
N ALA D 53 11.63 43.08 -21.44
CA ALA D 53 12.68 44.00 -21.89
C ALA D 53 12.72 45.24 -21.02
N ASP D 54 11.56 45.80 -20.69
CA ASP D 54 11.53 46.99 -19.85
C ASP D 54 12.10 46.70 -18.46
N ALA D 55 11.70 45.58 -17.87
CA ALA D 55 12.19 45.24 -16.53
C ALA D 55 13.70 45.01 -16.55
N VAL D 56 14.20 44.36 -17.60
CA VAL D 56 15.64 44.12 -17.70
C VAL D 56 16.39 45.44 -17.88
N LYS D 57 15.87 46.34 -18.71
CA LYS D 57 16.51 47.64 -18.89
C LYS D 57 16.49 48.45 -17.61
N ALA D 58 15.46 48.28 -16.79
CA ALA D 58 15.39 49.00 -15.52
C ALA D 58 16.50 48.60 -14.56
N LYS D 59 17.11 47.43 -14.76
CA LYS D 59 18.18 46.96 -13.89
C LYS D 59 19.56 47.35 -14.38
N GLY D 60 19.66 48.10 -15.47
CA GLY D 60 20.93 48.50 -16.03
C GLY D 60 21.44 47.63 -17.16
N TYR D 61 20.80 46.49 -17.40
CA TYR D 61 21.21 45.63 -18.50
C TYR D 61 20.82 46.26 -19.84
N GLN D 62 21.52 45.85 -20.88
CA GLN D 62 21.30 46.35 -22.23
C GLN D 62 20.81 45.20 -23.11
N VAL D 63 19.68 45.42 -23.77
CA VAL D 63 19.06 44.39 -24.59
C VAL D 63 19.54 44.53 -26.03
N VAL D 64 20.06 43.44 -26.59
CA VAL D 64 20.56 43.42 -27.95
C VAL D 64 19.71 42.47 -28.78
N THR D 65 19.85 42.57 -30.10
CA THR D 65 19.05 41.78 -31.02
C THR D 65 19.76 40.54 -31.55
N SER D 66 21.05 40.62 -31.81
CA SER D 66 21.79 39.48 -32.34
C SER D 66 22.29 38.62 -31.18
N PRO D 67 21.94 37.34 -31.14
CA PRO D 67 22.36 36.50 -30.00
C PRO D 67 23.85 36.26 -29.93
N ASP D 68 24.60 36.51 -31.02
CA ASP D 68 26.02 36.22 -31.02
C ASP D 68 26.78 37.09 -30.03
N LYS D 69 26.41 38.36 -29.92
CA LYS D 69 27.13 39.30 -29.08
C LYS D 69 26.44 39.56 -27.74
N ALA D 70 25.57 38.65 -27.30
CA ALA D 70 24.89 38.79 -26.02
C ALA D 70 25.53 37.88 -25.00
N TYR D 71 25.84 38.44 -23.83
CA TYR D 71 26.42 37.62 -22.76
C TYR D 71 25.36 36.73 -22.13
N TYR D 72 24.15 37.24 -21.94
CA TYR D 72 23.07 36.48 -21.34
C TYR D 72 21.98 36.22 -22.36
N TRP D 73 21.33 35.07 -22.24
CA TRP D 73 20.13 34.76 -23.00
C TRP D 73 18.99 34.50 -22.03
N ILE D 74 17.82 35.04 -22.36
CA ILE D 74 16.60 34.74 -21.62
C ILE D 74 15.64 34.12 -22.62
N GLN D 75 15.52 32.80 -22.56
CA GLN D 75 14.59 32.05 -23.40
C GLN D 75 13.41 31.64 -22.55
N ALA D 76 12.22 32.04 -22.95
CA ALA D 76 11.01 31.74 -22.20
C ALA D 76 9.95 31.19 -23.13
N ASN D 77 9.16 30.25 -22.63
CA ASN D 77 8.07 29.67 -23.39
C ASN D 77 6.86 29.53 -22.47
N VAL D 78 5.80 30.26 -22.79
CA VAL D 78 4.54 30.12 -22.06
C VAL D 78 3.92 28.82 -22.55
N LEU D 79 4.14 27.74 -21.79
CA LEU D 79 3.88 26.41 -22.32
C LEU D 79 2.40 26.05 -22.22
N LYS D 80 1.83 26.13 -21.02
CA LYS D 80 0.50 25.59 -20.79
C LYS D 80 -0.40 26.63 -20.14
N ALA D 81 -1.70 26.50 -20.40
CA ALA D 81 -2.69 27.35 -19.75
C ALA D 81 -3.97 26.55 -19.60
N ASP D 82 -4.55 26.60 -18.40
CA ASP D 82 -5.76 25.85 -18.09
C ASP D 82 -6.69 26.73 -17.29
N LYS D 83 -7.99 26.46 -17.40
CA LYS D 83 -9.01 27.19 -16.64
C LYS D 83 -9.87 26.19 -15.91
N MET D 84 -10.09 26.42 -14.62
CA MET D 84 -10.88 25.49 -13.82
C MET D 84 -11.79 26.25 -12.88
N ASP D 85 -12.80 25.55 -12.37
CA ASP D 85 -13.73 26.09 -11.39
C ASP D 85 -13.42 25.45 -10.04
N LEU D 86 -13.10 26.28 -9.06
CA LEU D 86 -12.79 25.74 -7.74
C LEU D 86 -14.02 25.16 -7.06
N ARG D 87 -15.21 25.73 -7.34
CA ARG D 87 -16.44 25.20 -6.76
C ARG D 87 -16.69 23.76 -7.16
N GLU D 88 -16.15 23.32 -8.29
CA GLU D 88 -16.28 21.92 -8.70
C GLU D 88 -15.56 20.97 -7.77
N SER D 89 -14.66 21.46 -6.91
CA SER D 89 -13.96 20.56 -5.99
C SER D 89 -14.92 19.87 -5.04
N GLN D 90 -15.99 20.55 -4.63
CA GLN D 90 -17.00 19.94 -3.78
C GLN D 90 -17.90 18.98 -4.55
N GLY D 91 -17.97 19.11 -5.87
CA GLY D 91 -18.81 18.23 -6.67
C GLY D 91 -20.27 18.55 -6.51
N TRP D 92 -20.80 18.31 -5.31
CA TRP D 92 -22.18 18.63 -4.99
C TRP D 92 -22.29 20.08 -4.51
N LEU D 93 -23.54 20.52 -4.31
CA LEU D 93 -23.87 21.88 -3.90
C LEU D 93 -23.38 22.93 -4.89
N ASN D 94 -22.94 22.51 -6.07
CA ASN D 94 -22.42 23.41 -7.10
C ASN D 94 -23.29 23.47 -8.34
N ARG D 95 -23.97 22.37 -8.69
CA ARG D 95 -24.80 22.36 -9.89
C ARG D 95 -25.92 23.39 -9.81
N GLY D 96 -26.42 23.66 -8.60
CA GLY D 96 -27.48 24.63 -8.44
C GLY D 96 -28.61 24.14 -7.56
N TYR D 97 -28.40 23.02 -6.87
CA TYR D 97 -29.44 22.47 -6.02
C TYR D 97 -29.81 23.42 -4.89
N GLU D 98 -28.80 24.04 -4.28
CA GLU D 98 -29.06 24.94 -3.16
C GLU D 98 -29.83 26.18 -3.60
N GLY D 99 -29.44 26.77 -4.73
CA GLY D 99 -30.18 27.90 -5.24
C GLY D 99 -31.61 27.54 -5.60
N ALA D 100 -31.79 26.35 -6.18
CA ALA D 100 -33.13 25.86 -6.48
C ALA D 100 -33.96 25.71 -5.21
N ALA D 101 -33.34 25.20 -4.15
CA ALA D 101 -34.02 25.02 -2.87
C ALA D 101 -34.45 26.37 -2.30
N VAL D 102 -33.57 27.36 -2.35
CA VAL D 102 -33.90 28.69 -1.85
C VAL D 102 -35.05 29.28 -2.66
N GLY D 103 -34.97 29.15 -3.99
CA GLY D 103 -36.03 29.65 -4.84
C GLY D 103 -37.37 28.99 -4.57
N ALA D 104 -37.35 27.69 -4.33
CA ALA D 104 -38.58 26.97 -4.01
C ALA D 104 -39.14 27.42 -2.67
N ALA D 105 -38.28 27.58 -1.67
CA ALA D 105 -38.70 28.04 -0.36
C ALA D 105 -39.25 29.46 -0.43
N LEU D 106 -38.84 30.22 -1.45
CA LEU D 106 -39.40 31.54 -1.66
C LEU D 106 -40.90 31.50 -1.92
N GLY D 107 -41.44 30.35 -2.35
CA GLY D 107 -42.88 30.23 -2.57
C GLY D 107 -43.71 30.51 -1.32
N ALA D 108 -43.14 30.22 -0.14
CA ALA D 108 -43.80 30.62 1.09
C ALA D 108 -43.96 32.12 1.19
N GLY D 109 -43.13 32.87 0.47
CA GLY D 109 -43.29 34.31 0.42
C GLY D 109 -44.51 34.74 -0.37
N ILE D 110 -45.04 33.86 -1.21
CA ILE D 110 -46.28 34.14 -1.93
C ILE D 110 -47.49 33.43 -1.33
N THR D 111 -47.27 32.39 -0.52
CA THR D 111 -48.40 31.78 0.19
C THR D 111 -48.91 32.69 1.29
N GLY D 112 -48.04 33.48 1.91
CA GLY D 112 -48.46 34.37 2.97
C GLY D 112 -48.90 35.75 2.53
N TYR D 113 -48.84 36.06 1.24
CA TYR D 113 -49.19 37.38 0.73
C TYR D 113 -50.08 37.25 -0.50
N ASN D 114 -51.00 38.19 -0.65
CA ASN D 114 -51.89 38.28 -1.82
C ASN D 114 -52.64 36.97 -1.96
N SER D 115 -52.94 36.56 -3.19
CA SER D 115 -53.60 35.30 -3.44
C SER D 115 -52.71 34.13 -3.04
N ASN D 116 -53.32 33.08 -2.52
CA ASN D 116 -52.58 31.91 -2.04
C ASN D 116 -53.42 30.66 -2.26
N SER D 117 -52.73 29.53 -2.31
CA SER D 117 -53.33 28.22 -2.57
C SER D 117 -54.25 28.26 -3.79
N ALA D 118 -53.94 29.11 -4.75
CA ALA D 118 -54.75 29.30 -5.94
C ALA D 118 -54.16 28.63 -7.18
N GLY D 119 -53.18 27.75 -6.98
CA GLY D 119 -52.50 27.12 -8.10
C GLY D 119 -51.37 27.97 -8.61
N ALA D 120 -51.60 29.28 -8.72
CA ALA D 120 -50.54 30.20 -9.13
C ALA D 120 -49.38 30.20 -8.14
N THR D 121 -49.63 29.84 -6.88
CA THR D 121 -48.55 29.76 -5.91
C THR D 121 -47.51 28.73 -6.33
N LEU D 122 -47.96 27.56 -6.78
CA LEU D 122 -47.01 26.53 -7.22
C LEU D 122 -46.22 26.99 -8.43
N GLY D 123 -46.87 27.65 -9.38
CA GLY D 123 -46.16 28.15 -10.56
C GLY D 123 -45.13 29.19 -10.20
N VAL D 124 -45.49 30.14 -9.33
CA VAL D 124 -44.54 31.17 -8.92
C VAL D 124 -43.37 30.54 -8.16
N GLY D 125 -43.66 29.58 -7.29
CA GLY D 125 -42.59 28.90 -6.57
C GLY D 125 -41.66 28.15 -7.49
N LEU D 126 -42.21 27.47 -8.49
CA LEU D 126 -41.37 26.75 -9.45
C LEU D 126 -40.51 27.71 -10.25
N ALA D 127 -41.09 28.83 -10.70
CA ALA D 127 -40.31 29.81 -11.44
C ALA D 127 -39.20 30.39 -10.58
N ALA D 128 -39.50 30.68 -9.31
CA ALA D 128 -38.48 31.22 -8.41
C ALA D 128 -37.38 30.20 -8.17
N GLY D 129 -37.73 28.93 -8.00
CA GLY D 129 -36.71 27.91 -7.84
C GLY D 129 -35.83 27.76 -9.07
N LEU D 130 -36.44 27.80 -10.25
CA LEU D 130 -35.66 27.72 -11.48
C LEU D 130 -34.71 28.90 -11.61
N VAL D 131 -35.20 30.10 -11.30
CA VAL D 131 -34.37 31.30 -11.39
C VAL D 131 -33.23 31.23 -10.39
N GLY D 132 -33.52 30.75 -9.18
CA GLY D 132 -32.47 30.61 -8.18
C GLY D 132 -31.42 29.60 -8.60
N MET D 133 -31.84 28.48 -9.17
CA MET D 133 -30.87 27.50 -9.66
C MET D 133 -30.03 28.07 -10.78
N ALA D 134 -30.65 28.81 -11.70
CA ALA D 134 -29.89 29.42 -12.79
C ALA D 134 -28.88 30.42 -12.26
N ALA D 135 -29.28 31.26 -11.30
CA ALA D 135 -28.37 32.24 -10.73
C ALA D 135 -27.22 31.56 -9.98
N ASP D 136 -27.51 30.49 -9.25
CA ASP D 136 -26.47 29.78 -8.54
C ASP D 136 -25.50 29.10 -9.51
N ALA D 137 -26.01 28.60 -10.64
CA ALA D 137 -25.15 27.93 -11.59
C ALA D 137 -24.28 28.91 -12.37
N MET D 138 -24.75 30.15 -12.54
CA MET D 138 -24.02 31.14 -13.33
C MET D 138 -22.90 31.82 -12.55
N VAL D 139 -22.74 31.51 -11.26
CA VAL D 139 -21.65 32.06 -10.47
C VAL D 139 -20.52 31.05 -10.45
N GLU D 140 -19.36 31.43 -10.98
CA GLU D 140 -18.23 30.54 -11.14
C GLU D 140 -17.02 31.12 -10.41
N ASP D 141 -16.32 30.25 -9.67
CA ASP D 141 -15.07 30.63 -9.01
C ASP D 141 -13.93 30.18 -9.91
N VAL D 142 -13.59 31.03 -10.87
CA VAL D 142 -12.67 30.64 -11.93
C VAL D 142 -11.24 30.89 -11.50
N ASN D 143 -10.37 29.95 -11.89
CA ASN D 143 -8.94 29.99 -11.61
C ASN D 143 -8.21 29.63 -12.89
N TYR D 144 -7.33 30.52 -13.34
CA TYR D 144 -6.49 30.30 -14.51
C TYR D 144 -5.10 29.92 -14.05
N THR D 145 -4.58 28.80 -14.55
CA THR D 145 -3.25 28.32 -14.23
C THR D 145 -2.39 28.39 -15.49
N MET D 146 -1.20 28.97 -15.36
CA MET D 146 -0.29 29.14 -16.47
C MET D 146 1.06 28.56 -16.11
N ILE D 147 1.63 27.76 -17.00
CA ILE D 147 2.92 27.12 -16.80
C ILE D 147 3.88 27.66 -17.86
N THR D 148 4.98 28.24 -17.40
CA THR D 148 5.99 28.84 -18.25
C THR D 148 7.34 28.18 -18.00
N ASP D 149 8.08 27.92 -19.07
CA ASP D 149 9.41 27.34 -18.97
C ASP D 149 10.44 28.40 -19.32
N VAL D 150 11.46 28.55 -18.47
CA VAL D 150 12.50 29.56 -18.65
C VAL D 150 13.83 28.85 -18.81
N GLN D 151 14.64 29.33 -19.75
CA GLN D 151 15.97 28.80 -19.99
C GLN D 151 16.94 29.96 -20.10
N ILE D 152 17.87 30.05 -19.15
CA ILE D 152 18.84 31.13 -19.08
C ILE D 152 20.18 30.60 -19.55
N ALA D 153 20.80 31.31 -20.49
CA ALA D 153 22.12 30.95 -21.01
C ALA D 153 23.13 32.01 -20.59
N GLU D 154 24.25 31.55 -20.06
CA GLU D 154 25.32 32.42 -19.60
C GLU D 154 26.62 32.01 -20.26
N ARG D 155 27.31 32.97 -20.85
CA ARG D 155 28.57 32.70 -21.54
C ARG D 155 29.68 32.51 -20.51
N THR D 156 30.55 31.53 -20.76
CA THR D 156 31.64 31.21 -19.84
C THR D 156 32.95 31.09 -20.62
N LYS D 157 34.00 30.68 -19.91
CA LYS D 157 35.31 30.49 -20.52
C LYS D 157 35.70 29.03 -20.63
N ALA D 158 35.06 28.14 -19.88
CA ALA D 158 35.34 26.71 -19.95
C ALA D 158 34.58 26.09 -21.11
N THR D 159 35.21 25.13 -21.79
CA THR D 159 34.55 24.45 -22.89
C THR D 159 33.42 23.58 -22.36
N VAL D 160 32.24 23.74 -22.97
CA VAL D 160 31.04 23.03 -22.56
C VAL D 160 30.67 22.06 -23.67
N THR D 161 30.57 20.78 -23.34
CA THR D 161 30.18 19.76 -24.30
C THR D 161 28.70 19.45 -24.10
N THR D 162 27.91 19.66 -25.14
CA THR D 162 26.49 19.35 -25.14
C THR D 162 26.28 18.01 -25.83
N ASP D 163 25.69 17.07 -25.11
CA ASP D 163 25.41 15.72 -25.62
C ASP D 163 23.91 15.61 -25.84
N ASN D 164 23.48 15.81 -27.08
CA ASN D 164 22.07 15.65 -27.42
C ASN D 164 21.73 14.17 -27.42
N VAL D 165 20.75 13.79 -26.61
CA VAL D 165 20.26 12.43 -26.52
C VAL D 165 18.75 12.47 -26.60
N ALA D 166 18.18 11.81 -27.61
CA ALA D 166 16.73 11.78 -27.79
C ALA D 166 16.29 10.35 -28.07
N ALA D 167 15.15 9.96 -27.50
CA ALA D 167 14.57 8.64 -27.70
C ALA D 167 13.18 8.82 -28.29
N LEU D 168 13.13 8.95 -29.62
CA LEU D 168 11.86 9.15 -30.31
C LEU D 168 11.08 7.86 -30.33
N ARG D 169 9.95 7.83 -29.60
CA ARG D 169 9.15 6.62 -29.50
C ARG D 169 8.63 6.21 -30.87
N GLN D 170 8.62 4.90 -31.14
CA GLN D 170 8.20 4.33 -32.41
C GLN D 170 7.24 3.20 -32.10
N GLY D 171 5.95 3.53 -32.12
CA GLY D 171 4.85 2.57 -32.11
C GLY D 171 4.95 1.44 -31.12
N THR D 172 4.81 1.72 -29.83
CA THR D 172 4.78 0.67 -28.80
C THR D 172 6.07 -0.14 -28.83
N SER D 173 6.35 -0.78 -29.96
CA SER D 173 7.50 -1.66 -30.16
C SER D 173 8.80 -1.06 -29.64
N GLY D 174 9.25 0.06 -30.20
CA GLY D 174 10.62 0.52 -29.97
C GLY D 174 10.79 2.01 -29.98
N ALA D 175 12.00 2.45 -30.33
CA ALA D 175 12.31 3.85 -30.41
C ALA D 175 13.53 4.04 -31.29
N LYS D 176 13.69 5.25 -31.80
CA LYS D 176 14.88 5.67 -32.51
C LYS D 176 15.69 6.56 -31.58
N ILE D 177 16.94 6.17 -31.31
CA ILE D 177 17.79 6.90 -30.39
C ILE D 177 18.77 7.74 -31.21
N GLN D 178 18.69 9.05 -31.03
CA GLN D 178 19.57 10.00 -31.70
C GLN D 178 20.54 10.57 -30.67
N THR D 179 21.83 10.56 -31.02
CA THR D 179 22.87 11.10 -30.16
C THR D 179 23.81 11.96 -30.98
N SER D 180 24.23 13.07 -30.39
CA SER D 180 25.20 13.95 -31.04
C SER D 180 25.97 14.72 -29.98
N THR D 181 27.12 15.25 -30.37
CA THR D 181 27.98 15.96 -29.44
C THR D 181 28.46 17.26 -30.08
N GLU D 182 28.31 18.37 -29.36
CA GLU D 182 28.80 19.66 -29.80
C GLU D 182 29.63 20.30 -28.68
N THR D 183 30.48 21.24 -29.06
CA THR D 183 31.32 21.96 -28.11
C THR D 183 31.10 23.45 -28.28
N GLY D 184 30.87 24.14 -27.16
CA GLY D 184 30.65 25.58 -27.20
C GLY D 184 30.88 26.18 -25.84
N ASN D 185 31.06 27.51 -25.83
CA ASN D 185 31.32 28.26 -24.61
C ASN D 185 30.04 28.92 -24.14
N GLN D 186 29.14 28.12 -23.57
CA GLN D 186 27.88 28.63 -23.07
C GLN D 186 27.24 27.60 -22.15
N HIS D 187 26.83 28.03 -20.96
CA HIS D 187 26.09 27.21 -20.04
C HIS D 187 24.61 27.55 -20.15
N LYS D 188 23.76 26.55 -19.95
CA LYS D 188 22.31 26.74 -20.00
C LYS D 188 21.68 26.11 -18.77
N TYR D 189 20.75 26.82 -18.15
CA TYR D 189 20.01 26.34 -17.00
C TYR D 189 18.53 26.54 -17.25
N GLN D 190 17.71 25.72 -16.62
CA GLN D 190 16.27 25.78 -16.82
C GLN D 190 15.57 26.07 -15.50
N THR D 191 14.29 26.41 -15.61
CA THR D 191 13.42 26.60 -14.45
C THR D 191 12.00 26.71 -14.95
N ARG D 192 11.06 26.67 -14.01
CA ARG D 192 9.63 26.69 -14.33
C ARG D 192 8.94 27.70 -13.44
N VAL D 193 8.00 28.44 -14.01
CA VAL D 193 7.21 29.44 -13.30
C VAL D 193 5.73 29.07 -13.43
N VAL D 194 5.03 29.09 -12.31
CA VAL D 194 3.60 28.76 -12.26
C VAL D 194 2.84 30.01 -11.82
N SER D 195 1.85 30.40 -12.61
CA SER D 195 1.04 31.57 -12.34
C SER D 195 -0.40 31.16 -12.14
N ASN D 196 -1.08 31.84 -11.22
CA ASN D 196 -2.48 31.58 -10.91
C ASN D 196 -3.22 32.91 -10.86
N ALA D 197 -4.39 32.96 -11.49
CA ALA D 197 -5.25 34.13 -11.45
C ALA D 197 -6.64 33.67 -11.04
N ASN D 198 -7.11 34.12 -9.88
CA ASN D 198 -8.35 33.64 -9.30
C ASN D 198 -9.32 34.80 -9.12
N LYS D 199 -10.58 34.56 -9.47
CA LYS D 199 -11.64 35.54 -9.26
C LYS D 199 -12.97 34.86 -9.52
N VAL D 200 -14.06 35.58 -9.27
CA VAL D 200 -15.40 35.10 -9.56
C VAL D 200 -15.82 35.61 -10.93
N ASN D 201 -16.21 34.69 -11.81
CA ASN D 201 -16.62 35.02 -13.18
C ASN D 201 -15.55 35.84 -13.88
N LEU D 202 -14.30 35.44 -13.69
CA LEU D 202 -13.17 36.17 -14.25
C LEU D 202 -13.02 35.90 -15.74
N LYS D 203 -12.73 36.95 -16.49
CA LYS D 203 -12.39 36.84 -17.91
C LYS D 203 -10.90 37.09 -18.06
N PHE D 204 -10.24 36.25 -18.87
CA PHE D 204 -8.80 36.29 -18.97
C PHE D 204 -8.28 37.62 -19.46
N GLU D 205 -9.09 38.38 -20.20
CA GLU D 205 -8.63 39.69 -20.68
C GLU D 205 -8.34 40.64 -19.53
N GLU D 206 -9.04 40.49 -18.40
CA GLU D 206 -8.78 41.32 -17.24
C GLU D 206 -7.52 40.89 -16.50
N ALA D 207 -7.30 39.58 -16.41
CA ALA D 207 -6.14 39.06 -15.68
C ALA D 207 -4.86 39.07 -16.49
N LYS D 208 -4.94 39.31 -17.79
CA LYS D 208 -3.74 39.27 -18.63
C LYS D 208 -2.67 40.28 -18.23
N PRO D 209 -2.97 41.57 -18.05
CA PRO D 209 -1.86 42.52 -17.80
C PRO D 209 -1.12 42.28 -16.51
N VAL D 210 -1.82 41.99 -15.42
CA VAL D 210 -1.14 41.76 -14.14
C VAL D 210 -0.34 40.45 -14.20
N LEU D 211 -0.88 39.44 -14.87
CA LEU D 211 -0.15 38.19 -15.06
C LEU D 211 1.16 38.44 -15.79
N GLU D 212 1.10 39.20 -16.90
CA GLU D 212 2.30 39.53 -17.64
C GLU D 212 3.28 40.33 -16.78
N ASP D 213 2.77 41.30 -16.01
CA ASP D 213 3.64 42.11 -15.18
C ASP D 213 4.41 41.26 -14.18
N GLN D 214 3.70 40.39 -13.46
CA GLN D 214 4.36 39.57 -12.46
C GLN D 214 5.34 38.59 -13.09
N LEU D 215 4.95 37.95 -14.20
CA LEU D 215 5.84 37.00 -14.84
C LEU D 215 7.11 37.69 -15.34
N ALA D 216 6.97 38.85 -15.97
CA ALA D 216 8.13 39.58 -16.46
C ALA D 216 9.02 40.01 -15.30
N LYS D 217 8.43 40.48 -14.21
CA LYS D 217 9.23 40.90 -13.07
C LYS D 217 10.03 39.74 -12.50
N SER D 218 9.41 38.57 -12.38
CA SER D 218 10.12 37.41 -11.85
C SER D 218 11.27 36.99 -12.78
N ILE D 219 10.98 36.89 -14.08
CA ILE D 219 12.01 36.44 -15.01
C ILE D 219 13.17 37.43 -15.05
N ALA D 220 12.86 38.72 -15.01
CA ALA D 220 13.94 39.72 -14.99
C ALA D 220 14.72 39.66 -13.69
N ASN D 221 14.02 39.45 -12.56
CA ASN D 221 14.70 39.38 -11.27
C ASN D 221 15.59 38.17 -11.16
N ILE D 222 15.42 37.16 -12.02
CA ILE D 222 16.41 36.09 -12.10
C ILE D 222 17.80 36.68 -12.31
N LEU D 223 17.91 37.70 -13.17
CA LEU D 223 19.21 38.32 -13.45
C LEU D 223 19.76 39.12 -12.28
N GLY D 224 18.91 39.60 -11.38
CA GLY D 224 19.40 40.32 -10.23
C GLY D 224 19.53 41.82 -10.43
N SER D 225 20.75 42.29 -10.62
CA SER D 225 21.00 43.72 -10.82
C SER D 225 22.36 43.96 -11.47
N CYS E 1 -19.50 32.32 15.10
CA CYS E 1 -18.72 32.03 16.29
C CYS E 1 -17.33 31.54 15.92
N GLY E 2 -17.25 30.74 14.86
CA GLY E 2 -15.96 30.29 14.37
C GLY E 2 -15.07 31.43 13.95
N ALA E 3 -15.64 32.43 13.27
CA ALA E 3 -14.88 33.61 12.92
C ALA E 3 -14.43 34.36 14.16
N MET E 4 -15.30 34.46 15.17
CA MET E 4 -14.92 35.09 16.42
C MET E 4 -13.77 34.34 17.10
N SER E 5 -13.84 33.00 17.08
CA SER E 5 -12.76 32.21 17.66
C SER E 5 -11.46 32.44 16.93
N THR E 6 -11.50 32.48 15.59
CA THR E 6 -10.28 32.74 14.82
C THR E 6 -9.72 34.13 15.13
N ALA E 7 -10.60 35.13 15.20
CA ALA E 7 -10.15 36.50 15.47
C ALA E 7 -9.53 36.61 16.86
N ILE E 8 -10.12 35.93 17.85
CA ILE E 8 -9.57 35.98 19.20
C ILE E 8 -8.24 35.24 19.27
N LYS E 9 -8.18 34.05 18.66
CA LYS E 9 -6.98 33.23 18.74
C LYS E 9 -5.78 33.94 18.12
N LYS E 10 -5.83 34.18 16.82
CA LYS E 10 -4.71 34.77 16.09
C LYS E 10 -4.93 36.26 15.88
N ARG E 11 -4.99 36.98 17.00
CA ARG E 11 -5.15 38.42 16.98
C ARG E 11 -3.83 39.16 16.89
N ASN E 12 -2.71 38.47 17.02
CA ASN E 12 -1.38 39.06 16.99
C ASN E 12 -0.56 38.44 15.87
N LEU E 13 0.26 39.26 15.23
CA LEU E 13 1.11 38.79 14.14
C LEU E 13 2.12 37.78 14.67
N GLU E 14 2.09 36.55 14.16
CA GLU E 14 3.01 35.51 14.58
C GLU E 14 3.94 35.18 13.44
N VAL E 15 5.24 35.28 13.66
CA VAL E 15 6.25 35.11 12.62
C VAL E 15 7.24 34.04 13.05
N LYS E 16 7.45 33.07 12.17
CA LYS E 16 8.36 31.96 12.42
C LYS E 16 9.37 31.88 11.28
N THR E 17 10.63 31.63 11.62
CA THR E 17 11.70 31.51 10.64
C THR E 17 12.54 30.29 10.98
N GLN E 18 12.59 29.33 10.07
CA GLN E 18 13.27 28.06 10.33
C GLN E 18 14.26 27.76 9.21
N MET E 19 15.51 27.54 9.59
CA MET E 19 16.53 27.05 8.67
C MET E 19 16.36 25.56 8.46
N SER E 20 16.76 25.08 7.28
CA SER E 20 16.60 23.67 6.96
C SER E 20 17.70 22.84 7.60
N GLU E 21 18.95 23.13 7.27
CA GLU E 21 20.09 22.38 7.79
C GLU E 21 21.21 23.35 8.15
N THR E 22 22.17 22.84 8.91
CA THR E 22 23.28 23.64 9.42
C THR E 22 24.45 23.61 8.45
N ILE E 23 25.05 24.77 8.22
CA ILE E 23 26.28 24.89 7.44
C ILE E 23 27.42 25.13 8.41
N TRP E 24 28.37 24.21 8.45
CA TRP E 24 29.49 24.30 9.38
C TRP E 24 30.66 25.02 8.73
N LEU E 25 31.15 26.07 9.38
CA LEU E 25 32.28 26.84 8.89
C LEU E 25 33.42 26.73 9.89
N GLU E 26 34.60 26.41 9.40
CA GLU E 26 35.76 26.34 10.27
C GLU E 26 36.11 27.72 10.80
N PRO E 27 36.62 27.81 12.03
CA PRO E 27 37.02 29.11 12.57
C PRO E 27 38.11 29.73 11.73
N ALA E 28 38.02 31.05 11.54
CA ALA E 28 38.98 31.77 10.73
C ALA E 28 39.04 33.21 11.20
N SER E 29 40.16 33.87 10.86
CA SER E 29 40.38 35.26 11.24
C SER E 29 40.00 36.24 10.15
N GLU E 30 39.47 35.76 9.03
CA GLU E 30 39.09 36.64 7.94
C GLU E 30 37.71 37.26 8.20
N ARG E 31 37.55 38.50 7.73
CA ARG E 31 36.36 39.28 8.03
C ARG E 31 35.56 39.72 6.80
N THR E 32 36.14 39.68 5.61
CA THR E 32 35.50 40.27 4.44
C THR E 32 34.33 39.42 3.96
N VAL E 33 33.20 40.08 3.70
CA VAL E 33 31.98 39.43 3.24
C VAL E 33 31.44 40.19 2.03
N PHE E 34 30.92 39.46 1.05
CA PHE E 34 30.27 40.04 -0.12
C PHE E 34 28.85 39.51 -0.22
N LEU E 35 27.88 40.41 -0.32
CA LEU E 35 26.47 40.04 -0.34
C LEU E 35 25.90 40.09 -1.74
N GLN E 36 24.98 39.18 -2.03
CA GLN E 36 24.24 39.20 -3.30
C GLN E 36 22.86 38.64 -3.02
N ILE E 37 21.86 39.53 -2.98
CA ILE E 37 20.50 39.17 -2.62
C ILE E 37 19.59 39.43 -3.82
N LYS E 38 18.80 38.43 -4.17
CA LYS E 38 17.84 38.53 -5.27
C LYS E 38 16.47 38.12 -4.78
N ASN E 39 15.43 38.57 -5.49
CA ASN E 39 14.05 38.31 -5.11
C ASN E 39 13.27 37.98 -6.37
N THR E 40 12.91 36.71 -6.55
CA THR E 40 12.12 36.26 -7.68
C THR E 40 10.69 35.91 -7.27
N SER E 41 10.21 36.49 -6.19
CA SER E 41 8.86 36.25 -5.71
C SER E 41 7.99 37.48 -5.97
N ASP E 42 6.68 37.28 -5.91
CA ASP E 42 5.75 38.38 -6.15
C ASP E 42 5.76 39.38 -5.00
N LYS E 43 6.09 38.94 -3.79
CA LYS E 43 6.18 39.84 -2.66
C LYS E 43 7.42 40.71 -2.76
N ASP E 44 7.43 41.80 -2.01
CA ASP E 44 8.51 42.78 -2.07
C ASP E 44 9.29 42.75 -0.76
N MET E 45 10.60 42.50 -0.86
CA MET E 45 11.53 42.67 0.25
C MET E 45 12.72 43.48 -0.28
N SER E 46 12.59 44.81 -0.25
CA SER E 46 13.65 45.67 -0.74
C SER E 46 14.73 45.93 0.31
N GLY E 47 14.37 45.89 1.59
CA GLY E 47 15.31 46.17 2.66
C GLY E 47 16.04 44.98 3.22
N LEU E 48 15.86 43.79 2.62
CA LEU E 48 16.51 42.60 3.16
C LEU E 48 18.02 42.69 3.07
N GLN E 49 18.54 43.18 1.94
CA GLN E 49 19.99 43.29 1.79
C GLN E 49 20.59 44.24 2.80
N GLY E 50 19.94 45.39 3.03
CA GLY E 50 20.45 46.34 4.01
C GLY E 50 20.44 45.77 5.41
N LYS E 51 19.38 45.05 5.77
CA LYS E 51 19.32 44.45 7.10
C LYS E 51 20.37 43.36 7.26
N ILE E 52 20.60 42.56 6.22
CA ILE E 52 21.66 41.56 6.28
C ILE E 52 23.01 42.23 6.47
N ALA E 53 23.26 43.32 5.74
CA ALA E 53 24.53 44.03 5.88
C ALA E 53 24.70 44.59 7.28
N ASP E 54 23.63 45.16 7.84
CA ASP E 54 23.71 45.70 9.19
C ASP E 54 24.00 44.60 10.22
N ALA E 55 23.28 43.47 10.10
CA ALA E 55 23.49 42.38 11.04
C ALA E 55 24.90 41.81 10.93
N VAL E 56 25.41 41.70 9.70
CA VAL E 56 26.77 41.19 9.51
C VAL E 56 27.79 42.16 10.10
N LYS E 57 27.59 43.47 9.88
CA LYS E 57 28.52 44.45 10.44
C LYS E 57 28.46 44.45 11.96
N ALA E 58 27.30 44.15 12.54
CA ALA E 58 27.19 44.09 14.00
C ALA E 58 28.03 42.98 14.60
N LYS E 59 28.43 41.98 13.83
CA LYS E 59 29.23 40.88 14.30
C LYS E 59 30.73 41.12 14.14
N GLY E 60 31.13 42.27 13.62
CA GLY E 60 32.53 42.56 13.40
C GLY E 60 33.01 42.31 11.99
N TYR E 61 32.20 41.68 11.15
CA TYR E 61 32.59 41.46 9.77
C TYR E 61 32.55 42.76 8.98
N GLN E 62 33.31 42.79 7.89
CA GLN E 62 33.40 43.97 7.04
C GLN E 62 32.83 43.63 5.67
N VAL E 63 31.87 44.42 5.21
CA VAL E 63 31.19 44.16 3.95
C VAL E 63 31.89 44.91 2.83
N VAL E 64 32.26 44.19 1.77
CA VAL E 64 32.95 44.76 0.63
C VAL E 64 32.06 44.62 -0.59
N THR E 65 32.42 45.36 -1.65
CA THR E 65 31.62 45.39 -2.87
C THR E 65 32.14 44.48 -3.96
N SER E 66 33.46 44.37 -4.12
CA SER E 66 34.02 43.52 -5.16
C SER E 66 34.14 42.10 -4.66
N PRO E 67 33.54 41.12 -5.32
CA PRO E 67 33.60 39.74 -4.82
C PRO E 67 34.99 39.13 -4.87
N ASP E 68 35.93 39.72 -5.62
CA ASP E 68 37.24 39.12 -5.76
C ASP E 68 38.00 39.11 -4.44
N LYS E 69 37.89 40.18 -3.66
CA LYS E 69 38.65 40.32 -2.42
C LYS E 69 37.83 40.00 -1.18
N ALA E 70 36.73 39.26 -1.33
CA ALA E 70 35.91 38.89 -0.19
C ALA E 70 36.19 37.43 0.19
N TYR E 71 36.43 37.20 1.47
CA TYR E 71 36.66 35.83 1.93
C TYR E 71 35.36 35.04 1.95
N TYR E 72 34.27 35.67 2.35
CA TYR E 72 32.96 35.02 2.43
C TYR E 72 32.02 35.62 1.40
N TRP E 73 31.13 34.79 0.87
CA TRP E 73 30.03 35.24 0.05
C TRP E 73 28.72 34.81 0.69
N ILE E 74 27.75 35.70 0.70
CA ILE E 74 26.40 35.38 1.13
C ILE E 74 25.50 35.63 -0.06
N GLN E 75 25.10 34.56 -0.73
CA GLN E 75 24.19 34.62 -1.87
C GLN E 75 22.83 34.13 -1.40
N ALA E 76 21.82 34.98 -1.53
CA ALA E 76 20.48 34.65 -1.08
C ALA E 76 19.48 34.97 -2.18
N ASN E 77 18.45 34.14 -2.28
CA ASN E 77 17.39 34.36 -3.26
C ASN E 77 16.06 34.07 -2.58
N VAL E 78 15.22 35.10 -2.47
CA VAL E 78 13.87 34.91 -1.96
C VAL E 78 13.08 34.27 -3.08
N LEU E 79 12.96 32.94 -3.05
CA LEU E 79 12.50 32.20 -4.21
C LEU E 79 10.98 32.23 -4.35
N LYS E 80 10.28 31.79 -3.32
CA LYS E 80 8.84 31.57 -3.44
C LYS E 80 8.08 32.30 -2.34
N ALA E 81 6.85 32.67 -2.65
CA ALA E 81 5.96 33.26 -1.65
C ALA E 81 4.53 32.87 -1.99
N ASP E 82 3.79 32.41 -0.97
CA ASP E 82 2.43 31.95 -1.15
C ASP E 82 1.59 32.49 0.00
N LYS E 83 0.29 32.65 -0.26
CA LYS E 83 -0.66 33.11 0.75
C LYS E 83 -1.81 32.14 0.79
N MET E 84 -2.17 31.69 2.00
CA MET E 84 -3.25 30.72 2.14
C MET E 84 -4.12 31.09 3.33
N ASP E 85 -5.32 30.51 3.35
CA ASP E 85 -6.25 30.67 4.46
C ASP E 85 -6.30 29.36 5.23
N LEU E 86 -5.97 29.42 6.52
CA LEU E 86 -5.96 28.21 7.34
C LEU E 86 -7.38 27.70 7.58
N ARG E 87 -8.36 28.61 7.62
CA ARG E 87 -9.75 28.19 7.80
C ARG E 87 -10.23 27.29 6.67
N GLU E 88 -9.61 27.38 5.50
CA GLU E 88 -9.95 26.50 4.38
C GLU E 88 -9.59 25.05 4.64
N SER E 89 -8.77 24.78 5.66
CA SER E 89 -8.41 23.39 5.97
C SER E 89 -9.63 22.56 6.35
N GLN E 90 -10.57 23.17 7.08
CA GLN E 90 -11.81 22.48 7.43
C GLN E 90 -12.74 22.33 6.24
N GLY E 91 -12.59 23.15 5.22
CA GLY E 91 -13.45 23.08 4.05
C GLY E 91 -14.83 23.61 4.33
N TRP E 92 -15.58 22.92 5.18
CA TRP E 92 -16.91 23.34 5.59
C TRP E 92 -16.80 24.32 6.76
N LEU E 93 -17.95 24.90 7.12
CA LEU E 93 -18.07 25.88 8.19
C LEU E 93 -17.23 27.13 7.97
N ASN E 94 -16.68 27.29 6.76
CA ASN E 94 -15.84 28.44 6.42
C ASN E 94 -16.49 29.36 5.41
N ARG E 95 -17.31 28.83 4.50
CA ARG E 95 -17.94 29.66 3.48
C ARG E 95 -18.83 30.73 4.11
N GLY E 96 -19.44 30.44 5.24
CA GLY E 96 -20.30 31.42 5.88
C GLY E 96 -21.63 30.85 6.33
N TYR E 97 -21.75 29.52 6.30
CA TYR E 97 -23.00 28.89 6.69
C TYR E 97 -23.34 29.15 8.16
N GLU E 98 -22.33 29.08 9.03
CA GLU E 98 -22.57 29.29 10.45
C GLU E 98 -22.99 30.72 10.75
N GLY E 99 -22.33 31.69 10.13
CA GLY E 99 -22.73 33.08 10.31
C GLY E 99 -24.14 33.33 9.78
N ALA E 100 -24.47 32.70 8.64
CA ALA E 100 -25.81 32.81 8.10
C ALA E 100 -26.84 32.23 9.07
N ALA E 101 -26.50 31.10 9.69
CA ALA E 101 -27.40 30.46 10.65
C ALA E 101 -27.63 31.37 11.85
N VAL E 102 -26.56 31.98 12.37
CA VAL E 102 -26.70 32.88 13.51
C VAL E 102 -27.55 34.08 13.13
N GLY E 103 -27.32 34.64 11.96
CA GLY E 103 -28.10 35.77 11.50
C GLY E 103 -29.57 35.43 11.34
N ALA E 104 -29.86 34.23 10.82
CA ALA E 104 -31.24 33.79 10.68
C ALA E 104 -31.90 33.60 12.04
N ALA E 105 -31.18 33.00 12.98
CA ALA E 105 -31.69 32.78 14.33
C ALA E 105 -31.94 34.11 15.03
N LEU E 106 -31.22 35.16 14.59
CA LEU E 106 -31.46 36.49 15.13
C LEU E 106 -32.89 36.97 14.87
N GLY E 107 -33.57 36.39 13.87
CA GLY E 107 -34.95 36.79 13.61
C GLY E 107 -35.89 36.56 14.78
N ALA E 108 -35.58 35.57 15.63
CA ALA E 108 -36.34 35.40 16.86
C ALA E 108 -36.19 36.62 17.76
N GLY E 109 -35.12 37.40 17.58
CA GLY E 109 -34.97 38.63 18.32
C GLY E 109 -35.94 39.71 17.87
N ILE E 110 -36.51 39.56 16.68
CA ILE E 110 -37.54 40.48 16.20
C ILE E 110 -38.93 39.90 16.31
N THR E 111 -39.07 38.57 16.43
CA THR E 111 -40.39 37.99 16.67
C THR E 111 -40.87 38.29 18.09
N GLY E 112 -39.96 38.37 19.05
CA GLY E 112 -40.34 38.65 20.42
C GLY E 112 -40.44 40.12 20.79
N TYR E 113 -40.10 41.02 19.88
CA TYR E 113 -40.09 42.45 20.17
C TYR E 113 -40.79 43.21 19.05
N ASN E 114 -41.47 44.29 19.43
CA ASN E 114 -42.14 45.20 18.49
C ASN E 114 -43.11 44.39 17.64
N SER E 115 -43.29 44.78 16.37
CA SER E 115 -44.16 44.05 15.47
C SER E 115 -43.59 42.67 15.19
N ASN E 116 -44.48 41.70 15.02
CA ASN E 116 -44.08 40.32 14.80
C ASN E 116 -45.10 39.63 13.92
N SER E 117 -44.66 38.55 13.28
CA SER E 117 -45.47 37.78 12.32
C SER E 117 -46.17 38.68 11.31
N ALA E 118 -45.54 39.81 10.97
CA ALA E 118 -46.11 40.79 10.07
C ALA E 118 -45.48 40.74 8.68
N GLY E 119 -44.75 39.67 8.38
CA GLY E 119 -44.06 39.57 7.11
C GLY E 119 -42.70 40.25 7.15
N ALA E 120 -42.63 41.43 7.78
CA ALA E 120 -41.37 42.12 7.94
C ALA E 120 -40.39 41.32 8.80
N THR E 121 -40.90 40.42 9.65
CA THR E 121 -40.01 39.57 10.44
C THR E 121 -39.15 38.69 9.54
N LEU E 122 -39.75 38.09 8.52
CA LEU E 122 -38.99 37.25 7.60
C LEU E 122 -37.94 38.07 6.85
N GLY E 123 -38.29 39.27 6.41
CA GLY E 123 -37.33 40.11 5.72
C GLY E 123 -36.16 40.51 6.61
N VAL E 124 -36.46 40.91 7.84
CA VAL E 124 -35.40 41.29 8.77
C VAL E 124 -34.51 40.08 9.08
N GLY E 125 -35.12 38.90 9.26
CA GLY E 125 -34.34 37.71 9.51
C GLY E 125 -33.43 37.36 8.34
N LEU E 126 -33.95 37.47 7.12
CA LEU E 126 -33.14 37.19 5.94
C LEU E 126 -31.99 38.19 5.81
N ALA E 127 -32.26 39.46 6.05
CA ALA E 127 -31.19 40.46 5.99
C ALA E 127 -30.13 40.20 7.05
N ALA E 128 -30.56 39.84 8.27
CA ALA E 128 -29.60 39.54 9.32
C ALA E 128 -28.77 38.30 8.98
N GLY E 129 -29.41 37.27 8.42
CA GLY E 129 -28.66 36.10 8.01
C GLY E 129 -27.64 36.40 6.93
N LEU E 130 -28.03 37.21 5.94
CA LEU E 130 -27.10 37.59 4.89
C LEU E 130 -25.94 38.40 5.44
N VAL E 131 -26.22 39.33 6.35
CA VAL E 131 -25.15 40.13 6.94
C VAL E 131 -24.22 39.26 7.77
N GLY E 132 -24.78 38.30 8.52
CA GLY E 132 -23.95 37.40 9.28
C GLY E 132 -23.06 36.53 8.40
N MET E 133 -23.61 36.02 7.30
CA MET E 133 -22.81 35.23 6.38
C MET E 133 -21.70 36.08 5.76
N ALA E 134 -22.02 37.31 5.38
CA ALA E 134 -20.99 38.20 4.83
C ALA E 134 -19.89 38.47 5.83
N ALA E 135 -20.25 38.74 7.08
CA ALA E 135 -19.26 39.01 8.11
C ALA E 135 -18.40 37.78 8.39
N ASP E 136 -19.02 36.60 8.41
CA ASP E 136 -18.26 35.38 8.64
C ASP E 136 -17.31 35.09 7.47
N ALA E 137 -17.74 35.38 6.25
CA ALA E 137 -16.89 35.13 5.09
C ALA E 137 -15.75 36.13 4.99
N MET E 138 -15.92 37.33 5.52
CA MET E 138 -14.91 38.38 5.42
C MET E 138 -13.81 38.25 6.46
N VAL E 139 -13.91 37.28 7.36
CA VAL E 139 -12.85 37.04 8.35
C VAL E 139 -11.97 35.92 7.83
N GLU E 140 -10.69 36.22 7.62
CA GLU E 140 -9.75 35.29 7.01
C GLU E 140 -8.58 35.07 7.95
N ASP E 141 -8.19 33.80 8.10
CA ASP E 141 -7.01 33.45 8.89
C ASP E 141 -5.85 33.27 7.91
N VAL E 142 -5.20 34.37 7.57
CA VAL E 142 -4.23 34.39 6.50
C VAL E 142 -2.86 33.99 7.03
N ASN E 143 -2.16 33.21 6.21
CA ASN E 143 -0.82 32.73 6.50
C ASN E 143 0.03 32.91 5.24
N TYR E 144 1.12 33.66 5.36
CA TYR E 144 2.07 33.87 4.28
C TYR E 144 3.27 32.96 4.49
N THR E 145 3.58 32.15 3.48
CA THR E 145 4.72 31.25 3.51
C THR E 145 5.75 31.74 2.51
N MET E 146 7.02 31.76 2.92
CA MET E 146 8.09 32.26 2.07
C MET E 146 9.25 31.29 2.10
N ILE E 147 9.80 30.99 0.92
CA ILE E 147 10.90 30.06 0.76
C ILE E 147 12.08 30.83 0.20
N THR E 148 13.20 30.80 0.92
CA THR E 148 14.43 31.49 0.56
C THR E 148 15.56 30.48 0.43
N ASP E 149 16.38 30.64 -0.59
CA ASP E 149 17.54 29.79 -0.81
C ASP E 149 18.81 30.58 -0.51
N VAL E 150 19.69 29.99 0.29
CA VAL E 150 20.93 30.64 0.71
C VAL E 150 22.10 29.82 0.22
N GLN E 151 23.12 30.50 -0.30
CA GLN E 151 24.34 29.86 -0.76
C GLN E 151 25.54 30.62 -0.20
N ILE E 152 26.30 29.95 0.66
CA ILE E 152 27.44 30.54 1.34
C ILE E 152 28.72 30.03 0.68
N ALA E 153 29.60 30.94 0.30
CA ALA E 153 30.87 30.59 -0.31
C ALA E 153 32.00 30.97 0.63
N GLU E 154 32.92 30.04 0.84
CA GLU E 154 34.06 30.23 1.73
C GLU E 154 35.33 29.92 0.96
N ARG E 155 36.30 30.83 1.01
CA ARG E 155 37.56 30.65 0.32
C ARG E 155 38.44 29.68 1.08
N THR E 156 39.12 28.78 0.36
CA THR E 156 39.97 27.77 0.97
C THR E 156 41.32 27.76 0.28
N LYS E 157 42.16 26.80 0.66
CA LYS E 157 43.47 26.62 0.08
C LYS E 157 43.58 25.39 -0.81
N ALA E 158 42.66 24.44 -0.69
CA ALA E 158 42.66 23.25 -1.52
C ALA E 158 41.96 23.54 -2.85
N THR E 159 42.48 22.95 -3.92
CA THR E 159 41.88 23.14 -5.23
C THR E 159 40.52 22.46 -5.28
N VAL E 160 39.51 23.19 -5.72
CA VAL E 160 38.14 22.70 -5.78
C VAL E 160 37.75 22.59 -7.24
N THR E 161 37.34 21.40 -7.66
CA THR E 161 36.90 21.17 -9.02
C THR E 161 35.38 21.19 -9.06
N THR E 162 34.82 22.10 -9.84
CA THR E 162 33.38 22.21 -10.03
C THR E 162 33.01 21.53 -11.35
N ASP E 163 32.13 20.55 -11.27
CA ASP E 163 31.68 19.81 -12.44
C ASP E 163 30.23 20.19 -12.71
N ASN E 164 30.04 21.12 -13.65
CA ASN E 164 28.71 21.52 -14.04
C ASN E 164 28.07 20.40 -14.86
N VAL E 165 26.93 19.91 -14.40
CA VAL E 165 26.15 18.88 -15.08
C VAL E 165 24.72 19.34 -15.15
N ALA E 166 24.19 19.48 -16.36
CA ALA E 166 22.81 19.92 -16.58
C ALA E 166 22.14 19.02 -17.58
N ALA E 167 20.88 18.70 -17.33
CA ALA E 167 20.08 17.86 -18.23
C ALA E 167 18.87 18.69 -18.66
N LEU E 168 19.03 19.48 -19.70
CA LEU E 168 17.96 20.34 -20.18
C LEU E 168 16.93 19.50 -20.92
N ARG E 169 15.73 19.40 -20.35
CA ARG E 169 14.69 18.57 -20.94
C ARG E 169 14.32 19.08 -22.33
N GLN E 170 14.05 18.14 -23.25
CA GLN E 170 13.73 18.45 -24.63
C GLN E 170 12.52 17.61 -25.02
N GLY E 171 11.34 18.20 -24.87
CA GLY E 171 10.10 17.70 -25.41
C GLY E 171 9.81 16.23 -25.19
N THR E 172 9.55 15.82 -23.96
CA THR E 172 9.17 14.43 -23.67
C THR E 172 10.24 13.46 -24.10
N SER E 173 10.55 13.47 -25.40
CA SER E 173 11.51 12.56 -26.01
C SER E 173 12.82 12.46 -25.26
N GLY E 174 13.57 13.55 -25.12
CA GLY E 174 14.95 13.47 -24.67
C GLY E 174 15.41 14.63 -23.86
N ALA E 175 16.73 14.87 -23.88
CA ALA E 175 17.34 15.97 -23.17
C ALA E 175 18.68 16.28 -23.78
N LYS E 176 19.16 17.49 -23.53
CA LYS E 176 20.51 17.89 -23.88
C LYS E 176 21.33 17.93 -22.61
N ILE E 177 22.41 17.15 -22.58
CA ILE E 177 23.25 17.04 -21.39
C ILE E 177 24.48 17.90 -21.60
N GLN E 178 24.65 18.90 -20.74
CA GLN E 178 25.79 19.79 -20.76
C GLN E 178 26.70 19.48 -19.57
N THR E 179 27.99 19.33 -19.84
CA THR E 179 28.97 19.06 -18.80
C THR E 179 30.18 19.95 -19.00
N SER E 180 30.72 20.45 -17.90
CA SER E 180 31.93 21.25 -17.95
C SER E 180 32.67 21.12 -16.63
N THR E 181 33.96 21.46 -16.64
CA THR E 181 34.80 21.33 -15.47
C THR E 181 35.62 22.61 -15.29
N GLU E 182 35.59 23.15 -14.07
CA GLU E 182 36.39 24.32 -13.73
C GLU E 182 37.14 24.04 -12.43
N THR E 183 38.22 24.80 -12.22
CA THR E 183 39.03 24.66 -11.02
C THR E 183 39.15 26.02 -10.34
N GLY E 184 38.90 26.06 -9.04
CA GLY E 184 38.98 27.30 -8.30
C GLY E 184 39.11 27.03 -6.82
N ASN E 185 39.55 28.05 -6.08
CA ASN E 185 39.77 27.95 -4.65
C ASN E 185 38.59 28.56 -3.91
N GLN E 186 37.48 27.83 -3.89
CA GLN E 186 36.28 28.30 -3.21
C GLN E 186 35.32 27.15 -3.01
N HIS E 187 34.84 26.99 -1.79
CA HIS E 187 33.80 26.02 -1.47
C HIS E 187 32.45 26.72 -1.41
N LYS E 188 31.41 26.03 -1.82
CA LYS E 188 30.06 26.58 -1.78
C LYS E 188 29.13 25.58 -1.11
N TYR E 189 28.29 26.08 -0.22
CA TYR E 189 27.30 25.26 0.47
C TYR E 189 25.94 25.93 0.36
N GLN E 190 24.89 25.14 0.42
CA GLN E 190 23.54 25.66 0.27
C GLN E 190 22.72 25.39 1.53
N THR E 191 21.56 26.04 1.59
CA THR E 191 20.60 25.82 2.65
C THR E 191 19.30 26.52 2.27
N ARG E 192 18.24 26.22 3.01
CA ARG E 192 16.92 26.76 2.73
C ARG E 192 16.32 27.30 4.02
N VAL E 193 15.65 28.44 3.91
CA VAL E 193 14.98 29.07 5.05
C VAL E 193 13.50 29.21 4.72
N VAL E 194 12.65 28.82 5.65
CA VAL E 194 11.21 28.89 5.48
C VAL E 194 10.65 29.86 6.52
N SER E 195 9.88 30.83 6.05
CA SER E 195 9.29 31.86 6.90
C SER E 195 7.77 31.78 6.82
N ASN E 196 7.12 32.04 7.95
CA ASN E 196 5.67 32.03 8.04
C ASN E 196 5.22 33.25 8.81
N ALA E 197 4.19 33.92 8.30
CA ALA E 197 3.58 35.07 8.96
C ALA E 197 2.09 34.83 9.02
N ASN E 198 1.54 34.72 10.22
CA ASN E 198 0.16 34.33 10.42
C ASN E 198 -0.57 35.43 11.19
N LYS E 199 -1.79 35.74 10.74
CA LYS E 199 -2.65 36.69 11.45
C LYS E 199 -4.03 36.61 10.82
N VAL E 200 -4.97 37.35 11.40
CA VAL E 200 -6.32 37.45 10.87
C VAL E 200 -6.42 38.69 10.00
N ASN E 201 -6.86 38.51 8.75
CA ASN E 201 -6.97 39.61 7.79
C ASN E 201 -5.66 40.37 7.67
N LEU E 202 -4.56 39.63 7.62
CA LEU E 202 -3.23 40.22 7.57
C LEU E 202 -2.92 40.75 6.18
N LYS E 203 -2.31 41.91 6.11
CA LYS E 203 -1.78 42.47 4.88
C LYS E 203 -0.27 42.37 4.91
N PHE E 204 0.31 41.97 3.78
CA PHE E 204 1.75 41.68 3.75
C PHE E 204 2.59 42.90 4.09
N GLU E 205 2.07 44.11 3.88
CA GLU E 205 2.85 45.30 4.20
C GLU E 205 3.14 45.39 5.69
N GLU E 206 2.26 44.85 6.53
CA GLU E 206 2.51 44.86 7.97
C GLU E 206 3.52 43.79 8.36
N ALA E 207 3.47 42.62 7.74
CA ALA E 207 4.36 41.52 8.09
C ALA E 207 5.73 41.64 7.44
N LYS E 208 5.90 42.53 6.47
CA LYS E 208 7.17 42.63 5.76
C LYS E 208 8.36 42.98 6.65
N PRO E 209 8.29 44.01 7.51
CA PRO E 209 9.52 44.40 8.23
C PRO E 209 10.03 43.35 9.19
N VAL E 210 9.15 42.73 9.98
CA VAL E 210 9.60 41.72 10.93
C VAL E 210 10.08 40.46 10.19
N LEU E 211 9.45 40.15 9.05
CA LEU E 211 9.91 39.04 8.23
C LEU E 211 11.33 39.28 7.75
N GLU E 212 11.60 40.49 7.25
CA GLU E 212 12.96 40.83 6.83
C GLU E 212 13.92 40.78 8.00
N ASP E 213 13.51 41.28 9.17
CA ASP E 213 14.38 41.28 10.33
C ASP E 213 14.80 39.88 10.70
N GLN E 214 13.83 38.97 10.83
CA GLN E 214 14.14 37.60 11.23
C GLN E 214 14.98 36.89 10.18
N LEU E 215 14.65 37.06 8.90
CA LEU E 215 15.42 36.40 7.85
C LEU E 215 16.86 36.89 7.83
N ALA E 216 17.04 38.21 7.93
CA ALA E 216 18.40 38.75 7.95
C ALA E 216 19.17 38.28 9.16
N LYS E 217 18.53 38.24 10.32
CA LYS E 217 19.22 37.79 11.52
C LYS E 217 19.67 36.35 11.39
N SER E 218 18.81 35.48 10.84
CA SER E 218 19.18 34.09 10.68
C SER E 218 20.34 33.92 9.70
N ILE E 219 20.23 34.59 8.54
CA ILE E 219 21.28 34.45 7.53
C ILE E 219 22.61 34.98 8.05
N ALA E 220 22.58 36.10 8.77
CA ALA E 220 23.81 36.62 9.35
C ALA E 220 24.37 35.70 10.43
N ASN E 221 23.48 35.12 11.24
CA ASN E 221 23.93 34.22 12.31
C ASN E 221 24.53 32.95 11.75
N ILE E 222 24.27 32.63 10.48
CA ILE E 222 25.02 31.54 9.86
C ILE E 222 26.52 31.76 10.02
N LEU E 223 26.97 33.01 9.86
CA LEU E 223 28.39 33.33 9.98
C LEU E 223 28.91 33.22 11.40
N GLY E 224 28.07 33.35 12.41
CA GLY E 224 28.50 33.22 13.79
C GLY E 224 28.96 34.50 14.43
N SER E 225 30.27 34.69 14.55
CA SER E 225 30.82 35.89 15.16
C SER E 225 32.28 36.11 14.76
N CYS F 1 -14.61 23.29 29.94
CA CYS F 1 -14.09 22.23 30.81
C CYS F 1 -12.78 21.67 30.25
N GLY F 2 -12.71 21.56 28.92
CA GLY F 2 -11.47 21.11 28.30
C GLY F 2 -10.31 22.05 28.58
N ALA F 3 -10.56 23.36 28.54
CA ALA F 3 -9.54 24.32 28.92
C ALA F 3 -9.14 24.16 30.37
N MET F 4 -10.12 23.93 31.25
CA MET F 4 -9.81 23.69 32.65
C MET F 4 -8.96 22.44 32.82
N SER F 5 -9.29 21.38 32.08
CA SER F 5 -8.49 20.16 32.16
C SER F 5 -7.07 20.40 31.70
N THR F 6 -6.89 21.15 30.60
CA THR F 6 -5.55 21.45 30.12
C THR F 6 -4.78 22.28 31.14
N ALA F 7 -5.44 23.28 31.73
CA ALA F 7 -4.76 24.13 32.71
C ALA F 7 -4.36 23.33 33.95
N ILE F 8 -5.22 22.42 34.39
CA ILE F 8 -4.88 21.61 35.55
C ILE F 8 -3.75 20.64 35.23
N LYS F 9 -3.83 19.98 34.08
CA LYS F 9 -2.85 18.96 33.70
C LYS F 9 -1.45 19.56 33.57
N LYS F 10 -1.28 20.46 32.61
CA LYS F 10 0.04 21.05 32.33
C LYS F 10 0.16 22.41 33.00
N ARG F 11 0.08 22.41 34.33
CA ARG F 11 0.22 23.62 35.11
C ARG F 11 1.68 23.94 35.46
N ASN F 12 2.59 23.02 35.20
CA ASN F 12 4.00 23.20 35.52
C ASN F 12 4.83 23.07 34.26
N LEU F 13 5.90 23.86 34.18
CA LEU F 13 6.79 23.84 33.03
C LEU F 13 7.48 22.49 32.94
N GLU F 14 7.28 21.78 31.84
CA GLU F 14 7.89 20.47 31.64
C GLU F 14 8.90 20.57 30.51
N VAL F 15 10.15 20.21 30.79
CA VAL F 15 11.25 20.35 29.84
C VAL F 15 11.92 19.00 29.63
N LYS F 16 12.06 18.60 28.38
CA LYS F 16 12.68 17.35 28.00
C LYS F 16 13.81 17.62 27.02
N THR F 17 14.92 16.91 27.18
CA THR F 17 16.08 17.06 26.32
C THR F 17 16.59 15.69 25.95
N GLN F 18 16.56 15.36 24.66
CA GLN F 18 16.91 14.03 24.19
C GLN F 18 17.98 14.11 23.11
N MET F 19 19.08 13.40 23.33
CA MET F 19 20.14 13.29 22.32
C MET F 19 19.78 12.18 21.34
N SER F 20 20.17 12.37 20.08
CA SER F 20 19.78 11.41 19.04
C SER F 20 20.59 10.12 19.16
N GLU F 21 21.91 10.22 19.07
CA GLU F 21 22.77 9.05 19.11
C GLU F 21 24.00 9.35 19.95
N THR F 22 24.72 8.29 20.32
CA THR F 22 25.88 8.39 21.20
C THR F 22 27.15 8.58 20.39
N ILE F 23 28.00 9.48 20.85
CA ILE F 23 29.33 9.68 20.28
C ILE F 23 30.33 9.09 21.24
N TRP F 24 31.07 8.07 20.79
CA TRP F 24 32.02 7.37 21.64
C TRP F 24 33.39 8.01 21.50
N LEU F 25 33.98 8.40 22.62
CA LEU F 25 35.31 8.99 22.66
C LEU F 25 36.24 8.09 23.45
N GLU F 26 37.40 7.79 22.88
CA GLU F 26 38.37 6.98 23.59
C GLU F 26 38.91 7.73 24.80
N PRO F 27 39.22 7.02 25.88
CA PRO F 27 39.80 7.69 27.06
C PRO F 27 41.11 8.37 26.71
N ALA F 28 41.32 9.56 27.27
CA ALA F 28 42.51 10.33 27.00
C ALA F 28 42.80 11.24 28.19
N SER F 29 44.05 11.66 28.29
CA SER F 29 44.50 12.54 29.36
C SER F 29 44.50 14.01 28.98
N GLU F 30 44.06 14.34 27.77
CA GLU F 30 44.04 15.73 27.34
C GLU F 30 42.80 16.44 27.86
N ARG F 31 42.95 17.73 28.14
CA ARG F 31 41.91 18.51 28.79
C ARG F 31 41.42 19.71 27.99
N THR F 32 42.16 20.16 26.98
CA THR F 32 41.83 21.42 26.31
C THR F 32 40.60 21.27 25.42
N VAL F 33 39.68 22.24 25.55
CA VAL F 33 38.44 22.27 24.78
C VAL F 33 38.27 23.65 24.18
N PHE F 34 37.75 23.70 22.95
CA PHE F 34 37.42 24.95 22.28
C PHE F 34 35.95 24.93 21.88
N LEU F 35 35.21 25.96 22.26
CA LEU F 35 33.78 26.03 22.04
C LEU F 35 33.45 26.95 20.88
N GLN F 36 32.42 26.59 20.11
CA GLN F 36 31.91 27.46 19.05
C GLN F 36 30.41 27.21 18.95
N ILE F 37 29.62 28.16 19.45
CA ILE F 37 28.18 28.03 19.54
C ILE F 37 27.53 29.10 18.67
N LYS F 38 26.62 28.67 17.81
CA LYS F 38 25.88 29.58 16.94
C LYS F 38 24.39 29.33 17.09
N ASN F 39 23.59 30.33 16.72
CA ASN F 39 22.15 30.28 16.88
C ASN F 39 21.51 30.87 15.63
N THR F 40 20.93 30.02 14.78
CA THR F 40 20.25 30.45 13.57
C THR F 40 18.74 30.30 13.69
N SER F 41 18.22 30.32 14.91
CA SER F 41 16.79 30.22 15.15
C SER F 41 16.23 31.58 15.58
N ASP F 42 14.91 31.71 15.50
CA ASP F 42 14.27 32.96 15.87
C ASP F 42 14.31 33.18 17.38
N LYS F 43 14.35 32.10 18.16
CA LYS F 43 14.44 32.25 19.61
C LYS F 43 15.83 32.70 20.01
N ASP F 44 15.92 33.21 21.24
CA ASP F 44 17.16 33.76 21.77
C ASP F 44 17.72 32.82 22.82
N MET F 45 18.93 32.30 22.57
CA MET F 45 19.67 31.50 23.55
C MET F 45 21.06 32.11 23.63
N SER F 46 21.22 33.15 24.46
CA SER F 46 22.48 33.87 24.54
C SER F 46 23.41 33.30 25.59
N GLY F 47 22.88 32.74 26.66
CA GLY F 47 23.70 32.19 27.72
C GLY F 47 24.12 30.75 27.52
N LEU F 48 23.81 30.15 26.38
CA LEU F 48 24.13 28.74 26.18
C LEU F 48 25.64 28.50 26.17
N GLN F 49 26.40 29.39 25.52
CA GLN F 49 27.85 29.22 25.47
C GLN F 49 28.46 29.29 26.86
N GLY F 50 28.03 30.27 27.66
CA GLY F 50 28.56 30.39 29.01
C GLY F 50 28.24 29.19 29.87
N LYS F 51 27.01 28.69 29.76
CA LYS F 51 26.62 27.52 30.54
C LYS F 51 27.39 26.28 30.10
N ILE F 52 27.61 26.12 28.80
CA ILE F 52 28.43 25.01 28.32
C ILE F 52 29.84 25.12 28.87
N ALA F 53 30.41 26.32 28.85
CA ALA F 53 31.75 26.51 29.38
C ALA F 53 31.82 26.18 30.86
N ASP F 54 30.82 26.62 31.63
CA ASP F 54 30.81 26.33 33.06
C ASP F 54 30.69 24.83 33.32
N ALA F 55 29.80 24.15 32.59
CA ALA F 55 29.64 22.72 32.79
C ALA F 55 30.90 21.95 32.40
N VAL F 56 31.57 22.39 31.33
CA VAL F 56 32.81 21.73 30.92
C VAL F 56 33.90 21.96 31.96
N LYS F 57 34.01 23.18 32.49
CA LYS F 57 35.01 23.45 33.51
C LYS F 57 34.73 22.66 34.79
N ALA F 58 33.46 22.40 35.08
CA ALA F 58 33.12 21.62 36.26
C ALA F 58 33.62 20.18 36.17
N LYS F 59 33.90 19.68 34.98
CA LYS F 59 34.39 18.32 34.79
C LYS F 59 35.90 18.23 34.79
N GLY F 60 36.61 19.32 35.02
CA GLY F 60 38.05 19.34 35.02
C GLY F 60 38.68 19.73 33.70
N TYR F 61 37.90 19.86 32.63
CA TYR F 61 38.44 20.31 31.36
C TYR F 61 38.78 21.79 31.42
N GLN F 62 39.68 22.21 30.54
CA GLN F 62 40.14 23.58 30.46
C GLN F 62 39.73 24.17 29.12
N VAL F 63 39.04 25.30 29.16
CA VAL F 63 38.51 25.92 27.95
C VAL F 63 39.53 26.94 27.44
N VAL F 64 39.89 26.81 26.16
CA VAL F 64 40.86 27.70 25.53
C VAL F 64 40.16 28.46 24.42
N THR F 65 40.81 29.53 23.95
CA THR F 65 40.23 30.40 22.95
C THR F 65 40.72 30.11 21.53
N SER F 66 41.99 29.76 21.36
CA SER F 66 42.53 29.50 20.04
C SER F 66 42.28 28.04 19.68
N PRO F 67 41.60 27.74 18.56
CA PRO F 67 41.30 26.34 18.23
C PRO F 67 42.53 25.52 17.89
N ASP F 68 43.67 26.15 17.59
CA ASP F 68 44.84 25.41 17.17
C ASP F 68 45.38 24.51 18.28
N LYS F 69 45.36 24.99 19.52
CA LYS F 69 45.94 24.26 20.64
C LYS F 69 44.89 23.55 21.49
N ALA F 70 43.69 23.34 20.96
CA ALA F 70 42.65 22.64 21.68
C ALA F 70 42.58 21.19 21.21
N TYR F 71 42.56 20.27 22.18
CA TYR F 71 42.43 18.86 21.82
C TYR F 71 41.01 18.52 21.37
N TYR F 72 40.02 19.10 22.04
CA TYR F 72 38.62 18.85 21.72
C TYR F 72 37.98 20.11 21.17
N TRP F 73 37.04 19.94 20.26
CA TRP F 73 36.19 21.02 19.78
C TRP F 73 34.74 20.66 20.07
N ILE F 74 33.98 21.63 20.56
CA ILE F 74 32.54 21.49 20.72
C ILE F 74 31.91 22.54 19.84
N GLN F 75 31.40 22.13 18.69
CA GLN F 75 30.71 23.00 17.76
C GLN F 75 29.23 22.70 17.85
N ALA F 76 28.44 23.72 18.20
CA ALA F 76 27.01 23.55 18.37
C ALA F 76 26.28 24.64 17.61
N ASN F 77 25.12 24.28 17.04
CA ASN F 77 24.29 25.24 16.32
C ASN F 77 22.84 24.98 16.71
N VAL F 78 22.22 25.97 17.35
CA VAL F 78 20.80 25.90 17.66
C VAL F 78 20.07 26.16 16.35
N LEU F 79 19.68 25.10 15.65
CA LEU F 79 19.27 25.22 14.26
C LEU F 79 17.84 25.70 14.14
N LYS F 80 16.90 24.99 14.75
CA LYS F 80 15.48 25.24 14.51
C LYS F 80 14.73 25.46 15.81
N ALA F 81 13.65 26.22 15.72
CA ALA F 81 12.76 26.42 16.86
C ALA F 81 11.35 26.62 16.34
N ASP F 82 10.40 25.92 16.94
CA ASP F 82 9.01 25.96 16.52
C ASP F 82 8.13 26.02 17.76
N LYS F 83 6.95 26.62 17.61
CA LYS F 83 5.97 26.70 18.68
C LYS F 83 4.65 26.17 18.17
N MET F 84 4.03 25.27 18.93
CA MET F 84 2.77 24.68 18.50
C MET F 84 1.82 24.57 19.68
N ASP F 85 0.55 24.37 19.37
CA ASP F 85 -0.49 24.16 20.37
C ASP F 85 -0.93 22.70 20.30
N LEU F 86 -0.78 22.00 21.42
CA LEU F 86 -1.16 20.59 21.45
C LEU F 86 -2.67 20.41 21.34
N ARG F 87 -3.44 21.38 21.85
CA ARG F 87 -4.89 21.29 21.76
C ARG F 87 -5.37 21.27 20.31
N GLU F 88 -4.58 21.82 19.38
CA GLU F 88 -4.91 21.77 17.97
C GLU F 88 -4.91 20.36 17.40
N SER F 89 -4.33 19.39 18.12
CA SER F 89 -4.31 18.02 17.62
C SER F 89 -5.71 17.45 17.48
N GLN F 90 -6.61 17.82 18.39
CA GLN F 90 -8.01 17.39 18.29
C GLN F 90 -8.77 18.15 17.20
N GLY F 91 -8.28 19.33 16.80
CA GLY F 91 -8.96 20.10 15.78
C GLY F 91 -10.23 20.74 16.30
N TRP F 92 -11.22 19.91 16.60
CA TRP F 92 -12.49 20.37 17.14
C TRP F 92 -12.39 20.48 18.66
N LEU F 93 -13.42 21.08 19.26
CA LEU F 93 -13.50 21.36 20.69
C LEU F 93 -12.38 22.27 21.18
N ASN F 94 -11.62 22.88 20.26
CA ASN F 94 -10.53 23.77 20.61
C ASN F 94 -10.80 25.22 20.26
N ARG F 95 -11.57 25.47 19.20
CA ARG F 95 -11.86 26.84 18.79
C ARG F 95 -12.59 27.61 19.89
N GLY F 96 -13.41 26.93 20.67
CA GLY F 96 -14.15 27.59 21.72
C GLY F 96 -15.61 27.23 21.77
N TYR F 97 -16.00 26.20 21.02
CA TYR F 97 -17.40 25.79 20.98
C TYR F 97 -17.89 25.33 22.34
N GLU F 98 -17.06 24.56 23.05
CA GLU F 98 -17.48 24.04 24.35
C GLU F 98 -17.64 25.15 25.37
N GLY F 99 -16.71 26.10 25.40
CA GLY F 99 -16.85 27.23 26.29
C GLY F 99 -18.07 28.07 25.97
N ALA F 100 -18.34 28.24 24.67
CA ALA F 100 -19.55 28.95 24.25
C ALA F 100 -20.80 28.23 24.73
N ALA F 101 -20.79 26.90 24.63
CA ALA F 101 -21.93 26.10 25.07
C ALA F 101 -22.17 26.27 26.57
N VAL F 102 -21.09 26.23 27.36
CA VAL F 102 -21.21 26.39 28.80
C VAL F 102 -21.74 27.78 29.12
N GLY F 103 -21.21 28.80 28.45
CA GLY F 103 -21.68 30.15 28.66
C GLY F 103 -23.14 30.34 28.32
N ALA F 104 -23.58 29.70 27.23
CA ALA F 104 -24.99 29.76 26.84
C ALA F 104 -25.87 29.07 27.88
N ALA F 105 -25.44 27.90 28.34
CA ALA F 105 -26.18 27.15 29.35
C ALA F 105 -26.25 27.93 30.66
N LEU F 106 -25.29 28.83 30.87
CA LEU F 106 -25.33 29.70 32.05
C LEU F 106 -26.57 30.58 32.06
N GLY F 107 -27.20 30.81 30.90
CA GLY F 107 -28.41 31.62 30.86
C GLY F 107 -29.54 31.06 31.71
N ALA F 108 -29.57 29.73 31.88
CA ALA F 108 -30.52 29.13 32.82
C ALA F 108 -30.28 29.62 34.24
N GLY F 109 -29.05 30.08 34.53
CA GLY F 109 -28.77 30.66 35.83
C GLY F 109 -29.42 32.02 36.02
N ILE F 110 -29.83 32.66 34.92
CA ILE F 110 -30.57 33.93 35.02
C ILE F 110 -32.05 33.74 34.75
N THR F 111 -32.47 32.64 34.13
CA THR F 111 -33.89 32.37 33.98
C THR F 111 -34.52 31.99 35.32
N GLY F 112 -33.78 31.34 36.20
CA GLY F 112 -34.30 30.95 37.49
C GLY F 112 -34.14 31.96 38.61
N TYR F 113 -33.50 33.09 38.34
CA TYR F 113 -33.24 34.10 39.36
C TYR F 113 -33.59 35.48 38.84
N ASN F 114 -34.09 36.33 39.73
CA ASN F 114 -34.40 37.73 39.43
C ASN F 114 -35.39 37.77 38.25
N SER F 115 -35.28 38.80 37.42
CA SER F 115 -36.14 38.90 36.25
C SER F 115 -35.82 37.80 35.26
N ASN F 116 -36.85 37.31 34.58
CA ASN F 116 -36.69 36.21 33.63
C ASN F 116 -37.70 36.37 32.51
N SER F 117 -37.39 35.73 31.37
CA SER F 117 -38.20 35.80 30.15
C SER F 117 -38.52 37.25 29.78
N ALA F 118 -37.64 38.18 30.14
CA ALA F 118 -37.86 39.60 29.90
C ALA F 118 -37.05 40.11 28.71
N GLY F 119 -36.51 39.22 27.89
CA GLY F 119 -35.67 39.61 26.79
C GLY F 119 -34.22 39.79 27.22
N ALA F 120 -34.02 40.39 28.40
CA ALA F 120 -32.67 40.54 28.93
C ALA F 120 -32.03 39.20 29.22
N THR F 121 -32.83 38.15 29.44
CA THR F 121 -32.27 36.82 29.65
C THR F 121 -31.47 36.36 28.43
N LEU F 122 -32.02 36.56 27.23
CA LEU F 122 -31.31 36.16 26.01
C LEU F 122 -30.02 36.95 25.86
N GLY F 123 -30.05 38.25 26.12
CA GLY F 123 -28.83 39.05 26.02
C GLY F 123 -27.77 38.62 27.00
N VAL F 124 -28.16 38.37 28.25
CA VAL F 124 -27.20 37.92 29.26
C VAL F 124 -26.64 36.55 28.87
N GLY F 125 -27.49 35.66 28.37
CA GLY F 125 -27.01 34.36 27.94
C GLY F 125 -26.03 34.45 26.78
N LEU F 126 -26.32 35.33 25.82
CA LEU F 126 -25.41 35.50 24.69
C LEU F 126 -24.08 36.09 25.14
N ALA F 127 -24.12 37.07 26.04
CA ALA F 127 -22.88 37.64 26.55
C ALA F 127 -22.07 36.60 27.32
N ALA F 128 -22.74 35.79 28.13
CA ALA F 128 -22.04 34.75 28.87
C ALA F 128 -21.43 33.71 27.93
N GLY F 129 -22.17 33.32 26.88
CA GLY F 129 -21.62 32.39 25.92
C GLY F 129 -20.41 32.95 25.19
N LEU F 130 -20.47 34.22 24.80
CA LEU F 130 -19.34 34.85 24.13
C LEU F 130 -18.13 34.91 25.06
N VAL F 131 -18.35 35.28 26.32
CA VAL F 131 -17.24 35.35 27.28
C VAL F 131 -16.65 33.97 27.51
N GLY F 132 -17.49 32.95 27.61
CA GLY F 132 -16.98 31.59 27.78
C GLY F 132 -16.17 31.12 26.59
N MET F 133 -16.65 31.43 25.37
CA MET F 133 -15.89 31.06 24.18
C MET F 133 -14.55 31.79 24.14
N ALA F 134 -14.55 33.08 24.49
CA ALA F 134 -13.30 33.83 24.51
C ALA F 134 -12.32 33.25 25.53
N ALA F 135 -12.81 32.91 26.72
CA ALA F 135 -11.94 32.34 27.76
C ALA F 135 -11.41 30.98 27.33
N ASP F 136 -12.25 30.16 26.69
CA ASP F 136 -11.80 28.86 26.23
C ASP F 136 -10.77 28.99 25.12
N ALA F 137 -10.92 30.00 24.26
CA ALA F 137 -9.97 30.17 23.15
C ALA F 137 -8.64 30.73 23.63
N MET F 138 -8.64 31.47 24.73
CA MET F 138 -7.42 32.11 25.21
C MET F 138 -6.55 31.18 26.04
N VAL F 139 -6.98 29.95 26.28
CA VAL F 139 -6.17 28.97 26.99
C VAL F 139 -5.47 28.10 25.97
N GLU F 140 -4.13 28.15 25.96
CA GLU F 140 -3.32 27.48 24.97
C GLU F 140 -2.37 26.50 25.66
N ASP F 141 -2.28 25.29 25.11
CA ASP F 141 -1.33 24.29 25.59
C ASP F 141 -0.10 24.36 24.70
N VAL F 142 0.80 25.28 25.02
CA VAL F 142 1.90 25.61 24.14
C VAL F 142 3.07 24.66 24.38
N ASN F 143 3.72 24.29 23.28
CA ASN F 143 4.88 23.42 23.28
C ASN F 143 5.92 24.01 22.35
N TYR F 144 7.11 24.29 22.87
CA TYR F 144 8.24 24.79 22.11
C TYR F 144 9.18 23.64 21.81
N THR F 145 9.52 23.46 20.53
CA THR F 145 10.44 22.43 20.09
C THR F 145 11.70 23.10 19.55
N MET F 146 12.86 22.63 19.99
CA MET F 146 14.14 23.18 19.59
C MET F 146 15.02 22.07 19.06
N ILE F 147 15.64 22.30 17.91
CA ILE F 147 16.51 21.33 17.28
C ILE F 147 17.92 21.93 17.22
N THR F 148 18.88 21.22 17.82
CA THR F 148 20.26 21.66 17.90
C THR F 148 21.16 20.62 17.26
N ASP F 149 22.16 21.07 16.51
CA ASP F 149 23.13 20.20 15.88
C ASP F 149 24.47 20.36 16.59
N VAL F 150 25.09 19.24 16.96
CA VAL F 150 26.34 19.23 17.69
C VAL F 150 27.39 18.52 16.84
N GLN F 151 28.59 19.09 16.80
CA GLN F 151 29.72 18.50 16.08
C GLN F 151 30.93 18.51 16.99
N ILE F 152 31.41 17.33 17.35
CA ILE F 152 32.54 17.17 18.26
C ILE F 152 33.76 16.78 17.44
N ALA F 153 34.86 17.50 17.64
CA ALA F 153 36.11 17.21 16.96
C ALA F 153 37.14 16.74 17.97
N GLU F 154 37.81 15.64 17.65
CA GLU F 154 38.81 15.04 18.52
C GLU F 154 40.10 14.87 17.74
N ARG F 155 41.20 15.33 18.30
CA ARG F 155 42.50 15.25 17.64
C ARG F 155 43.05 13.83 17.77
N THR F 156 43.60 13.30 16.68
CA THR F 156 44.13 11.95 16.65
C THR F 156 45.54 11.96 16.08
N LYS F 157 46.09 10.77 15.89
CA LYS F 157 47.43 10.60 15.32
C LYS F 157 47.41 10.05 13.90
N ALA F 158 46.32 9.41 13.49
CA ALA F 158 46.20 8.89 12.13
C ALA F 158 45.79 10.00 11.19
N THR F 159 46.33 9.96 9.97
CA THR F 159 45.99 10.95 8.98
C THR F 159 44.55 10.76 8.52
N VAL F 160 43.78 11.84 8.54
CA VAL F 160 42.37 11.83 8.20
C VAL F 160 42.19 12.61 6.90
N THR F 161 41.62 11.96 5.89
CA THR F 161 41.35 12.61 4.62
C THR F 161 39.90 13.02 4.58
N THR F 162 39.66 14.32 4.42
CA THR F 162 38.32 14.86 4.28
C THR F 162 38.02 15.10 2.82
N ASP F 163 36.96 14.49 2.32
CA ASP F 163 36.55 14.60 0.92
C ASP F 163 35.27 15.43 0.88
N ASN F 164 35.42 16.72 0.61
CA ASN F 164 34.27 17.60 0.47
C ASN F 164 33.55 17.28 -0.83
N VAL F 165 32.28 16.94 -0.74
CA VAL F 165 31.43 16.65 -1.88
C VAL F 165 30.13 17.43 -1.70
N ALA F 166 29.83 18.31 -2.65
CA ALA F 166 28.63 19.12 -2.61
C ALA F 166 27.95 19.09 -3.96
N ALA F 167 26.62 19.00 -3.95
CA ALA F 167 25.82 19.00 -5.17
C ALA F 167 24.88 20.19 -5.10
N LEU F 168 25.36 21.34 -5.54
CA LEU F 168 24.57 22.57 -5.50
C LEU F 168 23.51 22.53 -6.59
N ARG F 169 22.24 22.47 -6.19
CA ARG F 169 21.15 22.37 -7.14
C ARG F 169 21.10 23.60 -8.04
N GLN F 170 20.83 23.38 -9.33
CA GLN F 170 20.79 24.44 -10.33
C GLN F 170 19.50 24.27 -11.14
N GLY F 171 18.45 24.96 -10.70
CA GLY F 171 17.23 25.15 -11.44
C GLY F 171 16.62 23.92 -12.07
N THR F 172 16.08 23.00 -11.27
CA THR F 172 15.39 21.83 -11.80
C THR F 172 16.31 20.99 -12.68
N SER F 173 16.80 21.62 -13.76
CA SER F 173 17.65 20.96 -14.75
C SER F 173 18.78 20.14 -14.15
N GLY F 174 19.69 20.76 -13.41
CA GLY F 174 20.93 20.08 -13.04
C GLY F 174 21.50 20.50 -11.72
N ALA F 175 22.82 20.38 -11.59
CA ALA F 175 23.52 20.75 -10.38
C ALA F 175 24.99 20.97 -10.71
N LYS F 176 25.66 21.71 -9.83
CA LYS F 176 27.10 21.88 -9.89
C LYS F 176 27.71 21.03 -8.79
N ILE F 177 28.59 20.11 -9.17
CA ILE F 177 29.20 19.18 -8.21
C ILE F 177 30.60 19.67 -7.89
N GLN F 178 30.82 20.01 -6.63
CA GLN F 178 32.13 20.46 -6.14
C GLN F 178 32.74 19.35 -5.31
N THR F 179 34.01 19.04 -5.60
CA THR F 179 34.75 18.02 -4.85
C THR F 179 36.13 18.55 -4.51
N SER F 180 36.59 18.24 -3.30
CA SER F 180 37.93 18.61 -2.89
C SER F 180 38.41 17.62 -1.85
N THR F 181 39.73 17.58 -1.65
CA THR F 181 40.34 16.65 -0.72
C THR F 181 41.37 17.38 0.14
N GLU F 182 41.26 17.21 1.45
CA GLU F 182 42.21 17.76 2.40
C GLU F 182 42.69 16.66 3.34
N THR F 183 43.85 16.89 3.96
CA THR F 183 44.42 15.94 4.91
C THR F 183 44.72 16.66 6.21
N GLY F 184 44.29 16.07 7.32
CA GLY F 184 44.51 16.66 8.63
C GLY F 184 44.36 15.64 9.72
N ASN F 185 44.88 15.97 10.89
CA ASN F 185 44.85 15.07 12.04
C ASN F 185 43.72 15.50 12.98
N GLN F 186 42.49 15.18 12.57
CA GLN F 186 41.33 15.52 13.38
C GLN F 186 40.13 14.73 12.90
N HIS F 187 39.44 14.06 13.82
CA HIS F 187 38.20 13.37 13.54
C HIS F 187 37.03 14.25 13.95
N LYS F 188 35.93 14.15 13.22
CA LYS F 188 34.73 14.92 13.53
C LYS F 188 33.53 14.00 13.53
N TYR F 189 32.67 14.14 14.54
CA TYR F 189 31.45 13.37 14.65
C TYR F 189 30.30 14.33 14.90
N GLN F 190 29.09 13.91 14.53
CA GLN F 190 27.92 14.76 14.65
C GLN F 190 26.89 14.09 15.54
N THR F 191 25.89 14.87 15.93
CA THR F 191 24.74 14.38 16.68
C THR F 191 23.70 15.49 16.72
N ARG F 192 22.50 15.13 17.16
CA ARG F 192 21.38 16.05 17.20
C ARG F 192 20.71 15.97 18.56
N VAL F 193 20.30 17.13 19.08
CA VAL F 193 19.60 17.21 20.36
C VAL F 193 18.25 17.88 20.14
N VAL F 194 17.21 17.27 20.69
CA VAL F 194 15.85 17.78 20.56
C VAL F 194 15.36 18.17 21.94
N SER F 195 14.88 19.40 22.09
CA SER F 195 14.39 19.93 23.35
C SER F 195 12.92 20.30 23.21
N ASN F 196 12.16 20.05 24.27
CA ASN F 196 10.74 20.37 24.32
C ASN F 196 10.44 21.08 25.62
N ALA F 197 9.66 22.16 25.54
CA ALA F 197 9.22 22.91 26.71
C ALA F 197 7.71 23.07 26.59
N ASN F 198 6.97 22.47 27.53
CA ASN F 198 5.52 22.41 27.47
C ASN F 198 4.93 23.08 28.70
N LYS F 199 3.89 23.89 28.48
CA LYS F 199 3.14 24.52 29.57
C LYS F 199 1.90 25.16 28.98
N VAL F 200 1.01 25.63 29.86
CA VAL F 200 -0.19 26.34 29.44
C VAL F 200 0.12 27.83 29.39
N ASN F 201 -0.15 28.44 28.23
CA ASN F 201 0.11 29.87 28.02
C ASN F 201 1.55 30.21 28.35
N LEU F 202 2.48 29.36 27.93
CA LEU F 202 3.89 29.54 28.24
C LEU F 202 4.51 30.60 27.36
N LYS F 203 5.34 31.44 27.96
CA LYS F 203 6.15 32.42 27.25
C LYS F 203 7.59 31.93 27.24
N PHE F 204 8.24 32.04 26.08
CA PHE F 204 9.58 31.46 25.92
C PHE F 204 10.59 32.06 26.89
N GLU F 205 10.36 33.30 27.35
CA GLU F 205 11.30 33.91 28.28
C GLU F 205 11.39 33.14 29.59
N GLU F 206 10.30 32.48 29.99
CA GLU F 206 10.32 31.66 31.19
C GLU F 206 11.03 30.33 30.97
N ALA F 207 10.83 29.72 29.81
CA ALA F 207 11.42 28.42 29.51
C ALA F 207 12.86 28.51 29.06
N LYS F 208 13.35 29.69 28.73
CA LYS F 208 14.72 29.82 28.22
C LYS F 208 15.79 29.34 29.18
N PRO F 209 15.83 29.76 30.45
CA PRO F 209 16.98 29.37 31.30
C PRO F 209 17.10 27.88 31.53
N VAL F 210 16.00 27.19 31.83
CA VAL F 210 16.10 25.75 32.08
C VAL F 210 16.41 25.01 30.79
N LEU F 211 15.91 25.51 29.65
CA LEU F 211 16.26 24.91 28.36
C LEU F 211 17.75 24.99 28.12
N GLU F 212 18.34 26.18 28.36
CA GLU F 212 19.78 26.33 28.23
C GLU F 212 20.53 25.43 29.19
N ASP F 213 20.05 25.34 30.44
CA ASP F 213 20.71 24.50 31.43
C ASP F 213 20.77 23.05 30.98
N GLN F 214 19.63 22.50 30.57
CA GLN F 214 19.60 21.10 30.16
C GLN F 214 20.43 20.86 28.92
N LEU F 215 20.33 21.76 27.93
CA LEU F 215 21.11 21.57 26.70
C LEU F 215 22.60 21.62 26.99
N ALA F 216 23.04 22.58 27.79
CA ALA F 216 24.45 22.68 28.13
C ALA F 216 24.91 21.45 28.90
N LYS F 217 24.11 20.97 29.84
CA LYS F 217 24.50 19.79 30.61
C LYS F 217 24.66 18.58 29.70
N SER F 218 23.74 18.39 28.75
CA SER F 218 23.84 17.25 27.85
C SER F 218 25.09 17.35 26.97
N ILE F 219 25.31 18.53 26.38
CA ILE F 219 26.44 18.68 25.47
C ILE F 219 27.76 18.51 26.23
N ALA F 220 27.83 19.03 27.44
CA ALA F 220 29.05 18.85 28.24
C ALA F 220 29.22 17.39 28.64
N ASN F 221 28.12 16.70 29.00
CA ASN F 221 28.22 15.31 29.39
C ASN F 221 28.62 14.41 28.24
N ILE F 222 28.50 14.89 27.00
CA ILE F 222 29.11 14.14 25.89
C ILE F 222 30.58 13.87 26.18
N LEU F 223 31.29 14.85 26.75
CA LEU F 223 32.71 14.69 27.04
C LEU F 223 32.99 13.73 28.19
N GLY F 224 32.03 13.53 29.10
CA GLY F 224 32.23 12.58 30.18
C GLY F 224 32.83 13.18 31.43
N SER F 225 34.12 12.93 31.65
CA SER F 225 34.81 13.45 32.84
C SER F 225 36.32 13.45 32.65
N CYS G 1 -13.97 6.96 37.56
CA CYS G 1 -13.81 5.51 37.71
C CYS G 1 -12.59 5.01 36.96
N GLY G 2 -12.33 5.61 35.79
CA GLY G 2 -11.13 5.25 35.05
C GLY G 2 -9.87 5.57 35.81
N ALA G 3 -9.84 6.71 36.49
CA ALA G 3 -8.70 7.04 37.34
C ALA G 3 -8.56 6.04 38.48
N MET G 4 -9.70 5.63 39.08
CA MET G 4 -9.65 4.62 40.12
C MET G 4 -9.11 3.30 39.59
N SER G 5 -9.53 2.91 38.38
CA SER G 5 -9.03 1.69 37.78
C SER G 5 -7.52 1.76 37.55
N THR G 6 -7.04 2.90 37.05
CA THR G 6 -5.61 3.07 36.84
C THR G 6 -4.85 3.02 38.15
N ALA G 7 -5.37 3.67 39.19
CA ALA G 7 -4.68 3.68 40.48
C ALA G 7 -4.63 2.29 41.09
N ILE G 8 -5.72 1.52 40.94
CA ILE G 8 -5.73 0.16 41.47
C ILE G 8 -4.79 -0.74 40.69
N LYS G 9 -4.83 -0.65 39.36
CA LYS G 9 -4.02 -1.52 38.52
C LYS G 9 -2.54 -1.32 38.77
N LYS G 10 -2.02 -0.14 38.46
CA LYS G 10 -0.60 0.14 38.58
C LYS G 10 -0.30 0.87 39.88
N ARG G 11 -0.59 0.19 40.99
CA ARG G 11 -0.33 0.74 42.32
C ARG G 11 1.08 0.44 42.81
N ASN G 12 1.82 -0.41 42.10
CA ASN G 12 3.17 -0.79 42.50
C ASN G 12 4.15 -0.43 41.39
N LEU G 13 5.35 -0.02 41.77
CA LEU G 13 6.37 0.34 40.80
C LEU G 13 6.78 -0.89 40.00
N GLU G 14 6.61 -0.84 38.69
CA GLU G 14 6.98 -1.95 37.82
C GLU G 14 8.15 -1.53 36.94
N VAL G 15 9.24 -2.29 37.00
CA VAL G 15 10.47 -1.95 36.30
C VAL G 15 10.88 -3.10 35.40
N LYS G 16 11.14 -2.81 34.13
CA LYS G 16 11.55 -3.79 33.15
C LYS G 16 12.84 -3.34 32.49
N THR G 17 13.75 -4.27 32.26
CA THR G 17 15.04 -4.00 31.64
C THR G 17 15.31 -5.05 30.59
N GLN G 18 15.45 -4.64 29.34
CA GLN G 18 15.60 -5.57 28.23
C GLN G 18 16.81 -5.20 27.38
N MET G 19 17.71 -6.16 27.20
CA MET G 19 18.82 -6.02 26.25
C MET G 19 18.32 -6.26 24.84
N SER G 20 18.95 -5.60 23.87
CA SER G 20 18.54 -5.74 22.48
C SER G 20 19.03 -7.05 21.89
N GLU G 21 20.36 -7.24 21.87
CA GLU G 21 20.95 -8.44 21.29
C GLU G 21 22.06 -8.95 22.21
N THR G 22 22.51 -10.16 21.94
CA THR G 22 23.51 -10.83 22.76
C THR G 22 24.91 -10.59 22.22
N ILE G 23 25.84 -10.30 23.11
CA ILE G 23 27.25 -10.18 22.78
C ILE G 23 27.96 -11.43 23.28
N TRP G 24 28.52 -12.20 22.36
CA TRP G 24 29.18 -13.46 22.70
C TRP G 24 30.66 -13.22 22.96
N LEU G 25 31.12 -13.63 24.12
CA LEU G 25 32.53 -13.51 24.50
C LEU G 25 33.12 -14.89 24.69
N GLU G 26 34.27 -15.13 24.08
CA GLU G 26 34.94 -16.40 24.24
C GLU G 26 35.43 -16.57 25.67
N PRO G 27 35.42 -17.78 26.20
CA PRO G 27 35.94 -18.00 27.55
C PRO G 27 37.40 -17.59 27.66
N ALA G 28 37.75 -16.98 28.78
CA ALA G 28 39.10 -16.51 29.00
C ALA G 28 39.39 -16.46 30.49
N SER G 29 40.67 -16.49 30.83
CA SER G 29 41.12 -16.46 32.21
C SER G 29 41.47 -15.07 32.69
N GLU G 30 41.30 -14.05 31.86
CA GLU G 30 41.62 -12.68 32.24
C GLU G 30 40.49 -12.07 33.06
N ARG G 31 40.86 -11.21 34.00
CA ARG G 31 39.91 -10.65 34.96
C ARG G 31 39.80 -9.13 34.94
N THR G 32 40.75 -8.42 34.33
CA THR G 32 40.79 -6.97 34.46
C THR G 32 39.70 -6.31 33.62
N VAL G 33 38.99 -5.36 34.23
CA VAL G 33 37.92 -4.62 33.57
C VAL G 33 38.12 -3.13 33.82
N PHE G 34 37.83 -2.31 32.82
CA PHE G 34 37.87 -0.86 32.92
C PHE G 34 36.51 -0.30 32.55
N LEU G 35 35.95 0.53 33.42
CA LEU G 35 34.61 1.06 33.25
C LEU G 35 34.65 2.51 32.78
N GLN G 36 33.69 2.87 31.93
CA GLN G 36 33.53 4.26 31.49
C GLN G 36 32.05 4.50 31.26
N ILE G 37 31.41 5.20 32.19
CA ILE G 37 29.97 5.41 32.16
C ILE G 37 29.70 6.91 32.00
N LYS G 38 28.85 7.25 31.03
CA LYS G 38 28.46 8.62 30.78
C LYS G 38 26.94 8.71 30.75
N ASN G 39 26.43 9.92 30.98
CA ASN G 39 24.99 10.16 31.04
C ASN G 39 24.69 11.46 30.31
N THR G 40 24.09 11.36 29.13
CA THR G 40 23.70 12.52 28.34
C THR G 40 22.19 12.71 28.32
N SER G 41 21.50 12.26 29.37
CA SER G 41 20.07 12.41 29.48
C SER G 41 19.74 13.41 30.57
N ASP G 42 18.50 13.90 30.54
CA ASP G 42 18.07 14.88 31.54
C ASP G 42 17.92 14.26 32.92
N LYS G 43 17.62 12.96 32.99
CA LYS G 43 17.52 12.31 34.28
C LYS G 43 18.90 12.11 34.89
N ASP G 44 18.92 11.86 36.19
CA ASP G 44 20.15 11.71 36.94
C ASP G 44 20.32 10.25 37.35
N MET G 45 21.41 9.63 36.89
CA MET G 45 21.81 8.29 37.32
C MET G 45 23.28 8.39 37.71
N SER G 46 23.53 8.78 38.95
CA SER G 46 24.89 8.99 39.42
C SER G 46 25.52 7.73 40.01
N GLY G 47 24.71 6.85 40.59
CA GLY G 47 25.22 5.64 41.19
C GLY G 47 25.37 4.47 40.26
N LEU G 48 25.13 4.65 38.96
CA LEU G 48 25.19 3.53 38.03
C LEU G 48 26.60 2.96 37.93
N GLN G 49 27.61 3.83 37.89
CA GLN G 49 28.99 3.36 37.79
C GLN G 49 29.38 2.53 39.00
N GLY G 50 29.03 3.01 40.20
CA GLY G 50 29.37 2.26 41.40
C GLY G 50 28.68 0.92 41.46
N LYS G 51 27.40 0.87 41.06
CA LYS G 51 26.68 -0.39 41.08
C LYS G 51 27.23 -1.36 40.05
N ILE G 52 27.62 -0.86 38.87
CA ILE G 52 28.26 -1.71 37.87
C ILE G 52 29.57 -2.26 38.41
N ALA G 53 30.36 -1.42 39.07
CA ALA G 53 31.62 -1.89 39.63
C ALA G 53 31.40 -2.96 40.69
N ASP G 54 30.41 -2.75 41.56
CA ASP G 54 30.12 -3.74 42.60
C ASP G 54 29.66 -5.06 42.00
N ALA G 55 28.78 -5.00 41.00
CA ALA G 55 28.29 -6.23 40.37
C ALA G 55 29.41 -6.96 39.66
N VAL G 56 30.30 -6.22 39.00
CA VAL G 56 31.44 -6.85 38.32
C VAL G 56 32.37 -7.50 39.34
N LYS G 57 32.65 -6.80 40.45
CA LYS G 57 33.52 -7.38 41.47
C LYS G 57 32.89 -8.61 42.10
N ALA G 58 31.56 -8.66 42.19
CA ALA G 58 30.90 -9.82 42.75
C ALA G 58 31.11 -11.08 41.90
N LYS G 59 31.46 -10.93 40.64
CA LYS G 59 31.68 -12.05 39.74
C LYS G 59 33.12 -12.53 39.72
N GLY G 60 34.00 -11.93 40.53
CA GLY G 60 35.40 -12.29 40.55
C GLY G 60 36.29 -11.42 39.67
N TYR G 61 35.72 -10.56 38.84
CA TYR G 61 36.52 -9.67 38.03
C TYR G 61 37.14 -8.58 38.89
N GLN G 62 38.24 -8.01 38.39
CA GLN G 62 38.98 -6.97 39.09
C GLN G 62 38.90 -5.69 38.28
N VAL G 63 38.47 -4.61 38.92
CA VAL G 63 38.27 -3.33 38.25
C VAL G 63 39.54 -2.50 38.39
N VAL G 64 40.06 -2.02 37.26
CA VAL G 64 41.26 -1.20 37.23
C VAL G 64 40.90 0.17 36.69
N THR G 65 41.81 1.12 36.89
CA THR G 65 41.59 2.50 36.51
C THR G 65 42.21 2.89 35.18
N SER G 66 43.39 2.36 34.87
CA SER G 66 44.06 2.70 33.61
C SER G 66 43.59 1.77 32.51
N PRO G 67 43.04 2.29 31.41
CA PRO G 67 42.52 1.39 30.36
C PRO G 67 43.60 0.60 29.64
N ASP G 68 44.87 0.99 29.77
CA ASP G 68 45.93 0.30 29.04
C ASP G 68 46.09 -1.13 29.49
N LYS G 69 45.99 -1.39 30.79
CA LYS G 69 46.22 -2.72 31.34
C LYS G 69 44.93 -3.47 31.65
N ALA G 70 43.82 -3.08 31.05
CA ALA G 70 42.55 -3.76 31.26
C ALA G 70 42.25 -4.67 30.07
N TYR G 71 41.90 -5.93 30.37
CA TYR G 71 41.56 -6.85 29.30
C TYR G 71 40.17 -6.53 28.72
N TYR G 72 39.22 -6.17 29.57
CA TYR G 72 37.87 -5.85 29.15
C TYR G 72 37.60 -4.37 29.37
N TRP G 73 36.79 -3.79 28.49
CA TRP G 73 36.25 -2.45 28.68
C TRP G 73 34.74 -2.53 28.70
N ILE G 74 34.13 -1.80 29.63
CA ILE G 74 32.68 -1.64 29.66
C ILE G 74 32.41 -0.15 29.50
N GLN G 75 32.01 0.24 28.29
CA GLN G 75 31.66 1.62 27.99
C GLN G 75 30.15 1.70 27.88
N ALA G 76 29.54 2.55 28.69
CA ALA G 76 28.10 2.69 28.72
C ALA G 76 27.74 4.17 28.65
N ASN G 77 26.63 4.46 27.97
CA ASN G 77 26.12 5.82 27.86
C ASN G 77 24.62 5.78 28.03
N VAL G 78 24.11 6.40 29.10
CA VAL G 78 22.68 6.53 29.29
C VAL G 78 22.23 7.62 28.32
N LEU G 79 21.75 7.21 27.15
CA LEU G 79 21.58 8.16 26.05
C LEU G 79 20.31 8.97 26.19
N LYS G 80 19.16 8.30 26.29
CA LYS G 80 17.89 8.99 26.20
C LYS G 80 17.00 8.67 27.39
N ALA G 81 16.13 9.61 27.73
CA ALA G 81 15.14 9.41 28.78
C ALA G 81 13.90 10.21 28.42
N ASP G 82 12.75 9.56 28.54
CA ASP G 82 11.47 10.17 28.18
C ASP G 82 10.44 9.78 29.22
N LYS G 83 9.45 10.65 29.41
CA LYS G 83 8.35 10.40 30.34
C LYS G 83 7.04 10.58 29.59
N MET G 84 6.14 9.61 29.73
CA MET G 84 4.87 9.66 29.02
C MET G 84 3.75 9.20 29.93
N ASP G 85 2.52 9.53 29.54
CA ASP G 85 1.32 9.10 30.24
C ASP G 85 0.62 8.05 29.39
N LEU G 86 0.44 6.86 29.95
CA LEU G 86 -0.21 5.79 29.21
C LEU G 86 -1.69 6.09 28.98
N ARG G 87 -2.32 6.80 29.91
CA ARG G 87 -3.73 7.15 29.75
C ARG G 87 -3.97 8.01 28.52
N GLU G 88 -2.95 8.72 28.05
CA GLU G 88 -3.07 9.52 26.83
C GLU G 88 -3.26 8.66 25.59
N SER G 89 -2.99 7.35 25.68
CA SER G 89 -3.19 6.48 24.52
C SER G 89 -4.64 6.46 24.07
N GLN G 90 -5.58 6.50 25.01
CA GLN G 90 -7.00 6.56 24.68
C GLN G 90 -7.40 7.94 24.16
N GLY G 91 -6.64 8.98 24.50
CA GLY G 91 -6.98 10.32 24.06
C GLY G 91 -8.17 10.88 24.80
N TRP G 92 -9.34 10.30 24.56
CA TRP G 92 -10.56 10.70 25.24
C TRP G 92 -10.67 9.99 26.58
N LEU G 93 -11.64 10.43 27.39
CA LEU G 93 -11.88 9.94 28.74
C LEU G 93 -10.68 10.14 29.67
N ASN G 94 -9.69 10.91 29.24
CA ASN G 94 -8.50 11.19 30.04
C ASN G 94 -8.42 12.62 30.53
N ARG G 95 -8.95 13.57 29.77
CA ARG G 95 -8.89 14.97 30.17
C ARG G 95 -9.62 15.21 31.49
N GLY G 96 -10.68 14.46 31.76
CA GLY G 96 -11.41 14.62 33.00
C GLY G 96 -12.90 14.68 32.82
N TYR G 97 -13.38 14.33 31.62
CA TYR G 97 -14.81 14.38 31.34
C TYR G 97 -15.58 13.40 32.23
N GLU G 98 -15.04 12.20 32.42
CA GLU G 98 -15.74 11.20 33.21
C GLU G 98 -15.82 11.61 34.69
N GLY G 99 -14.73 12.14 35.24
CA GLY G 99 -14.77 12.63 36.60
C GLY G 99 -15.74 13.78 36.76
N ALA G 100 -15.78 14.67 35.77
CA ALA G 100 -16.73 15.78 35.78
C ALA G 100 -18.16 15.25 35.77
N ALA G 101 -18.41 14.22 34.97
CA ALA G 101 -19.74 13.63 34.88
C ALA G 101 -20.16 13.03 36.22
N VAL G 102 -19.24 12.32 36.87
CA VAL G 102 -19.54 11.72 38.17
C VAL G 102 -19.82 12.82 39.19
N GLY G 103 -19.01 13.86 39.19
CA GLY G 103 -19.21 14.97 40.10
C GLY G 103 -20.54 15.67 39.89
N ALA G 104 -20.94 15.83 38.62
CA ALA G 104 -22.22 16.44 38.32
C ALA G 104 -23.36 15.56 38.78
N ALA G 105 -23.26 14.25 38.53
CA ALA G 105 -24.29 13.31 38.96
C ALA G 105 -24.40 13.28 40.48
N LEU G 106 -23.31 13.64 41.16
CA LEU G 106 -23.36 13.75 42.62
C LEU G 106 -24.39 14.77 43.09
N GLY G 107 -24.77 15.73 42.23
CA GLY G 107 -25.76 16.70 42.62
C GLY G 107 -27.10 16.10 43.00
N ALA G 108 -27.44 14.94 42.42
CA ALA G 108 -28.62 14.21 42.86
C ALA G 108 -28.49 13.79 44.32
N GLY G 109 -27.26 13.70 44.83
CA GLY G 109 -27.08 13.42 46.25
C GLY G 109 -27.45 14.58 47.13
N ILE G 110 -27.55 15.78 46.56
CA ILE G 110 -28.01 16.95 47.32
C ILE G 110 -29.45 17.32 46.98
N THR G 111 -29.98 16.85 45.84
CA THR G 111 -31.40 17.08 45.56
C THR G 111 -32.29 16.23 46.46
N GLY G 112 -31.83 15.04 46.83
CA GLY G 112 -32.60 14.17 47.70
C GLY G 112 -32.42 14.38 49.18
N TYR G 113 -31.53 15.28 49.60
CA TYR G 113 -31.23 15.49 51.01
C TYR G 113 -31.21 16.98 51.31
N ASN G 114 -31.65 17.33 52.52
CA ASN G 114 -31.63 18.71 53.02
C ASN G 114 -32.39 19.60 52.05
N SER G 115 -31.95 20.86 51.92
CA SER G 115 -32.58 21.77 50.97
C SER G 115 -32.34 21.31 49.54
N ASN G 116 -33.33 21.52 48.68
CA ASN G 116 -33.26 21.09 47.30
C ASN G 116 -34.03 22.07 46.43
N SER G 117 -33.69 22.07 45.14
CA SER G 117 -34.27 22.96 44.14
C SER G 117 -34.25 24.41 44.61
N ALA G 118 -33.25 24.77 45.42
CA ALA G 118 -33.14 26.10 46.00
C ALA G 118 -32.06 26.93 45.31
N GLY G 119 -31.60 26.50 44.14
CA GLY G 119 -30.53 27.18 43.45
C GLY G 119 -29.17 26.73 43.93
N ALA G 120 -29.02 26.57 45.25
CA ALA G 120 -27.78 26.05 45.81
C ALA G 120 -27.47 24.65 45.33
N THR G 121 -28.49 23.89 44.92
CA THR G 121 -28.25 22.56 44.38
C THR G 121 -27.39 22.62 43.11
N LEU G 122 -27.69 23.56 42.22
CA LEU G 122 -26.91 23.69 41.00
C LEU G 122 -25.47 24.08 41.31
N GLY G 123 -25.28 25.00 42.25
CA GLY G 123 -23.93 25.40 42.61
C GLY G 123 -23.13 24.26 43.23
N VAL G 124 -23.76 23.51 44.13
CA VAL G 124 -23.07 22.38 44.74
C VAL G 124 -22.74 21.32 43.69
N GLY G 125 -23.67 21.07 42.76
CA GLY G 125 -23.41 20.12 41.70
C GLY G 125 -22.26 20.54 40.80
N LEU G 126 -22.22 21.84 40.46
CA LEU G 126 -21.14 22.34 39.62
C LEU G 126 -19.81 22.24 40.34
N ALA G 127 -19.77 22.59 41.63
CA ALA G 127 -18.52 22.47 42.38
C ALA G 127 -18.07 21.02 42.47
N ALA G 128 -19.01 20.10 42.70
CA ALA G 128 -18.66 18.69 42.77
C ALA G 128 -18.14 18.18 41.43
N GLY G 129 -18.77 18.60 40.33
CA GLY G 129 -18.28 18.21 39.02
C GLY G 129 -16.89 18.74 38.74
N LEU G 130 -16.64 20.00 39.10
CA LEU G 130 -15.31 20.57 38.90
C LEU G 130 -14.27 19.84 39.73
N VAL G 131 -14.60 19.52 40.99
CA VAL G 131 -13.66 18.80 41.85
C VAL G 131 -13.39 17.41 41.29
N GLY G 132 -14.44 16.73 40.81
CA GLY G 132 -14.25 15.42 40.22
C GLY G 132 -13.37 15.45 38.98
N MET G 133 -13.59 16.45 38.12
CA MET G 133 -12.75 16.59 36.93
C MET G 133 -11.31 16.86 37.32
N ALA G 134 -11.09 17.72 38.32
CA ALA G 134 -9.73 18.00 38.76
C ALA G 134 -9.06 16.76 39.32
N ALA G 135 -9.78 15.98 40.12
CA ALA G 135 -9.22 14.76 40.68
C ALA G 135 -8.91 13.74 39.59
N ASP G 136 -9.79 13.62 38.61
CA ASP G 136 -9.55 12.68 37.52
C ASP G 136 -8.36 13.11 36.67
N ALA G 137 -8.18 14.41 36.47
CA ALA G 137 -7.08 14.89 35.67
C ALA G 137 -5.74 14.78 36.39
N MET G 138 -5.76 14.81 37.73
CA MET G 138 -4.53 14.77 38.51
C MET G 138 -4.00 13.36 38.71
N VAL G 139 -4.69 12.34 38.23
CA VAL G 139 -4.21 10.97 38.31
C VAL G 139 -3.54 10.62 36.99
N GLU G 140 -2.25 10.31 37.04
CA GLU G 140 -1.45 10.08 35.84
C GLU G 140 -0.84 8.69 35.91
N ASP G 141 -0.90 7.95 34.80
CA ASP G 141 -0.24 6.65 34.69
C ASP G 141 1.10 6.87 33.99
N VAL G 142 2.10 7.22 34.78
CA VAL G 142 3.37 7.69 34.23
C VAL G 142 4.27 6.49 33.95
N ASN G 143 4.99 6.59 32.83
CA ASN G 143 5.94 5.59 32.37
C ASN G 143 7.20 6.30 31.92
N TYR G 144 8.32 5.94 32.54
CA TYR G 144 9.64 6.47 32.18
C TYR G 144 10.36 5.46 31.33
N THR G 145 10.84 5.89 30.17
CA THR G 145 11.59 5.05 29.25
C THR G 145 13.01 5.57 29.16
N MET G 146 13.97 4.65 29.30
CA MET G 146 15.39 4.99 29.27
C MET G 146 16.09 4.13 28.23
N ILE G 147 16.92 4.76 27.40
CA ILE G 147 17.67 4.08 26.36
C ILE G 147 19.14 4.25 26.68
N THR G 148 19.85 3.12 26.82
CA THR G 148 21.26 3.09 27.17
C THR G 148 22.03 2.34 26.08
N ASP G 149 23.19 2.87 25.72
CA ASP G 149 24.07 2.23 24.74
C ASP G 149 25.28 1.66 25.44
N VAL G 150 25.59 0.40 25.15
CA VAL G 150 26.70 -0.31 25.78
C VAL G 150 27.70 -0.71 24.70
N GLN G 151 28.98 -0.53 24.99
CA GLN G 151 30.05 -0.91 24.09
C GLN G 151 31.10 -1.68 24.88
N ILE G 152 31.26 -2.95 24.55
CA ILE G 152 32.18 -3.84 25.24
C ILE G 152 33.41 -4.05 24.37
N ALA G 153 34.58 -3.85 24.93
CA ALA G 153 35.84 -4.05 24.23
C ALA G 153 36.58 -5.22 24.85
N GLU G 154 37.06 -6.12 24.00
CA GLU G 154 37.78 -7.31 24.41
C GLU G 154 39.11 -7.37 23.68
N ARG G 155 40.19 -7.56 24.43
CA ARG G 155 41.53 -7.61 23.84
C ARG G 155 41.75 -8.97 23.20
N THR G 156 42.34 -8.97 22.00
CA THR G 156 42.58 -10.19 21.24
C THR G 156 44.04 -10.23 20.79
N LYS G 157 44.36 -11.24 19.99
CA LYS G 157 45.69 -11.41 19.44
C LYS G 157 45.78 -11.12 17.96
N ALA G 158 44.66 -11.14 17.24
CA ALA G 158 44.64 -10.84 15.82
C ALA G 158 44.62 -9.33 15.63
N THR G 159 45.33 -8.87 14.59
CA THR G 159 45.35 -7.45 14.29
C THR G 159 43.98 -7.00 13.80
N VAL G 160 43.45 -5.94 14.39
CA VAL G 160 42.13 -5.42 14.06
C VAL G 160 42.33 -4.06 13.41
N THR G 161 41.79 -3.91 12.20
CA THR G 161 41.86 -2.64 11.48
C THR G 161 40.54 -1.91 11.65
N THR G 162 40.60 -0.72 12.21
CA THR G 162 39.43 0.14 12.38
C THR G 162 39.42 1.17 11.27
N ASP G 163 38.34 1.19 10.49
CA ASP G 163 38.18 2.12 9.38
C ASP G 163 37.12 3.14 9.78
N ASN G 164 37.57 4.30 10.25
CA ASN G 164 36.65 5.37 10.60
C ASN G 164 36.10 5.98 9.31
N VAL G 165 34.76 5.97 9.18
CA VAL G 165 34.06 6.54 8.05
C VAL G 165 32.94 7.42 8.60
N ALA G 166 32.98 8.71 8.28
CA ALA G 166 31.97 9.65 8.74
C ALA G 166 31.51 10.51 7.57
N ALA G 167 30.22 10.78 7.52
CA ALA G 167 29.62 11.63 6.49
C ALA G 167 28.94 12.80 7.18
N LEU G 168 29.71 13.85 7.45
CA LEU G 168 29.19 15.03 8.14
C LEU G 168 28.32 15.83 7.19
N ARG G 169 27.03 15.88 7.47
CA ARG G 169 26.09 16.58 6.61
C ARG G 169 26.44 18.06 6.52
N GLN G 170 26.32 18.63 5.33
CA GLN G 170 26.65 20.03 5.06
C GLN G 170 25.49 20.63 4.26
N GLY G 171 24.54 21.22 4.99
CA GLY G 171 23.51 22.08 4.45
C GLY G 171 22.77 21.57 3.24
N THR G 172 21.95 20.54 3.39
CA THR G 172 21.11 20.05 2.30
C THR G 172 21.96 19.59 1.11
N SER G 173 22.73 20.53 0.56
CA SER G 173 23.57 20.30 -0.62
C SER G 173 24.39 19.03 -0.53
N GLY G 174 25.31 18.94 0.44
CA GLY G 174 26.32 17.89 0.40
C GLY G 174 26.75 17.39 1.75
N ALA G 175 27.98 16.88 1.80
CA ALA G 175 28.54 16.36 3.04
C ALA G 175 30.06 16.34 2.91
N LYS G 176 30.72 16.31 4.05
CA LYS G 176 32.16 16.11 4.13
C LYS G 176 32.41 14.68 4.60
N ILE G 177 33.13 13.91 3.79
CA ILE G 177 33.39 12.51 4.10
C ILE G 177 34.79 12.39 4.66
N GLN G 178 34.88 11.93 5.90
CA GLN G 178 36.15 11.71 6.57
C GLN G 178 36.42 10.22 6.69
N THR G 179 37.61 9.80 6.30
CA THR G 179 38.00 8.41 6.37
C THR G 179 39.40 8.31 6.97
N SER G 180 39.60 7.30 7.81
CA SER G 180 40.90 7.04 8.39
C SER G 180 41.02 5.57 8.74
N THR G 181 42.25 5.10 8.91
CA THR G 181 42.52 3.70 9.19
C THR G 181 43.52 3.59 10.33
N GLU G 182 43.18 2.78 11.34
CA GLU G 182 44.08 2.49 12.44
C GLU G 182 44.17 0.99 12.64
N THR G 183 45.25 0.56 13.30
CA THR G 183 45.47 -0.85 13.59
C THR G 183 45.69 -1.02 15.08
N GLY G 184 44.98 -1.98 15.68
CA GLY G 184 45.12 -2.23 17.10
C GLY G 184 44.60 -3.61 17.45
N ASN G 185 45.00 -4.07 18.63
CA ASN G 185 44.62 -5.40 19.11
C ASN G 185 43.47 -5.26 20.10
N GLN G 186 42.27 -5.01 19.57
CA GLN G 186 41.09 -4.87 20.40
C GLN G 186 39.84 -4.96 19.54
N HIS G 187 38.90 -5.80 19.95
CA HIS G 187 37.60 -5.91 19.32
C HIS G 187 36.59 -5.11 20.12
N LYS G 188 35.63 -4.51 19.44
CA LYS G 188 34.58 -3.75 20.09
C LYS G 188 33.23 -4.19 19.56
N TYR G 189 32.27 -4.39 20.47
CA TYR G 189 30.91 -4.76 20.12
C TYR G 189 29.96 -3.82 20.82
N GLN G 190 28.77 -3.66 20.27
CA GLN G 190 27.78 -2.75 20.81
C GLN G 190 26.51 -3.50 21.17
N THR G 191 25.65 -2.81 21.91
CA THR G 191 24.32 -3.32 22.26
C THR G 191 23.53 -2.17 22.87
N ARG G 192 22.23 -2.40 23.01
CA ARG G 192 21.32 -1.39 23.53
C ARG G 192 20.44 -2.00 24.61
N VAL G 193 20.22 -1.25 25.68
CA VAL G 193 19.37 -1.67 26.79
C VAL G 193 18.23 -0.67 26.94
N VAL G 194 17.02 -1.17 27.06
CA VAL G 194 15.83 -0.35 27.21
C VAL G 194 15.21 -0.64 28.58
N SER G 195 14.98 0.42 29.34
CA SER G 195 14.42 0.31 30.68
C SER G 195 13.09 1.05 30.74
N ASN G 196 12.15 0.49 31.49
CA ASN G 196 10.84 1.09 31.67
C ASN G 196 10.49 1.06 33.15
N ALA G 197 9.96 2.18 33.65
CA ALA G 197 9.49 2.28 35.03
C ALA G 197 8.09 2.85 35.01
N ASN G 198 7.11 2.07 35.46
CA ASN G 198 5.70 2.42 35.34
C ASN G 198 5.08 2.47 36.72
N LYS G 199 4.27 3.51 36.96
CA LYS G 199 3.51 3.63 38.20
C LYS G 199 2.54 4.79 38.04
N VAL G 200 1.63 4.91 39.00
CA VAL G 200 0.68 6.01 39.03
C VAL G 200 1.28 7.17 39.80
N ASN G 201 1.33 8.35 39.17
CA ASN G 201 1.90 9.55 39.77
C ASN G 201 3.31 9.29 40.27
N LEU G 202 4.10 8.58 39.47
CA LEU G 202 5.46 8.20 39.85
C LEU G 202 6.39 9.39 39.71
N LYS G 203 7.28 9.54 40.68
CA LYS G 203 8.37 10.50 40.63
C LYS G 203 9.68 9.76 40.39
N PHE G 204 10.50 10.28 39.50
CA PHE G 204 11.70 9.58 39.07
C PHE G 204 12.65 9.30 40.23
N GLU G 205 12.61 10.10 41.29
CA GLU G 205 13.50 9.87 42.42
C GLU G 205 13.23 8.52 43.08
N GLU G 206 11.98 8.06 43.03
CA GLU G 206 11.66 6.76 43.60
C GLU G 206 12.10 5.62 42.69
N ALA G 207 11.96 5.79 41.38
CA ALA G 207 12.32 4.74 40.43
C ALA G 207 13.80 4.68 40.13
N LYS G 208 14.57 5.69 40.51
CA LYS G 208 15.99 5.72 40.17
C LYS G 208 16.79 4.55 40.73
N PRO G 209 16.69 4.21 42.03
CA PRO G 209 17.61 3.17 42.56
C PRO G 209 17.39 1.80 41.93
N VAL G 210 16.14 1.36 41.79
CA VAL G 210 15.90 0.04 41.21
C VAL G 210 16.24 0.03 39.73
N LEU G 211 16.04 1.16 39.04
CA LEU G 211 16.46 1.27 37.65
C LEU G 211 17.96 1.08 37.52
N GLU G 212 18.72 1.77 38.37
CA GLU G 212 20.18 1.59 38.37
C GLU G 212 20.56 0.16 38.70
N ASP G 213 19.90 -0.44 39.68
CA ASP G 213 20.21 -1.81 40.08
C ASP G 213 20.05 -2.76 38.91
N GLN G 214 18.89 -2.71 38.24
CA GLN G 214 18.64 -3.63 37.15
C GLN G 214 19.59 -3.38 35.99
N LEU G 215 19.83 -2.11 35.64
CA LEU G 215 20.72 -1.82 34.53
C LEU G 215 22.14 -2.30 34.81
N ALA G 216 22.63 -2.05 36.03
CA ALA G 216 23.97 -2.50 36.39
C ALA G 216 24.06 -4.01 36.38
N LYS G 217 23.04 -4.69 36.89
CA LYS G 217 23.07 -6.16 36.91
C LYS G 217 23.12 -6.72 35.50
N SER G 218 22.31 -6.15 34.59
CA SER G 218 22.31 -6.63 33.22
C SER G 218 23.66 -6.40 32.54
N ILE G 219 24.20 -5.19 32.67
CA ILE G 219 25.46 -4.87 32.00
C ILE G 219 26.59 -5.74 32.56
N ALA G 220 26.60 -5.97 33.88
CA ALA G 220 27.61 -6.84 34.45
C ALA G 220 27.43 -8.28 33.99
N ASN G 221 26.19 -8.75 33.92
CA ASN G 221 25.92 -10.12 33.49
C ASN G 221 26.31 -10.35 32.04
N ILE G 222 26.46 -9.28 31.26
CA ILE G 222 27.06 -9.45 29.93
C ILE G 222 28.39 -10.18 30.03
N LEU G 223 29.18 -9.87 31.06
CA LEU G 223 30.49 -10.51 31.23
C LEU G 223 30.39 -11.96 31.67
N GLY G 224 29.30 -12.36 32.31
CA GLY G 224 29.14 -13.75 32.70
C GLY G 224 29.63 -14.08 34.09
N SER G 225 30.81 -14.71 34.16
CA SER G 225 31.38 -15.08 35.45
C SER G 225 32.88 -15.35 35.33
N CYS H 1 -17.82 -10.52 35.00
CA CYS H 1 -17.98 -11.81 34.34
C CYS H 1 -16.78 -12.13 33.46
N GLY H 2 -16.24 -11.09 32.81
CA GLY H 2 -15.04 -11.29 32.02
C GLY H 2 -13.86 -11.76 32.85
N ALA H 3 -13.70 -11.19 34.05
CA ALA H 3 -12.67 -11.66 34.96
C ALA H 3 -12.92 -13.11 35.37
N MET H 4 -14.18 -13.45 35.63
CA MET H 4 -14.51 -14.84 35.96
C MET H 4 -14.18 -15.77 34.80
N SER H 5 -14.48 -15.34 33.58
CA SER H 5 -14.14 -16.16 32.42
C SER H 5 -12.65 -16.36 32.29
N THR H 6 -11.87 -15.29 32.50
CA THR H 6 -10.42 -15.42 32.43
C THR H 6 -9.89 -16.35 33.52
N ALA H 7 -10.42 -16.22 34.74
CA ALA H 7 -9.96 -17.06 35.84
C ALA H 7 -10.30 -18.53 35.59
N ILE H 8 -11.48 -18.79 35.03
CA ILE H 8 -11.85 -20.18 34.75
C ILE H 8 -11.01 -20.74 33.61
N LYS H 9 -10.83 -19.96 32.55
CA LYS H 9 -10.10 -20.45 31.38
C LYS H 9 -8.66 -20.80 31.72
N LYS H 10 -7.88 -19.81 32.10
CA LYS H 10 -6.45 -20.00 32.38
C LYS H 10 -6.21 -20.14 33.87
N ARG H 11 -6.79 -21.19 34.44
CA ARG H 11 -6.61 -21.50 35.86
C ARG H 11 -5.38 -22.35 36.13
N ASN H 12 -4.73 -22.87 35.10
CA ASN H 12 -3.56 -23.71 35.24
C ASN H 12 -2.38 -23.09 34.51
N LEU H 13 -1.20 -23.27 35.08
CA LEU H 13 0.02 -22.73 34.48
C LEU H 13 0.29 -23.42 33.15
N GLU H 14 0.33 -22.65 32.07
CA GLU H 14 0.59 -23.18 30.74
C GLU H 14 1.94 -22.67 30.25
N VAL H 15 2.83 -23.61 29.90
CA VAL H 15 4.19 -23.28 29.53
C VAL H 15 4.49 -23.85 28.15
N LYS H 16 4.99 -22.99 27.27
CA LYS H 16 5.33 -23.38 25.91
C LYS H 16 6.77 -22.99 25.63
N THR H 17 7.49 -23.87 24.94
CA THR H 17 8.90 -23.64 24.60
C THR H 17 9.10 -24.01 23.15
N GLN H 18 9.48 -23.04 22.32
CA GLN H 18 9.59 -23.25 20.88
C GLN H 18 10.96 -22.82 20.39
N MET H 19 11.65 -23.74 19.72
CA MET H 19 12.92 -23.44 19.07
C MET H 19 12.64 -22.76 17.74
N SER H 20 13.58 -21.90 17.32
CA SER H 20 13.38 -21.15 16.09
C SER H 20 13.68 -22.02 14.86
N GLU H 21 14.90 -22.53 14.76
CA GLU H 21 15.31 -23.34 13.63
C GLU H 21 16.17 -24.50 14.13
N THR H 22 16.35 -25.48 13.24
CA THR H 22 17.07 -26.71 13.58
C THR H 22 18.55 -26.56 13.28
N ILE H 23 19.38 -27.04 14.20
CA ILE H 23 20.82 -27.12 14.00
C ILE H 23 21.18 -28.57 13.75
N TRP H 24 21.71 -28.86 12.57
CA TRP H 24 22.04 -30.22 12.17
C TRP H 24 23.48 -30.53 12.55
N LEU H 25 23.67 -31.61 13.31
CA LEU H 25 24.99 -32.05 13.72
C LEU H 25 25.26 -33.43 13.13
N GLU H 26 26.41 -33.60 12.51
CA GLU H 26 26.78 -34.89 11.96
C GLU H 26 27.00 -35.90 13.09
N PRO H 27 26.66 -37.17 12.85
CA PRO H 27 26.91 -38.18 13.89
C PRO H 27 28.39 -38.28 14.22
N ALA H 28 28.69 -38.45 15.51
CA ALA H 28 30.06 -38.53 15.96
C ALA H 28 30.11 -39.35 17.24
N SER H 29 31.31 -39.88 17.53
CA SER H 29 31.53 -40.69 18.72
C SER H 29 32.08 -39.90 19.89
N GLU H 30 32.24 -38.58 19.74
CA GLU H 30 32.77 -37.76 20.81
C GLU H 30 31.68 -37.41 21.81
N ARG H 31 32.07 -37.28 23.08
CA ARG H 31 31.12 -37.09 24.16
C ARG H 31 31.33 -35.82 24.96
N THR H 32 32.48 -35.16 24.88
CA THR H 32 32.79 -34.07 25.78
C THR H 32 32.02 -32.81 25.42
N VAL H 33 31.43 -32.17 26.43
CA VAL H 33 30.63 -30.96 26.27
C VAL H 33 31.10 -29.93 27.29
N PHE H 34 31.12 -28.67 26.89
CA PHE H 34 31.45 -27.55 27.76
C PHE H 34 30.29 -26.56 27.73
N LEU H 35 29.78 -26.20 28.92
CA LEU H 35 28.61 -25.34 29.04
C LEU H 35 29.03 -23.93 29.43
N GLN H 36 28.30 -22.94 28.91
CA GLN H 36 28.50 -21.55 29.30
C GLN H 36 27.14 -20.85 29.20
N ILE H 37 26.53 -20.61 30.35
CA ILE H 37 25.17 -20.06 30.42
C ILE H 37 25.25 -18.69 31.09
N LYS H 38 24.64 -17.69 30.45
CA LYS H 38 24.59 -16.35 30.98
C LYS H 38 23.14 -15.87 30.99
N ASN H 39 22.86 -14.87 31.82
CA ASN H 39 21.51 -14.35 31.98
C ASN H 39 21.58 -12.83 32.07
N THR H 40 21.16 -12.14 31.01
CA THR H 40 21.14 -10.69 30.98
C THR H 40 19.72 -10.14 31.05
N SER H 41 18.81 -10.90 31.64
CA SER H 41 17.43 -10.47 31.81
C SER H 41 17.16 -10.14 33.26
N ASP H 42 16.07 -9.41 33.50
CA ASP H 42 15.71 -9.03 34.86
C ASP H 42 15.23 -10.22 35.67
N LYS H 43 14.65 -11.23 35.01
CA LYS H 43 14.21 -12.41 35.72
C LYS H 43 15.41 -13.26 36.15
N ASP H 44 15.18 -14.11 37.13
CA ASP H 44 16.23 -14.95 37.71
C ASP H 44 16.04 -16.38 37.24
N MET H 45 17.04 -16.91 36.53
CA MET H 45 17.08 -18.31 36.14
C MET H 45 18.46 -18.83 36.54
N SER H 46 18.58 -19.24 37.80
CA SER H 46 19.88 -19.65 38.33
C SER H 46 20.14 -21.14 38.17
N GLY H 47 19.10 -21.96 38.16
CA GLY H 47 19.25 -23.39 38.02
C GLY H 47 19.31 -23.90 36.60
N LEU H 48 19.32 -23.01 35.61
CA LEU H 48 19.29 -23.45 34.22
C LEU H 48 20.55 -24.22 33.85
N GLN H 49 21.71 -23.75 34.31
CA GLN H 49 22.97 -24.42 33.98
C GLN H 49 22.99 -25.83 34.56
N GLY H 50 22.58 -25.98 35.82
CA GLY H 50 22.56 -27.30 36.42
C GLY H 50 21.61 -28.26 35.73
N LYS H 51 20.43 -27.76 35.35
CA LYS H 51 19.46 -28.60 34.66
C LYS H 51 19.97 -28.99 33.28
N ILE H 52 20.62 -28.07 32.57
CA ILE H 52 21.21 -28.41 31.28
C ILE H 52 22.28 -29.47 31.45
N ALA H 53 23.12 -29.33 32.48
CA ALA H 53 24.17 -30.32 32.72
C ALA H 53 23.56 -31.68 33.02
N ASP H 54 22.51 -31.72 33.84
CA ASP H 54 21.89 -33.00 34.17
C ASP H 54 21.26 -33.63 32.94
N ALA H 55 20.58 -32.84 32.12
CA ALA H 55 19.96 -33.39 30.92
C ALA H 55 20.99 -33.91 29.94
N VAL H 56 22.10 -33.18 29.80
CA VAL H 56 23.19 -33.63 28.92
C VAL H 56 23.80 -34.91 29.43
N LYS H 57 24.04 -35.00 30.75
CA LYS H 57 24.60 -36.23 31.31
C LYS H 57 23.66 -37.41 31.15
N ALA H 58 22.35 -37.15 31.17
CA ALA H 58 21.37 -38.22 30.99
C ALA H 58 21.46 -38.85 29.61
N LYS H 59 22.03 -38.15 28.63
CA LYS H 59 22.15 -38.65 27.27
C LYS H 59 23.45 -39.39 27.02
N GLY H 60 24.30 -39.55 28.04
CA GLY H 60 25.57 -40.20 27.89
C GLY H 60 26.74 -39.28 27.64
N TYR H 61 26.48 -37.99 27.40
CA TYR H 61 27.58 -37.05 27.22
C TYR H 61 28.26 -36.77 28.55
N GLN H 62 29.52 -36.33 28.46
CA GLN H 62 30.33 -36.03 29.62
C GLN H 62 30.64 -34.55 29.64
N VAL H 63 30.34 -33.88 30.75
CA VAL H 63 30.52 -32.44 30.88
C VAL H 63 31.88 -32.17 31.48
N VAL H 64 32.66 -31.32 30.80
CA VAL H 64 33.99 -30.94 31.24
C VAL H 64 34.01 -29.45 31.53
N THR H 65 35.06 -29.02 32.23
CA THR H 65 35.18 -27.64 32.67
C THR H 65 36.07 -26.79 31.78
N SER H 66 37.15 -27.34 31.25
CA SER H 66 38.05 -26.58 30.39
C SER H 66 37.57 -26.64 28.95
N PRO H 67 37.30 -25.51 28.30
CA PRO H 67 36.78 -25.55 26.93
C PRO H 67 37.77 -26.09 25.91
N ASP H 68 39.06 -26.16 26.25
CA ASP H 68 40.06 -26.59 25.27
C ASP H 68 39.86 -28.05 24.88
N LYS H 69 39.50 -28.90 25.82
CA LYS H 69 39.37 -30.33 25.57
C LYS H 69 37.93 -30.78 25.40
N ALA H 70 37.02 -29.87 25.08
CA ALA H 70 35.63 -30.22 24.86
C ALA H 70 35.33 -30.26 23.37
N TYR H 71 34.70 -31.35 22.93
CA TYR H 71 34.33 -31.45 21.52
C TYR H 71 33.16 -30.54 21.19
N TYR H 72 32.18 -30.45 22.09
CA TYR H 72 31.01 -29.61 21.89
C TYR H 72 31.01 -28.46 22.88
N TRP H 73 30.48 -27.32 22.44
CA TRP H 73 30.20 -26.20 23.32
C TRP H 73 28.71 -25.89 23.26
N ILE H 74 28.13 -25.63 24.42
CA ILE H 74 26.76 -25.15 24.52
C ILE H 74 26.83 -23.79 25.19
N GLN H 75 26.72 -22.74 24.38
CA GLN H 75 26.70 -21.37 24.87
C GLN H 75 25.28 -20.86 24.80
N ALA H 76 24.73 -20.46 25.93
CA ALA H 76 23.36 -19.99 26.00
C ALA H 76 23.31 -18.66 26.75
N ASN H 77 22.41 -17.79 26.32
CA ASN H 77 22.22 -16.51 26.97
C ASN H 77 20.72 -16.24 27.06
N VAL H 78 20.20 -16.17 28.28
CA VAL H 78 18.81 -15.78 28.49
C VAL H 78 18.74 -14.28 28.28
N LEU H 79 18.37 -13.88 27.06
CA LEU H 79 18.57 -12.49 26.65
C LEU H 79 17.48 -11.58 27.18
N LYS H 80 16.22 -11.88 26.89
CA LYS H 80 15.15 -10.95 27.17
C LYS H 80 14.05 -11.61 27.98
N ALA H 81 13.33 -10.80 28.75
CA ALA H 81 12.18 -11.27 29.50
C ALA H 81 11.19 -10.12 29.63
N ASP H 82 9.93 -10.41 29.33
CA ASP H 82 8.87 -9.41 29.35
C ASP H 82 7.64 -10.00 30.00
N LYS H 83 6.82 -9.15 30.59
CA LYS H 83 5.57 -9.57 31.22
C LYS H 83 4.45 -8.70 30.68
N MET H 84 3.36 -9.33 30.24
CA MET H 84 2.25 -8.60 29.66
C MET H 84 0.93 -9.17 30.15
N ASP H 85 -0.13 -8.39 29.99
CA ASP H 85 -1.48 -8.80 30.31
C ASP H 85 -2.24 -9.02 29.02
N LEU H 86 -2.75 -10.25 28.83
CA LEU H 86 -3.48 -10.55 27.62
C LEU H 86 -4.82 -9.82 27.56
N ARG H 87 -5.44 -9.58 28.72
CA ARG H 87 -6.70 -8.87 28.76
C ARG H 87 -6.57 -7.46 28.20
N GLU H 88 -5.38 -6.88 28.22
CA GLU H 88 -5.15 -5.57 27.63
C GLU H 88 -5.31 -5.56 26.13
N SER H 89 -5.33 -6.73 25.48
CA SER H 89 -5.50 -6.78 24.03
C SER H 89 -6.84 -6.20 23.62
N GLN H 90 -7.89 -6.44 24.40
CA GLN H 90 -9.20 -5.84 24.13
C GLN H 90 -9.25 -4.36 24.44
N GLY H 91 -8.34 -3.87 25.29
CA GLY H 91 -8.34 -2.46 25.63
C GLY H 91 -9.48 -2.10 26.55
N TRP H 92 -10.70 -2.16 26.04
CA TRP H 92 -11.89 -1.90 26.82
C TRP H 92 -12.35 -3.17 27.52
N LEU H 93 -13.35 -3.03 28.38
CA LEU H 93 -13.87 -4.10 29.23
C LEU H 93 -12.82 -4.68 30.16
N ASN H 94 -11.66 -4.03 30.28
CA ASN H 94 -10.57 -4.51 31.11
C ASN H 94 -10.27 -3.62 32.30
N ARG H 95 -10.47 -2.31 32.17
CA ARG H 95 -10.18 -1.40 33.27
C ARG H 95 -11.02 -1.71 34.50
N GLY H 96 -12.24 -2.20 34.30
CA GLY H 96 -13.09 -2.53 35.43
C GLY H 96 -14.50 -2.01 35.28
N TYR H 97 -14.85 -1.55 34.06
CA TYR H 97 -16.18 -1.01 33.83
C TYR H 97 -17.25 -2.06 34.03
N GLU H 98 -17.01 -3.28 33.55
CA GLU H 98 -18.01 -4.34 33.65
C GLU H 98 -18.24 -4.74 35.11
N GLY H 99 -17.15 -4.89 35.87
CA GLY H 99 -17.31 -5.20 37.28
C GLY H 99 -18.02 -4.10 38.04
N ALA H 100 -17.73 -2.84 37.69
CA ALA H 100 -18.43 -1.71 38.28
C ALA H 100 -19.91 -1.76 37.96
N ALA H 101 -20.24 -2.12 36.72
CA ALA H 101 -21.64 -2.22 36.30
C ALA H 101 -22.37 -3.29 37.10
N VAL H 102 -21.73 -4.44 37.26
CA VAL H 102 -22.34 -5.53 38.03
C VAL H 102 -22.54 -5.10 39.47
N GLY H 103 -21.53 -4.46 40.06
CA GLY H 103 -21.65 -3.99 41.42
C GLY H 103 -22.76 -2.97 41.60
N ALA H 104 -22.91 -2.08 40.63
CA ALA H 104 -23.99 -1.08 40.68
C ALA H 104 -25.35 -1.76 40.57
N ALA H 105 -25.47 -2.73 39.65
CA ALA H 105 -26.72 -3.45 39.47
C ALA H 105 -27.06 -4.25 40.73
N LEU H 106 -26.05 -4.58 41.52
CA LEU H 106 -26.29 -5.25 42.79
C LEU H 106 -27.15 -4.40 43.74
N GLY H 107 -27.20 -3.09 43.52
CA GLY H 107 -28.03 -2.24 44.37
C GLY H 107 -29.50 -2.60 44.34
N ALA H 108 -29.97 -3.15 43.21
CA ALA H 108 -31.32 -3.69 43.16
C ALA H 108 -31.51 -4.82 44.16
N GLY H 109 -30.42 -5.47 44.56
CA GLY H 109 -30.50 -6.49 45.59
C GLY H 109 -30.77 -5.91 46.97
N ILE H 110 -30.53 -4.61 47.14
CA ILE H 110 -30.86 -3.95 48.40
C ILE H 110 -32.12 -3.10 48.29
N THR H 111 -32.56 -2.75 47.08
CA THR H 111 -33.84 -2.07 46.94
C THR H 111 -35.01 -3.02 47.21
N GLY H 112 -34.86 -4.29 46.89
CA GLY H 112 -35.92 -5.26 47.12
C GLY H 112 -35.93 -5.91 48.48
N TYR H 113 -34.95 -5.62 49.33
CA TYR H 113 -34.83 -6.26 50.64
C TYR H 113 -34.55 -5.22 51.70
N ASN H 114 -35.09 -5.45 52.90
CA ASN H 114 -34.88 -4.60 54.07
C ASN H 114 -35.28 -3.16 53.73
N SER H 115 -34.58 -2.18 54.29
CA SER H 115 -34.86 -0.79 53.99
C SER H 115 -34.51 -0.49 52.53
N ASN H 116 -35.30 0.40 51.93
CA ASN H 116 -35.13 0.75 50.53
C ASN H 116 -35.53 2.20 50.32
N SER H 117 -35.01 2.78 49.23
CA SER H 117 -35.22 4.19 48.88
C SER H 117 -34.97 5.11 50.07
N ALA H 118 -34.06 4.71 50.97
CA ALA H 118 -33.77 5.46 52.18
C ALA H 118 -32.46 6.24 52.07
N GLY H 119 -31.92 6.39 50.88
CA GLY H 119 -30.64 7.04 50.70
C GLY H 119 -29.49 6.08 50.88
N ALA H 120 -29.58 5.22 51.89
CA ALA H 120 -28.55 4.20 52.10
C ALA H 120 -28.48 3.22 50.94
N THR H 121 -29.55 3.08 50.16
CA THR H 121 -29.51 2.22 48.99
C THR H 121 -28.47 2.71 47.99
N LEU H 122 -28.44 4.02 47.74
CA LEU H 122 -27.46 4.57 46.81
C LEU H 122 -26.04 4.36 47.31
N GLY H 123 -25.81 4.57 48.60
CA GLY H 123 -24.48 4.36 49.16
C GLY H 123 -24.03 2.91 49.05
N VAL H 124 -24.93 1.98 49.38
CA VAL H 124 -24.59 0.56 49.29
C VAL H 124 -24.32 0.19 47.84
N GLY H 125 -25.14 0.69 46.91
CA GLY H 125 -24.91 0.41 45.50
C GLY H 125 -23.57 0.96 45.01
N LEU H 126 -23.23 2.17 45.42
CA LEU H 126 -21.94 2.74 45.03
C LEU H 126 -20.78 1.94 45.60
N ALA H 127 -20.88 1.53 46.87
CA ALA H 127 -19.82 0.73 47.46
C ALA H 127 -19.68 -0.61 46.74
N ALA H 128 -20.81 -1.24 46.41
CA ALA H 128 -20.77 -2.51 45.70
C ALA H 128 -20.16 -2.34 44.32
N GLY H 129 -20.52 -1.27 43.62
CA GLY H 129 -19.92 -1.02 42.31
C GLY H 129 -18.43 -0.79 42.38
N LEU H 130 -17.98 -0.03 43.39
CA LEU H 130 -16.56 0.20 43.56
C LEU H 130 -15.82 -1.10 43.87
N VAL H 131 -16.40 -1.93 44.74
CA VAL H 131 -15.77 -3.21 45.08
C VAL H 131 -15.70 -4.11 43.86
N GLY H 132 -16.78 -4.14 43.07
CA GLY H 132 -16.78 -4.94 41.86
C GLY H 132 -15.74 -4.48 40.86
N MET H 133 -15.60 -3.16 40.68
CA MET H 133 -14.58 -2.64 39.79
C MET H 133 -13.19 -2.99 40.28
N ALA H 134 -12.96 -2.88 41.59
CA ALA H 134 -11.66 -3.23 42.15
C ALA H 134 -11.35 -4.70 41.94
N ALA H 135 -12.33 -5.57 42.17
CA ALA H 135 -12.11 -7.00 41.98
C ALA H 135 -11.86 -7.33 40.52
N ASP H 136 -12.59 -6.69 39.60
CA ASP H 136 -12.38 -6.94 38.18
C ASP H 136 -11.01 -6.45 37.73
N ALA H 137 -10.54 -5.32 38.27
CA ALA H 137 -9.24 -4.80 37.88
C ALA H 137 -8.10 -5.60 38.48
N MET H 138 -8.33 -6.27 39.60
CA MET H 138 -7.28 -7.02 40.27
C MET H 138 -7.06 -8.41 39.69
N VAL H 139 -7.86 -8.82 38.70
CA VAL H 139 -7.68 -10.09 38.03
C VAL H 139 -6.90 -9.85 36.75
N GLU H 140 -5.72 -10.44 36.65
CA GLU H 140 -4.81 -10.21 35.54
C GLU H 140 -4.51 -11.52 34.84
N ASP H 141 -4.55 -11.51 33.51
CA ASP H 141 -4.16 -12.67 32.71
C ASP H 141 -2.72 -12.47 32.27
N VAL H 142 -1.80 -12.87 33.13
CA VAL H 142 -0.39 -12.55 32.95
C VAL H 142 0.27 -13.59 32.06
N ASN H 143 1.16 -13.11 31.20
CA ASN H 143 1.93 -13.92 30.28
C ASN H 143 3.38 -13.44 30.32
N TYR H 144 4.29 -14.33 30.66
CA TYR H 144 5.72 -14.05 30.67
C TYR H 144 6.35 -14.61 29.42
N THR H 145 7.08 -13.77 28.69
CA THR H 145 7.78 -14.15 27.49
C THR H 145 9.28 -14.08 27.73
N MET H 146 10.00 -15.11 27.33
CA MET H 146 11.45 -15.18 27.53
C MET H 146 12.12 -15.52 26.21
N ILE H 147 13.17 -14.77 25.87
CA ILE H 147 13.92 -14.98 24.64
C ILE H 147 15.33 -15.38 25.02
N THR H 148 15.76 -16.55 24.54
CA THR H 148 17.06 -17.12 24.83
C THR H 148 17.81 -17.34 23.53
N ASP H 149 19.10 -17.03 23.52
CA ASP H 149 19.96 -17.24 22.37
C ASP H 149 20.92 -18.38 22.66
N VAL H 150 21.01 -19.34 21.74
CA VAL H 150 21.83 -20.52 21.90
C VAL H 150 22.88 -20.54 20.80
N GLN H 151 24.11 -20.87 21.17
CA GLN H 151 25.22 -20.98 20.21
C GLN H 151 25.94 -22.28 20.47
N ILE H 152 25.90 -23.18 19.49
CA ILE H 152 26.50 -24.50 19.60
C ILE H 152 27.78 -24.52 18.77
N ALA H 153 28.87 -24.96 19.39
CA ALA H 153 30.15 -25.06 18.70
C ALA H 153 30.54 -26.53 18.60
N GLU H 154 30.95 -26.94 17.40
CA GLU H 154 31.34 -28.31 17.11
C GLU H 154 32.73 -28.30 16.49
N ARG H 155 33.62 -29.14 17.03
CA ARG H 155 34.99 -29.20 16.53
C ARG H 155 35.03 -30.04 15.26
N THR H 156 35.78 -29.56 14.27
CA THR H 156 35.88 -30.22 12.98
C THR H 156 37.36 -30.39 12.60
N LYS H 157 37.58 -30.88 11.38
CA LYS H 157 38.92 -31.07 10.86
C LYS H 157 39.29 -30.08 9.77
N ALA H 158 38.32 -29.41 9.16
CA ALA H 158 38.58 -28.42 8.14
C ALA H 158 38.90 -27.07 8.78
N THR H 159 39.83 -26.34 8.19
CA THR H 159 40.18 -25.03 8.71
C THR H 159 39.02 -24.06 8.51
N VAL H 160 38.65 -23.38 9.58
CA VAL H 160 37.52 -22.44 9.58
C VAL H 160 38.08 -21.04 9.76
N THR H 161 37.77 -20.16 8.83
CA THR H 161 38.21 -18.77 8.89
C THR H 161 37.05 -17.93 9.41
N THR H 162 37.26 -17.27 10.55
CA THR H 162 36.28 -16.36 11.13
C THR H 162 36.66 -14.94 10.77
N ASP H 163 35.73 -14.25 10.11
CA ASP H 163 35.92 -12.86 9.68
C ASP H 163 35.05 -11.97 10.55
N ASN H 164 35.65 -11.39 11.59
CA ASN H 164 34.93 -10.47 12.44
C ASN H 164 34.71 -9.17 11.70
N VAL H 165 33.45 -8.77 11.56
CA VAL H 165 33.06 -7.52 10.92
C VAL H 165 32.06 -6.82 11.83
N ALA H 166 32.42 -5.61 12.27
CA ALA H 166 31.56 -4.83 13.16
C ALA H 166 31.46 -3.41 12.63
N ALA H 167 30.27 -2.83 12.71
CA ALA H 167 30.02 -1.45 12.29
C ALA H 167 29.50 -0.69 13.51
N LEU H 168 30.41 -0.17 14.31
CA LEU H 168 30.04 0.55 15.53
C LEU H 168 29.51 1.92 15.13
N ARG H 169 28.22 2.15 15.37
CA ARG H 169 27.60 3.42 14.99
C ARG H 169 28.22 4.57 15.75
N GLN H 170 28.44 5.69 15.06
CA GLN H 170 29.07 6.87 15.61
C GLN H 170 28.20 8.08 15.26
N GLY H 171 27.31 8.43 16.19
CA GLY H 171 26.57 9.67 16.18
C GLY H 171 25.92 10.07 14.88
N THR H 172 24.89 9.36 14.45
CA THR H 172 24.14 9.74 13.25
C THR H 172 25.05 9.77 12.02
N SER H 173 26.07 10.63 12.07
CA SER H 173 27.00 10.85 10.98
C SER H 173 27.53 9.56 10.36
N GLY H 174 28.24 8.75 11.13
CA GLY H 174 29.02 7.65 10.55
C GLY H 174 29.13 6.44 11.40
N ALA H 175 30.21 5.69 11.21
CA ALA H 175 30.47 4.48 11.96
C ALA H 175 31.95 4.16 11.87
N LYS H 176 32.41 3.37 12.83
CA LYS H 176 33.75 2.80 12.81
C LYS H 176 33.64 1.33 12.44
N ILE H 177 34.30 0.94 11.35
CA ILE H 177 34.22 -0.43 10.85
C ILE H 177 35.46 -1.17 11.28
N GLN H 178 35.28 -2.22 12.06
CA GLN H 178 36.35 -3.08 12.54
C GLN H 178 36.28 -4.41 11.81
N THR H 179 37.42 -4.86 11.29
CA THR H 179 37.50 -6.12 10.59
C THR H 179 38.73 -6.88 11.06
N SER H 180 38.59 -8.18 11.22
CA SER H 180 39.72 -9.03 11.59
C SER H 180 39.47 -10.44 11.08
N THR H 181 40.54 -11.22 10.99
CA THR H 181 40.48 -12.57 10.46
C THR H 181 41.25 -13.52 11.37
N GLU H 182 40.61 -14.62 11.76
CA GLU H 182 41.24 -15.66 12.56
C GLU H 182 41.00 -17.02 11.90
N THR H 183 41.85 -17.98 12.24
CA THR H 183 41.73 -19.33 11.72
C THR H 183 41.68 -20.32 12.88
N GLY H 184 40.72 -21.23 12.84
CA GLY H 184 40.59 -22.22 13.90
C GLY H 184 39.75 -23.38 13.44
N ASN H 185 39.86 -24.49 14.17
CA ASN H 185 39.15 -25.72 13.84
C ASN H 185 37.91 -25.83 14.73
N GLN H 186 36.89 -25.04 14.40
CA GLN H 186 35.65 -25.05 15.15
C GLN H 186 34.56 -24.36 14.36
N HIS H 187 33.42 -25.03 14.22
CA HIS H 187 32.24 -24.45 13.61
C HIS H 187 31.30 -23.98 14.69
N LYS H 188 30.58 -22.89 14.43
CA LYS H 188 29.62 -22.35 15.37
C LYS H 188 28.30 -22.09 14.67
N TYR H 189 27.21 -22.47 15.31
CA TYR H 189 25.86 -22.24 14.79
C TYR H 189 25.02 -21.61 15.89
N GLN H 190 23.98 -20.88 15.48
CA GLN H 190 23.13 -20.18 16.42
C GLN H 190 21.70 -20.65 16.30
N THR H 191 20.89 -20.27 17.28
CA THR H 191 19.45 -20.52 17.27
C THR H 191 18.83 -19.71 18.38
N ARG H 192 17.50 -19.63 18.36
CA ARG H 192 16.75 -18.86 19.34
C ARG H 192 15.62 -19.70 19.89
N VAL H 193 15.38 -19.57 21.19
CA VAL H 193 14.31 -20.28 21.88
C VAL H 193 13.38 -19.26 22.52
N VAL H 194 12.08 -19.43 22.32
CA VAL H 194 11.07 -18.54 22.88
C VAL H 194 10.22 -19.33 23.86
N SER H 195 10.10 -18.82 25.08
CA SER H 195 9.34 -19.47 26.14
C SER H 195 8.19 -18.57 26.57
N ASN H 196 7.05 -19.18 26.87
CA ASN H 196 5.87 -18.45 27.32
C ASN H 196 5.30 -19.17 28.53
N ALA H 197 4.96 -18.40 29.56
CA ALA H 197 4.31 -18.92 30.76
C ALA H 197 3.07 -18.09 31.02
N ASN H 198 1.90 -18.71 30.95
CA ASN H 198 0.63 -18.01 31.02
C ASN H 198 -0.18 -18.53 32.19
N LYS H 199 -0.79 -17.62 32.95
CA LYS H 199 -1.69 -17.97 34.03
C LYS H 199 -2.41 -16.71 34.47
N VAL H 200 -3.34 -16.87 35.41
CA VAL H 200 -4.05 -15.75 36.00
C VAL H 200 -3.36 -15.36 37.30
N ASN H 201 -2.98 -14.08 37.42
CA ASN H 201 -2.28 -13.56 38.58
C ASN H 201 -1.03 -14.39 38.89
N LEU H 202 -0.30 -14.74 37.84
CA LEU H 202 0.87 -15.59 37.98
C LEU H 202 2.05 -14.79 38.51
N LYS H 203 2.81 -15.40 39.43
CA LYS H 203 4.06 -14.86 39.92
C LYS H 203 5.20 -15.68 39.32
N PHE H 204 6.25 -14.99 38.87
CA PHE H 204 7.32 -15.65 38.15
C PHE H 204 8.01 -16.73 38.99
N GLU H 205 7.98 -16.62 40.31
CA GLU H 205 8.61 -17.62 41.15
C GLU H 205 7.97 -19.00 40.97
N GLU H 206 6.68 -19.03 40.66
CA GLU H 206 6.01 -20.30 40.43
C GLU H 206 6.35 -20.87 39.05
N ALA H 207 6.46 -20.01 38.04
CA ALA H 207 6.72 -20.47 36.68
C ALA H 207 8.20 -20.72 36.41
N LYS H 208 9.09 -20.30 37.31
CA LYS H 208 10.53 -20.46 37.06
C LYS H 208 10.97 -21.91 36.90
N PRO H 209 10.61 -22.84 37.79
CA PRO H 209 11.20 -24.19 37.68
C PRO H 209 10.81 -24.93 36.40
N VAL H 210 9.54 -24.89 36.02
CA VAL H 210 9.12 -25.60 34.81
C VAL H 210 9.67 -24.92 33.57
N LEU H 211 9.81 -23.59 33.60
CA LEU H 211 10.44 -22.87 32.50
C LEU H 211 11.89 -23.34 32.32
N GLU H 212 12.63 -23.42 33.42
CA GLU H 212 14.00 -23.92 33.36
C GLU H 212 14.03 -25.36 32.85
N ASP H 213 13.11 -26.20 33.34
CA ASP H 213 13.10 -27.59 32.93
C ASP H 213 12.92 -27.71 31.42
N GLN H 214 11.91 -27.03 30.88
CA GLN H 214 11.65 -27.14 29.44
C GLN H 214 12.79 -26.56 28.62
N LEU H 215 13.33 -25.41 29.03
CA LEU H 215 14.42 -24.81 28.28
C LEU H 215 15.66 -25.71 28.28
N ALA H 216 15.99 -26.27 29.44
CA ALA H 216 17.14 -27.18 29.52
C ALA H 216 16.91 -28.42 28.67
N LYS H 217 15.70 -28.98 28.71
CA LYS H 217 15.43 -30.17 27.92
C LYS H 217 15.58 -29.90 26.43
N SER H 218 15.08 -28.75 25.97
CA SER H 218 15.21 -28.42 24.55
C SER H 218 16.67 -28.23 24.15
N ILE H 219 17.41 -27.45 24.94
CA ILE H 219 18.80 -27.17 24.60
C ILE H 219 19.62 -28.46 24.60
N ALA H 220 19.37 -29.34 25.57
CA ALA H 220 20.08 -30.61 25.60
C ALA H 220 19.68 -31.50 24.43
N ASN H 221 18.39 -31.50 24.07
CA ASN H 221 17.92 -32.33 22.96
C ASN H 221 18.47 -31.84 21.63
N ILE H 222 18.99 -30.62 21.57
CA ILE H 222 19.74 -30.23 20.37
C ILE H 222 20.84 -31.24 20.08
N LEU H 223 21.53 -31.71 21.12
CA LEU H 223 22.62 -32.67 20.95
C LEU H 223 22.15 -34.05 20.52
N GLY H 224 20.92 -34.43 20.82
CA GLY H 224 20.41 -35.71 20.39
C GLY H 224 20.62 -36.83 21.38
N SER H 225 21.60 -37.69 21.12
CA SER H 225 21.89 -38.81 22.00
C SER H 225 23.30 -39.36 21.77
N CYS I 1 -24.71 -22.42 23.27
CA CYS I 1 -25.04 -23.08 22.01
C CYS I 1 -23.79 -23.17 21.12
N GLY I 2 -22.97 -22.13 21.15
CA GLY I 2 -21.72 -22.17 20.40
C GLY I 2 -20.80 -23.29 20.87
N ALA I 3 -20.72 -23.49 22.19
CA ALA I 3 -19.95 -24.62 22.71
C ALA I 3 -20.55 -25.94 22.26
N MET I 4 -21.87 -26.04 22.26
CA MET I 4 -22.52 -27.27 21.77
C MET I 4 -22.21 -27.49 20.31
N SER I 5 -22.23 -26.42 19.50
CA SER I 5 -21.90 -26.56 18.09
C SER I 5 -20.47 -27.04 17.90
N THR I 6 -19.53 -26.47 18.67
CA THR I 6 -18.14 -26.90 18.58
C THR I 6 -17.99 -28.37 18.99
N ALA I 7 -18.66 -28.77 20.07
CA ALA I 7 -18.56 -30.14 20.54
C ALA I 7 -19.13 -31.12 19.53
N ILE I 8 -20.25 -30.75 18.89
CA ILE I 8 -20.84 -31.63 17.88
C ILE I 8 -19.96 -31.70 16.64
N LYS I 9 -19.47 -30.55 16.18
CA LYS I 9 -18.68 -30.51 14.95
C LYS I 9 -17.40 -31.34 15.08
N LYS I 10 -16.51 -30.92 15.98
CA LYS I 10 -15.22 -31.58 16.14
C LYS I 10 -15.25 -32.56 17.31
N ARG I 11 -16.11 -33.56 17.18
CA ARG I 11 -16.23 -34.60 18.19
C ARG I 11 -15.26 -35.75 17.98
N ASN I 12 -14.58 -35.79 16.84
CA ASN I 12 -13.64 -36.86 16.52
C ASN I 12 -12.27 -36.27 16.27
N LEU I 13 -11.24 -37.01 16.68
CA LEU I 13 -9.87 -36.57 16.50
C LEU I 13 -9.54 -36.51 15.02
N GLU I 14 -9.11 -35.34 14.55
CA GLU I 14 -8.75 -35.15 13.14
C GLU I 14 -7.26 -34.86 13.05
N VAL I 15 -6.54 -35.68 12.29
CA VAL I 15 -5.09 -35.57 12.16
C VAL I 15 -4.75 -35.36 10.70
N LYS I 16 -3.96 -34.31 10.43
CA LYS I 16 -3.52 -33.98 9.08
C LYS I 16 -2.00 -33.88 9.07
N THR I 17 -1.38 -34.40 8.01
CA THR I 17 0.07 -34.38 7.87
C THR I 17 0.41 -33.96 6.45
N GLN I 18 1.09 -32.84 6.29
CA GLN I 18 1.38 -32.28 4.98
C GLN I 18 2.87 -32.02 4.83
N MET I 19 3.45 -32.58 3.78
CA MET I 19 4.84 -32.33 3.43
C MET I 19 4.94 -31.03 2.63
N SER I 20 6.03 -30.31 2.80
CA SER I 20 6.17 -29.01 2.15
C SER I 20 6.48 -29.17 0.66
N GLU I 21 7.59 -29.83 0.33
CA GLU I 21 8.00 -30.00 -1.06
C GLU I 21 8.50 -31.42 -1.25
N THR I 22 8.62 -31.81 -2.53
CA THR I 22 9.02 -33.16 -2.90
C THR I 22 10.53 -33.26 -3.05
N ILE I 23 11.09 -34.33 -2.52
CA ILE I 23 12.50 -34.66 -2.70
C ILE I 23 12.60 -35.79 -3.70
N TRP I 24 13.23 -35.54 -4.85
CA TRP I 24 13.33 -36.53 -5.91
C TRP I 24 14.60 -37.34 -5.75
N LEU I 25 14.46 -38.67 -5.70
CA LEU I 25 15.57 -39.58 -5.58
C LEU I 25 15.64 -40.45 -6.82
N GLU I 26 16.83 -40.56 -7.40
CA GLU I 26 17.00 -41.42 -8.56
C GLU I 26 16.84 -42.88 -8.16
N PRO I 27 16.29 -43.70 -9.06
CA PRO I 27 16.17 -45.13 -8.74
C PRO I 27 17.53 -45.75 -8.49
N ALA I 28 17.58 -46.65 -7.51
CA ALA I 28 18.82 -47.30 -7.14
C ALA I 28 18.51 -48.65 -6.51
N SER I 29 19.51 -49.53 -6.54
CA SER I 29 19.39 -50.87 -5.98
C SER I 29 19.90 -50.98 -4.56
N GLU I 30 20.35 -49.88 -3.96
CA GLU I 30 20.87 -49.91 -2.61
C GLU I 30 19.73 -49.86 -1.60
N ARG I 31 19.94 -50.52 -0.46
CA ARG I 31 18.90 -50.69 0.53
C ARG I 31 19.23 -50.13 1.91
N THR I 32 20.50 -49.86 2.21
CA THR I 32 20.89 -49.52 3.56
C THR I 32 20.44 -48.11 3.94
N VAL I 33 19.84 -47.98 5.12
CA VAL I 33 19.34 -46.72 5.64
C VAL I 33 19.85 -46.53 7.07
N PHE I 34 20.19 -45.29 7.41
CA PHE I 34 20.60 -44.92 8.77
C PHE I 34 19.69 -43.81 9.26
N LEU I 35 19.08 -44.01 10.43
CA LEU I 35 18.11 -43.07 10.99
C LEU I 35 18.74 -42.24 12.10
N GLN I 36 18.32 -40.98 12.19
CA GLN I 36 18.74 -40.11 13.29
C GLN I 36 17.58 -39.14 13.56
N ILE I 37 16.86 -39.38 14.65
CA ILE I 37 15.66 -38.62 14.98
C ILE I 37 15.90 -37.88 16.29
N LYS I 38 15.62 -36.58 16.29
CA LYS I 38 15.75 -35.74 17.47
C LYS I 38 14.45 -35.00 17.71
N ASN I 39 14.25 -34.57 18.95
CA ASN I 39 13.02 -33.87 19.34
C ASN I 39 13.39 -32.72 20.24
N THR I 40 13.28 -31.50 19.73
CA THR I 40 13.57 -30.29 20.50
C THR I 40 12.31 -29.52 20.83
N SER I 41 11.17 -30.20 20.92
CA SER I 41 9.91 -29.58 21.26
C SER I 41 9.47 -30.02 22.64
N ASP I 42 8.53 -29.27 23.21
CA ASP I 42 8.04 -29.58 24.56
C ASP I 42 7.21 -30.84 24.58
N LYS I 43 6.55 -31.18 23.46
CA LYS I 43 5.78 -32.41 23.40
C LYS I 43 6.71 -33.62 23.33
N ASP I 44 6.16 -34.78 23.66
CA ASP I 44 6.92 -36.02 23.70
C ASP I 44 6.51 -36.89 22.53
N MET I 45 7.48 -37.22 21.67
CA MET I 45 7.29 -38.18 20.58
C MET I 45 8.47 -39.15 20.67
N SER I 46 8.33 -40.17 21.51
CA SER I 46 9.42 -41.10 21.75
C SER I 46 9.40 -42.29 20.81
N GLY I 47 8.23 -42.70 20.34
CA GLY I 47 8.12 -43.84 19.46
C GLY I 47 8.29 -43.53 17.99
N LEU I 48 8.63 -42.28 17.64
CA LEU I 48 8.71 -41.91 16.23
C LEU I 48 9.83 -42.66 15.52
N GLN I 49 10.98 -42.83 16.16
CA GLN I 49 12.08 -43.54 15.52
C GLN I 49 11.73 -44.99 15.25
N GLY I 50 11.09 -45.65 16.22
CA GLY I 50 10.70 -47.03 16.02
C GLY I 50 9.70 -47.20 14.89
N LYS I 51 8.72 -46.29 14.82
CA LYS I 51 7.73 -46.36 13.76
C LYS I 51 8.36 -46.08 12.39
N ILE I 52 9.28 -45.14 12.33
CA ILE I 52 9.98 -44.88 11.07
C ILE I 52 10.78 -46.11 10.66
N ALA I 53 11.46 -46.75 11.60
CA ALA I 53 12.22 -47.94 11.27
C ALA I 53 11.32 -49.05 10.78
N ASP I 54 10.18 -49.25 11.43
CA ASP I 54 9.25 -50.29 10.99
C ASP I 54 8.72 -50.00 9.59
N ALA I 55 8.33 -48.76 9.33
CA ALA I 55 7.80 -48.42 8.01
C ALA I 55 8.87 -48.58 6.94
N VAL I 56 10.11 -48.21 7.24
CA VAL I 56 11.19 -48.37 6.27
C VAL I 56 11.46 -49.85 6.01
N LYS I 57 11.46 -50.68 7.06
CA LYS I 57 11.67 -52.11 6.88
C LYS I 57 10.55 -52.74 6.09
N ALA I 58 9.33 -52.21 6.23
CA ALA I 58 8.20 -52.74 5.47
C ALA I 58 8.36 -52.54 3.97
N LYS I 59 9.20 -51.60 3.54
CA LYS I 59 9.42 -51.33 2.12
C LYS I 59 10.57 -52.13 1.54
N GLY I 60 11.21 -53.00 2.32
CA GLY I 60 12.33 -53.78 1.85
C GLY I 60 13.69 -53.19 2.18
N TYR I 61 13.75 -51.96 2.68
CA TYR I 61 15.01 -51.38 3.07
C TYR I 61 15.54 -52.02 4.34
N GLN I 62 16.85 -51.94 4.53
CA GLN I 62 17.52 -52.50 5.69
C GLN I 62 18.12 -51.38 6.52
N VAL I 63 17.79 -51.36 7.80
CA VAL I 63 18.23 -50.31 8.70
C VAL I 63 19.52 -50.73 9.39
N VAL I 64 20.55 -49.88 9.29
CA VAL I 64 21.85 -50.15 9.88
C VAL I 64 22.12 -49.10 10.96
N THR I 65 23.12 -49.38 11.79
CA THR I 65 23.45 -48.52 12.91
C THR I 65 24.62 -47.58 12.64
N SER I 66 25.63 -48.02 11.92
CA SER I 66 26.79 -47.18 11.64
C SER I 66 26.53 -46.36 10.38
N PRO I 67 26.60 -45.02 10.45
CA PRO I 67 26.29 -44.21 9.27
C PRO I 67 27.29 -44.37 8.14
N ASP I 68 28.48 -44.92 8.40
CA ASP I 68 29.50 -45.02 7.36
C ASP I 68 29.06 -45.94 6.23
N LYS I 69 28.41 -47.05 6.56
CA LYS I 69 28.04 -48.04 5.56
C LYS I 69 26.58 -47.96 5.15
N ALA I 70 25.94 -46.82 5.35
CA ALA I 70 24.55 -46.63 4.96
C ALA I 70 24.48 -45.81 3.68
N TYR I 71 23.72 -46.29 2.71
CA TYR I 71 23.56 -45.55 1.46
C TYR I 71 22.65 -44.34 1.67
N TYR I 72 21.58 -44.49 2.44
CA TYR I 72 20.65 -43.41 2.71
C TYR I 72 20.72 -42.99 4.17
N TRP I 73 20.51 -41.71 4.41
CA TRP I 73 20.35 -41.18 5.75
C TRP I 73 18.98 -40.52 5.86
N ILE I 74 18.29 -40.76 6.97
CA ILE I 74 17.05 -40.08 7.28
C ILE I 74 17.30 -39.34 8.59
N GLN I 75 17.52 -38.04 8.49
CA GLN I 75 17.71 -37.17 9.64
C GLN I 75 16.43 -36.37 9.84
N ALA I 76 15.82 -36.49 11.00
CA ALA I 76 14.58 -35.79 11.30
C ALA I 76 14.68 -35.10 12.63
N ASN I 77 14.06 -33.93 12.74
CA ASN I 77 14.02 -33.17 13.97
C ASN I 77 12.62 -32.62 14.17
N VAL I 78 11.96 -33.08 15.23
CA VAL I 78 10.65 -32.52 15.59
C VAL I 78 10.93 -31.17 16.22
N LEU I 79 10.83 -30.11 15.41
CA LEU I 79 11.37 -28.82 15.82
C LEU I 79 10.42 -28.09 16.75
N LYS I 80 9.18 -27.88 16.33
CA LYS I 80 8.28 -26.99 17.04
C LYS I 80 6.96 -27.67 17.34
N ALA I 81 6.33 -27.23 18.42
CA ALA I 81 4.99 -27.71 18.77
C ALA I 81 4.25 -26.59 19.48
N ASP I 82 3.01 -26.35 19.06
CA ASP I 82 2.20 -25.28 19.61
C ASP I 82 0.78 -25.80 19.81
N LYS I 83 0.08 -25.21 20.77
CA LYS I 83 -1.31 -25.56 21.04
C LYS I 83 -2.14 -24.29 21.02
N MET I 84 -3.25 -24.30 20.30
CA MET I 84 -4.08 -23.12 20.20
C MET I 84 -5.55 -23.51 20.27
N ASP I 85 -6.39 -22.51 20.55
CA ASP I 85 -7.83 -22.67 20.58
C ASP I 85 -8.42 -21.99 19.35
N LEU I 86 -9.13 -22.75 18.52
CA LEU I 86 -9.71 -22.17 17.33
C LEU I 86 -10.84 -21.22 17.66
N ARG I 87 -11.56 -21.47 18.75
CA ARG I 87 -12.64 -20.59 19.15
C ARG I 87 -12.15 -19.18 19.45
N GLU I 88 -10.88 -19.02 19.81
CA GLU I 88 -10.31 -17.71 20.03
C GLU I 88 -10.23 -16.86 18.76
N SER I 89 -10.40 -17.48 17.59
CA SER I 89 -10.36 -16.71 16.34
C SER I 89 -11.48 -15.68 16.29
N GLN I 90 -12.65 -16.02 16.81
CA GLN I 90 -13.76 -15.06 16.88
C GLN I 90 -13.54 -14.00 17.95
N GLY I 91 -12.71 -14.27 18.94
CA GLY I 91 -12.47 -13.31 20.00
C GLY I 91 -13.64 -13.21 20.95
N TRP I 92 -14.76 -12.70 20.45
CA TRP I 92 -15.98 -12.60 21.23
C TRP I 92 -16.78 -13.90 21.14
N LEU I 93 -17.83 -13.99 21.96
CA LEU I 93 -18.69 -15.16 22.08
C LEU I 93 -17.93 -16.40 22.53
N ASN I 94 -16.69 -16.25 22.97
CA ASN I 94 -15.86 -17.36 23.42
C ASN I 94 -15.57 -17.32 24.92
N ARG I 95 -15.48 -16.13 25.51
CA ARG I 95 -15.19 -16.03 26.93
C ARG I 95 -16.25 -16.72 27.78
N GLY I 96 -17.50 -16.70 27.32
CA GLY I 96 -18.57 -17.33 28.06
C GLY I 96 -19.81 -16.47 28.21
N TYR I 97 -19.85 -15.37 27.44
CA TYR I 97 -21.00 -14.47 27.53
C TYR I 97 -22.29 -15.16 27.09
N GLU I 98 -22.23 -15.96 26.02
CA GLU I 98 -23.43 -16.62 25.52
C GLU I 98 -23.94 -17.65 26.51
N GLY I 99 -23.05 -18.44 27.09
CA GLY I 99 -23.47 -19.40 28.10
C GLY I 99 -24.06 -18.71 29.33
N ALA I 100 -23.46 -17.59 29.72
CA ALA I 100 -24.00 -16.80 30.82
C ALA I 100 -25.39 -16.30 30.50
N ALA I 101 -25.61 -15.85 29.27
CA ALA I 101 -26.90 -15.36 28.83
C ALA I 101 -27.95 -16.47 28.90
N VAL I 102 -27.60 -17.66 28.42
CA VAL I 102 -28.52 -18.79 28.45
C VAL I 102 -28.85 -19.15 29.89
N GLY I 103 -27.84 -19.19 30.74
CA GLY I 103 -28.07 -19.49 32.14
C GLY I 103 -28.96 -18.48 32.83
N ALA I 104 -28.77 -17.20 32.50
CA ALA I 104 -29.62 -16.16 33.07
C ALA I 104 -31.05 -16.29 32.58
N ALA I 105 -31.23 -16.56 31.29
CA ALA I 105 -32.56 -16.74 30.71
C ALA I 105 -33.24 -17.96 31.32
N LEU I 106 -32.45 -18.91 31.83
CA LEU I 106 -33.02 -20.06 32.52
C LEU I 106 -33.82 -19.65 33.76
N GLY I 107 -33.57 -18.45 34.30
CA GLY I 107 -34.32 -17.99 35.46
C GLY I 107 -35.82 -17.89 35.20
N ALA I 108 -36.20 -17.64 33.95
CA ALA I 108 -37.61 -17.70 33.59
C ALA I 108 -38.18 -19.09 33.81
N GLY I 109 -37.32 -20.11 33.81
CA GLY I 109 -37.76 -21.46 34.12
C GLY I 109 -38.12 -21.64 35.58
N ILE I 110 -37.65 -20.74 36.45
CA ILE I 110 -38.02 -20.77 37.85
C ILE I 110 -39.06 -19.70 38.20
N THR I 111 -39.22 -18.67 37.37
CA THR I 111 -40.30 -17.72 37.60
C THR I 111 -41.66 -18.33 37.29
N GLY I 112 -41.74 -19.24 36.33
CA GLY I 112 -42.99 -19.88 35.98
C GLY I 112 -43.34 -21.12 36.77
N TYR I 113 -42.46 -21.59 37.65
CA TYR I 113 -42.67 -22.81 38.39
C TYR I 113 -42.36 -22.59 39.86
N ASN I 114 -43.11 -23.28 40.73
CA ASN I 114 -42.90 -23.25 42.19
C ASN I 114 -42.94 -21.81 42.67
N SER I 115 -42.16 -21.48 43.69
CA SER I 115 -42.09 -20.13 44.19
C SER I 115 -41.48 -19.20 43.16
N ASN I 116 -41.98 -17.96 43.11
CA ASN I 116 -41.52 -16.99 42.13
C ASN I 116 -41.58 -15.60 42.73
N SER I 117 -40.80 -14.69 42.14
CA SER I 117 -40.67 -13.31 42.62
C SER I 117 -40.42 -13.24 44.12
N ALA I 118 -39.75 -14.25 44.67
CA ALA I 118 -39.50 -14.36 46.10
C ALA I 118 -38.06 -14.01 46.46
N GLY I 119 -37.33 -13.40 45.54
CA GLY I 119 -35.93 -13.09 45.78
C GLY I 119 -35.04 -14.27 45.42
N ALA I 120 -35.46 -15.48 45.81
CA ALA I 120 -34.72 -16.68 45.45
C ALA I 120 -34.66 -16.88 43.94
N THR I 121 -35.61 -16.33 43.20
CA THR I 121 -35.56 -16.42 41.75
C THR I 121 -34.31 -15.76 41.19
N LEU I 122 -33.98 -14.57 41.70
CA LEU I 122 -32.78 -13.88 41.22
C LEU I 122 -31.52 -14.67 41.55
N GLY I 123 -31.45 -15.23 42.76
CA GLY I 123 -30.29 -16.02 43.12
C GLY I 123 -30.13 -17.26 42.27
N VAL I 124 -31.24 -17.97 42.03
CA VAL I 124 -31.18 -19.17 41.17
C VAL I 124 -30.78 -18.78 39.75
N GLY I 125 -31.33 -17.68 39.24
CA GLY I 125 -30.96 -17.24 37.90
C GLY I 125 -29.49 -16.87 37.80
N LEU I 126 -28.97 -16.18 38.82
CA LEU I 126 -27.56 -15.82 38.81
C LEU I 126 -26.67 -17.06 38.88
N ALA I 127 -27.03 -18.02 39.72
CA ALA I 127 -26.25 -19.25 39.80
C ALA I 127 -26.29 -20.00 38.47
N ALA I 128 -27.46 -20.07 37.84
CA ALA I 128 -27.56 -20.75 36.56
C ALA I 128 -26.74 -20.03 35.49
N GLY I 129 -26.75 -18.70 35.48
CA GLY I 129 -25.93 -17.96 34.53
C GLY I 129 -24.45 -18.20 34.74
N LEU I 130 -24.02 -18.21 36.01
CA LEU I 130 -22.62 -18.48 36.31
C LEU I 130 -22.21 -19.88 35.87
N VAL I 131 -23.07 -20.86 36.14
CA VAL I 131 -22.77 -22.24 35.74
C VAL I 131 -22.71 -22.35 34.23
N GLY I 132 -23.63 -21.69 33.52
CA GLY I 132 -23.60 -21.71 32.08
C GLY I 132 -22.35 -21.08 31.50
N MET I 133 -21.94 -19.95 32.08
CA MET I 133 -20.70 -19.32 31.63
C MET I 133 -19.50 -20.22 31.89
N ALA I 134 -19.45 -20.87 33.05
CA ALA I 134 -18.35 -21.77 33.34
C ALA I 134 -18.32 -22.94 32.37
N ALA I 135 -19.49 -23.52 32.08
CA ALA I 135 -19.54 -24.63 31.15
C ALA I 135 -19.14 -24.21 29.74
N ASP I 136 -19.56 -23.02 29.31
CA ASP I 136 -19.19 -22.54 28.00
C ASP I 136 -17.70 -22.25 27.91
N ALA I 137 -17.10 -21.77 29.01
CA ALA I 137 -15.68 -21.46 28.99
C ALA I 137 -14.82 -22.71 29.04
N MET I 138 -15.33 -23.79 29.62
CA MET I 138 -14.56 -25.02 29.76
C MET I 138 -14.55 -25.88 28.50
N VAL I 139 -15.27 -25.48 27.46
CA VAL I 139 -15.27 -26.21 26.19
C VAL I 139 -14.27 -25.53 25.26
N GLU I 140 -13.24 -26.26 24.87
CA GLU I 140 -12.14 -25.73 24.07
C GLU I 140 -12.01 -26.50 22.78
N ASP I 141 -11.84 -25.79 21.67
CA ASP I 141 -11.60 -26.40 20.37
C ASP I 141 -10.09 -26.37 20.13
N VAL I 142 -9.40 -27.38 20.67
CA VAL I 142 -7.95 -27.37 20.72
C VAL I 142 -7.38 -27.93 19.44
N ASN I 143 -6.29 -27.31 18.99
CA ASN I 143 -5.56 -27.69 17.80
C ASN I 143 -4.08 -27.68 18.12
N TYR I 144 -3.42 -28.81 17.93
CA TYR I 144 -1.98 -28.95 18.12
C TYR I 144 -1.29 -28.91 16.77
N THR I 145 -0.31 -28.02 16.63
CA THR I 145 0.47 -27.88 15.42
C THR I 145 1.90 -28.31 15.69
N MET I 146 2.44 -29.17 14.83
CA MET I 146 3.79 -29.70 14.98
C MET I 146 4.57 -29.45 13.71
N ILE I 147 5.78 -28.94 13.85
CA ILE I 147 6.66 -28.64 12.72
C ILE I 147 7.89 -29.53 12.84
N THR I 148 8.14 -30.32 11.81
CA THR I 148 9.25 -31.26 11.76
C THR I 148 10.13 -30.95 10.56
N ASP I 149 11.44 -31.01 10.75
CA ASP I 149 12.40 -30.79 9.68
C ASP I 149 13.05 -32.12 9.31
N VAL I 150 13.08 -32.44 8.03
CA VAL I 150 13.62 -33.69 7.52
C VAL I 150 14.79 -33.39 6.61
N GLN I 151 15.86 -34.16 6.75
CA GLN I 151 17.05 -34.04 5.92
C GLN I 151 17.46 -35.42 5.44
N ILE I 152 17.37 -35.63 4.14
CA ILE I 152 17.67 -36.92 3.52
C ILE I 152 19.04 -36.82 2.84
N ALA I 153 19.91 -37.77 3.14
CA ALA I 153 21.24 -37.83 2.53
C ALA I 153 21.32 -39.05 1.64
N GLU I 154 21.83 -38.86 0.43
CA GLU I 154 21.97 -39.92 -0.55
C GLU I 154 23.41 -39.95 -1.05
N ARG I 155 24.03 -41.12 -1.02
CA ARG I 155 25.40 -41.26 -1.46
C ARG I 155 25.47 -41.25 -2.98
N THR I 156 26.46 -40.57 -3.54
CA THR I 156 26.62 -40.45 -4.98
C THR I 156 28.05 -40.77 -5.37
N LYS I 157 28.36 -40.57 -6.66
CA LYS I 157 29.69 -40.79 -7.18
C LYS I 157 30.41 -39.51 -7.54
N ALA I 158 29.69 -38.40 -7.71
CA ALA I 158 30.30 -37.12 -8.02
C ALA I 158 30.79 -36.45 -6.74
N THR I 159 31.93 -35.77 -6.82
CA THR I 159 32.45 -35.08 -5.66
C THR I 159 31.57 -33.89 -5.33
N VAL I 160 31.18 -33.80 -4.05
CA VAL I 160 30.28 -32.75 -3.58
C VAL I 160 31.08 -31.85 -2.64
N THR I 161 31.12 -30.56 -2.95
CA THR I 161 31.80 -29.59 -2.12
C THR I 161 30.77 -28.88 -1.24
N THR I 162 30.94 -28.99 0.07
CA THR I 162 30.08 -28.32 1.03
C THR I 162 30.78 -27.06 1.51
N ASP I 163 30.14 -25.92 1.33
CA ASP I 163 30.67 -24.62 1.73
C ASP I 163 29.87 -24.13 2.93
N ASN I 164 30.41 -24.36 4.11
CA ASN I 164 29.77 -23.86 5.33
C ASN I 164 29.93 -22.36 5.41
N VAL I 165 28.81 -21.65 5.49
CA VAL I 165 28.78 -20.20 5.63
C VAL I 165 27.83 -19.85 6.75
N ALA I 166 28.34 -19.19 7.79
CA ALA I 166 27.53 -18.80 8.93
C ALA I 166 27.81 -17.34 9.27
N ALA I 167 26.76 -16.61 9.64
CA ALA I 167 26.87 -15.21 10.04
C ALA I 167 26.33 -15.09 11.45
N LEU I 168 27.20 -15.34 12.43
CA LEU I 168 26.80 -15.28 13.84
C LEU I 168 26.63 -13.84 14.26
N ARG I 169 25.39 -13.44 14.54
CA ARG I 169 25.11 -12.06 14.90
C ARG I 169 25.84 -11.68 16.19
N GLN I 170 26.37 -10.46 16.22
CA GLN I 170 27.14 -9.95 17.35
C GLN I 170 26.59 -8.56 17.69
N GLY I 171 25.66 -8.54 18.65
CA GLY I 171 25.19 -7.34 19.31
C GLY I 171 24.86 -6.16 18.42
N THR I 172 23.78 -6.25 17.65
CA THR I 172 23.31 -5.13 16.83
C THR I 172 24.39 -4.69 15.85
N SER I 173 25.54 -4.28 16.38
CA SER I 173 26.66 -3.76 15.59
C SER I 173 27.00 -4.62 14.38
N GLY I 174 27.40 -5.87 14.58
CA GLY I 174 28.01 -6.64 13.51
C GLY I 174 27.74 -8.12 13.56
N ALA I 175 28.66 -8.89 13.00
CA ALA I 175 28.55 -10.33 13.00
C ALA I 175 29.93 -10.93 12.77
N LYS I 176 30.08 -12.19 13.14
CA LYS I 176 31.26 -12.98 12.85
C LYS I 176 30.90 -13.94 11.73
N ILE I 177 31.63 -13.87 10.62
CA ILE I 177 31.35 -14.69 9.45
C ILE I 177 32.34 -15.84 9.43
N GLN I 178 31.82 -17.06 9.51
CA GLN I 178 32.62 -18.27 9.46
C GLN I 178 32.39 -18.96 8.12
N THR I 179 33.48 -19.33 7.46
CA THR I 179 33.41 -20.02 6.18
C THR I 179 34.39 -21.18 6.18
N SER I 180 33.96 -22.30 5.60
CA SER I 180 34.82 -23.47 5.47
C SER I 180 34.37 -24.27 4.26
N THR I 181 35.26 -25.14 3.79
CA THR I 181 34.99 -25.96 2.61
C THR I 181 35.42 -27.39 2.86
N GLU I 182 34.51 -28.33 2.59
CA GLU I 182 34.80 -29.76 2.69
C GLU I 182 34.39 -30.45 1.40
N THR I 183 34.97 -31.62 1.17
CA THR I 183 34.67 -32.42 0.00
C THR I 183 34.24 -33.81 0.44
N GLY I 184 33.13 -34.29 -0.11
CA GLY I 184 32.64 -35.61 0.23
C GLY I 184 31.66 -36.10 -0.81
N ASN I 185 31.42 -37.42 -0.79
CA ASN I 185 30.54 -38.07 -1.76
C ASN I 185 29.19 -38.31 -1.10
N GLN I 186 28.42 -37.23 -0.95
CA GLN I 186 27.10 -37.34 -0.36
C GLN I 186 26.30 -36.09 -0.65
N HIS I 187 25.08 -36.26 -1.16
CA HIS I 187 24.15 -35.17 -1.37
C HIS I 187 23.17 -35.12 -0.21
N LYS I 188 22.73 -33.92 0.13
CA LYS I 188 21.77 -33.73 1.22
C LYS I 188 20.65 -32.82 0.73
N TYR I 189 19.42 -33.19 1.04
CA TYR I 189 18.24 -32.40 0.70
C TYR I 189 17.39 -32.24 1.94
N GLN I 190 16.62 -31.16 1.99
CA GLN I 190 15.80 -30.86 3.15
C GLN I 190 14.33 -30.82 2.76
N THR I 191 13.48 -30.81 3.77
CA THR I 191 12.04 -30.64 3.60
C THR I 191 11.42 -30.42 4.97
N ARG I 192 10.16 -30.03 4.97
CA ARG I 192 9.43 -29.71 6.20
C ARG I 192 8.09 -30.40 6.18
N VAL I 193 7.68 -30.93 7.33
CA VAL I 193 6.40 -31.59 7.51
C VAL I 193 5.61 -30.87 8.60
N VAL I 194 4.35 -30.58 8.32
CA VAL I 194 3.47 -29.88 9.25
C VAL I 194 2.33 -30.83 9.62
N SER I 195 2.13 -31.02 10.91
CA SER I 195 1.10 -31.91 11.43
C SER I 195 0.12 -31.12 12.26
N ASN I 196 -1.15 -31.48 12.17
CA ASN I 196 -2.22 -30.84 12.93
C ASN I 196 -3.09 -31.91 13.55
N ALA I 197 -3.43 -31.72 14.82
CA ALA I 197 -4.34 -32.61 15.54
C ALA I 197 -5.42 -31.75 16.18
N ASN I 198 -6.66 -31.94 15.76
CA ASN I 198 -7.77 -31.08 16.17
C ASN I 198 -8.83 -31.92 16.85
N LYS I 199 -9.35 -31.40 17.97
CA LYS I 199 -10.46 -32.04 18.67
C LYS I 199 -10.96 -31.07 19.73
N VAL I 200 -12.05 -31.44 20.39
CA VAL I 200 -12.60 -30.65 21.49
C VAL I 200 -12.04 -31.19 22.81
N ASN I 201 -11.44 -30.30 23.60
CA ASN I 201 -10.83 -30.67 24.88
C ASN I 201 -9.84 -31.82 24.70
N LEU I 202 -9.04 -31.74 23.64
CA LEU I 202 -8.09 -32.80 23.31
C LEU I 202 -6.88 -32.75 24.22
N LYS I 203 -6.43 -33.91 24.66
CA LYS I 203 -5.18 -34.05 25.39
C LYS I 203 -4.15 -34.70 24.48
N PHE I 204 -2.93 -34.16 24.48
CA PHE I 204 -1.91 -34.59 23.53
C PHE I 204 -1.59 -36.06 23.66
N GLU I 205 -1.80 -36.67 24.84
CA GLU I 205 -1.51 -38.08 25.00
C GLU I 205 -2.37 -38.94 24.10
N GLU I 206 -3.59 -38.48 23.78
CA GLU I 206 -4.46 -39.22 22.88
C GLU I 206 -4.03 -39.05 21.43
N ALA I 207 -3.60 -37.85 21.06
CA ALA I 207 -3.23 -37.57 19.67
C ALA I 207 -1.82 -38.01 19.33
N LYS I 208 -1.01 -38.37 20.33
CA LYS I 208 0.39 -38.74 20.06
C LYS I 208 0.53 -39.94 19.14
N PRO I 209 -0.14 -41.08 19.36
CA PRO I 209 0.17 -42.26 18.52
C PRO I 209 -0.19 -42.08 17.06
N VAL I 210 -1.34 -41.49 16.77
CA VAL I 210 -1.73 -41.30 15.37
C VAL I 210 -0.82 -40.27 14.69
N LEU I 211 -0.44 -39.23 15.43
CA LEU I 211 0.50 -38.24 14.90
C LEU I 211 1.81 -38.91 14.53
N GLU I 212 2.35 -39.75 15.42
CA GLU I 212 3.58 -40.47 15.13
C GLU I 212 3.41 -41.39 13.93
N ASP I 213 2.28 -42.10 13.86
CA ASP I 213 2.05 -43.01 12.76
C ASP I 213 2.07 -42.28 11.42
N GLN I 214 1.33 -41.18 11.32
CA GLN I 214 1.27 -40.46 10.06
C GLN I 214 2.61 -39.85 9.69
N LEU I 215 3.31 -39.26 10.68
CA LEU I 215 4.60 -38.65 10.39
C LEU I 215 5.60 -39.70 9.92
N ALA I 216 5.64 -40.85 10.60
CA ALA I 216 6.56 -41.91 10.20
C ALA I 216 6.22 -42.42 8.81
N LYS I 217 4.94 -42.60 8.51
CA LYS I 217 4.55 -43.08 7.20
C LYS I 217 4.98 -42.12 6.10
N SER I 218 4.79 -40.82 6.32
CA SER I 218 5.19 -39.84 5.32
C SER I 218 6.71 -39.84 5.12
N ILE I 219 7.47 -39.81 6.21
CA ILE I 219 8.92 -39.76 6.09
C ILE I 219 9.45 -41.02 5.42
N ALA I 220 8.88 -42.17 5.75
CA ALA I 220 9.30 -43.40 5.08
C ALA I 220 8.92 -43.41 3.62
N ASN I 221 7.72 -42.90 3.29
CA ASN I 221 7.28 -42.87 1.91
C ASN I 221 8.10 -41.92 1.06
N ILE I 222 8.86 -41.01 1.68
CA ILE I 222 9.85 -40.26 0.91
C ILE I 222 10.75 -41.21 0.14
N LEU I 223 11.17 -42.31 0.77
CA LEU I 223 12.06 -43.27 0.13
C LEU I 223 11.38 -44.05 -0.99
N GLY I 224 10.06 -44.20 -0.97
CA GLY I 224 9.37 -44.88 -2.03
C GLY I 224 9.21 -46.38 -1.82
N SER I 225 10.02 -47.17 -2.49
CA SER I 225 9.96 -48.63 -2.37
C SER I 225 11.24 -49.29 -2.85
N CYS J 1 -31.98 -24.16 6.83
CA CYS J 1 -32.24 -23.95 5.41
C CYS J 1 -30.93 -23.88 4.64
N GLY J 2 -29.92 -23.25 5.23
CA GLY J 2 -28.61 -23.21 4.61
C GLY J 2 -28.02 -24.59 4.40
N ALA J 3 -28.17 -25.47 5.40
CA ALA J 3 -27.74 -26.85 5.24
C ALA J 3 -28.52 -27.55 4.14
N MET J 4 -29.83 -27.29 4.06
CA MET J 4 -30.63 -27.87 2.99
C MET J 4 -30.16 -27.37 1.63
N SER J 5 -29.83 -26.09 1.53
CA SER J 5 -29.33 -25.55 0.28
C SER J 5 -28.02 -26.19 -0.12
N THR J 6 -27.11 -26.37 0.85
CA THR J 6 -25.84 -27.03 0.56
C THR J 6 -26.05 -28.47 0.11
N ALA J 7 -26.94 -29.19 0.80
CA ALA J 7 -27.20 -30.59 0.44
C ALA J 7 -27.80 -30.70 -0.95
N ILE J 8 -28.70 -29.78 -1.30
CA ILE J 8 -29.32 -29.82 -2.63
C ILE J 8 -28.30 -29.47 -3.70
N LYS J 9 -27.52 -28.42 -3.46
CA LYS J 9 -26.57 -27.92 -4.45
C LYS J 9 -25.52 -28.98 -4.79
N LYS J 10 -24.69 -29.33 -3.81
CA LYS J 10 -23.59 -30.27 -4.03
C LYS J 10 -23.98 -31.68 -3.56
N ARG J 11 -25.01 -32.22 -4.21
CA ARG J 11 -25.47 -33.56 -3.93
C ARG J 11 -24.74 -34.63 -4.72
N ASN J 12 -23.91 -34.24 -5.69
CA ASN J 12 -23.17 -35.18 -6.52
C ASN J 12 -21.68 -34.91 -6.39
N LEU J 13 -20.89 -35.99 -6.44
CA LEU J 13 -19.45 -35.88 -6.33
C LEU J 13 -18.90 -35.12 -7.52
N GLU J 14 -18.23 -33.99 -7.28
CA GLU J 14 -17.66 -33.19 -8.34
C GLU J 14 -16.15 -33.24 -8.23
N VAL J 15 -15.48 -33.66 -9.30
CA VAL J 15 -14.04 -33.88 -9.31
C VAL J 15 -13.41 -33.06 -10.42
N LYS J 16 -12.39 -32.28 -10.06
CA LYS J 16 -11.67 -31.44 -11.01
C LYS J 16 -10.18 -31.75 -10.93
N THR J 17 -9.53 -31.80 -12.09
CA THR J 17 -8.11 -32.08 -12.17
C THR J 17 -7.47 -31.10 -13.14
N GLN J 18 -6.54 -30.29 -12.65
CA GLN J 18 -5.95 -29.22 -13.45
C GLN J 18 -4.43 -29.32 -13.41
N MET J 19 -3.82 -29.39 -14.58
CA MET J 19 -2.36 -29.30 -14.71
C MET J 19 -1.94 -27.85 -14.61
N SER J 20 -0.71 -27.63 -14.11
CA SER J 20 -0.22 -26.27 -13.93
C SER J 20 0.27 -25.69 -15.26
N GLU J 21 1.24 -26.34 -15.88
CA GLU J 21 1.82 -25.86 -17.13
C GLU J 21 2.05 -27.04 -18.06
N THR J 22 2.28 -26.72 -19.33
CA THR J 22 2.44 -27.72 -20.38
C THR J 22 3.90 -28.11 -20.53
N ILE J 23 4.15 -29.40 -20.67
CA ILE J 23 5.48 -29.93 -20.98
C ILE J 23 5.48 -30.35 -22.43
N TRP J 24 6.32 -29.71 -23.23
CA TRP J 24 6.38 -29.99 -24.66
C TRP J 24 7.42 -31.06 -24.95
N LEU J 25 7.00 -32.12 -25.63
CA LEU J 25 7.89 -33.21 -26.01
C LEU J 25 7.95 -33.29 -27.52
N GLU J 26 9.17 -33.36 -28.05
CA GLU J 26 9.34 -33.49 -29.49
C GLU J 26 8.82 -34.85 -29.95
N PRO J 27 8.28 -34.92 -31.16
CA PRO J 27 7.81 -36.21 -31.68
C PRO J 27 8.96 -37.20 -31.79
N ALA J 28 8.68 -38.45 -31.44
CA ALA J 28 9.70 -39.48 -31.47
C ALA J 28 9.03 -40.83 -31.69
N SER J 29 9.83 -41.79 -32.16
CA SER J 29 9.34 -43.14 -32.43
C SER J 29 9.60 -44.11 -31.28
N GLU J 30 10.17 -43.63 -30.18
CA GLU J 30 10.46 -44.49 -29.05
C GLU J 30 9.21 -44.70 -28.20
N ARG J 31 9.10 -45.90 -27.61
CA ARG J 31 7.91 -46.30 -26.89
C ARG J 31 8.14 -46.65 -25.42
N THR J 32 9.37 -46.89 -25.00
CA THR J 32 9.62 -47.42 -23.67
C THR J 32 9.41 -46.36 -22.60
N VAL J 33 8.68 -46.72 -21.54
CA VAL J 33 8.37 -45.83 -20.43
C VAL J 33 8.67 -46.55 -19.12
N PHE J 34 9.21 -45.83 -18.15
CA PHE J 34 9.46 -46.34 -16.81
C PHE J 34 8.74 -45.47 -15.79
N LEU J 35 7.94 -46.09 -14.94
CA LEU J 35 7.11 -45.36 -13.97
C LEU J 35 7.72 -45.42 -12.58
N GLN J 36 7.56 -44.34 -11.83
CA GLN J 36 7.97 -44.30 -10.43
C GLN J 36 7.01 -43.37 -9.70
N ILE J 37 6.09 -43.96 -8.93
CA ILE J 37 5.03 -43.22 -8.26
C ILE J 37 5.21 -43.37 -6.75
N LYS J 38 5.20 -42.23 -6.05
CA LYS J 38 5.32 -42.21 -4.60
C LYS J 38 4.18 -41.40 -4.02
N ASN J 39 3.89 -41.64 -2.74
CA ASN J 39 2.78 -40.97 -2.06
C ASN J 39 3.24 -40.60 -0.66
N THR J 40 3.46 -39.31 -0.43
CA THR J 40 3.87 -38.80 0.87
C THR J 40 2.73 -38.04 1.55
N SER J 41 1.49 -38.35 1.20
CA SER J 41 0.33 -37.72 1.80
C SER J 41 -0.38 -38.69 2.72
N ASP J 42 -1.23 -38.14 3.59
CA ASP J 42 -1.96 -38.98 4.53
C ASP J 42 -3.03 -39.81 3.83
N LYS J 43 -3.55 -39.33 2.71
CA LYS J 43 -4.53 -40.10 1.96
C LYS J 43 -3.87 -41.27 1.25
N ASP J 44 -4.68 -42.23 0.84
CA ASP J 44 -4.19 -43.46 0.22
C ASP J 44 -4.59 -43.50 -1.24
N MET J 45 -3.60 -43.61 -2.12
CA MET J 45 -3.81 -43.90 -3.54
C MET J 45 -2.87 -45.04 -3.92
N SER J 46 -3.32 -46.28 -3.70
CA SER J 46 -2.51 -47.44 -4.01
C SER J 46 -2.60 -47.85 -5.48
N GLY J 47 -3.74 -47.58 -6.13
CA GLY J 47 -3.94 -47.97 -7.50
C GLY J 47 -3.55 -46.96 -8.54
N LEU J 48 -2.93 -45.84 -8.13
CA LEU J 48 -2.58 -44.81 -9.10
C LEU J 48 -1.54 -45.30 -10.09
N GLN J 49 -0.53 -46.04 -9.62
CA GLN J 49 0.50 -46.53 -10.53
C GLN J 49 -0.07 -47.49 -11.55
N GLY J 50 -0.96 -48.40 -11.11
CA GLY J 50 -1.56 -49.33 -12.05
C GLY J 50 -2.41 -48.63 -13.10
N LYS J 51 -3.17 -47.62 -12.68
CA LYS J 51 -4.00 -46.88 -13.63
C LYS J 51 -3.14 -46.10 -14.61
N ILE J 52 -2.04 -45.50 -14.13
CA ILE J 52 -1.12 -44.82 -15.03
C ILE J 52 -0.54 -45.80 -16.04
N ALA J 53 -0.15 -46.99 -15.58
CA ALA J 53 0.40 -47.98 -16.50
C ALA J 53 -0.62 -48.40 -17.53
N ASP J 54 -1.87 -48.61 -17.12
CA ASP J 54 -2.92 -49.00 -18.06
C ASP J 54 -3.16 -47.90 -19.09
N ALA J 55 -3.25 -46.65 -18.63
CA ALA J 55 -3.49 -45.55 -19.56
C ALA J 55 -2.34 -45.39 -20.54
N VAL J 56 -1.10 -45.55 -20.06
CA VAL J 56 0.05 -45.44 -20.94
C VAL J 56 0.05 -46.58 -21.96
N LYS J 57 -0.26 -47.80 -21.53
CA LYS J 57 -0.31 -48.93 -22.46
C LYS J 57 -1.42 -48.74 -23.49
N ALA J 58 -2.52 -48.08 -23.11
CA ALA J 58 -3.60 -47.83 -24.05
C ALA J 58 -3.18 -46.92 -25.20
N LYS J 59 -2.11 -46.15 -25.04
CA LYS J 59 -1.63 -45.25 -26.07
C LYS J 59 -0.59 -45.88 -26.98
N GLY J 60 -0.27 -47.16 -26.79
CA GLY J 60 0.74 -47.84 -27.58
C GLY J 60 2.11 -47.87 -26.96
N TYR J 61 2.34 -47.15 -25.87
CA TYR J 61 3.63 -47.20 -25.21
C TYR J 61 3.82 -48.53 -24.47
N GLN J 62 5.07 -48.88 -24.26
CA GLN J 62 5.44 -50.12 -23.59
C GLN J 62 6.12 -49.80 -22.26
N VAL J 63 5.60 -50.36 -21.18
CA VAL J 63 6.10 -50.07 -19.85
C VAL J 63 7.16 -51.10 -19.48
N VAL J 64 8.33 -50.63 -19.07
CA VAL J 64 9.45 -51.49 -18.71
C VAL J 64 9.77 -51.26 -17.23
N THR J 65 10.55 -52.17 -16.66
CA THR J 65 10.89 -52.13 -15.25
C THR J 65 12.24 -51.52 -14.95
N SER J 66 13.26 -51.79 -15.77
CA SER J 66 14.58 -51.24 -15.53
C SER J 66 14.68 -49.85 -16.14
N PRO J 67 15.01 -48.82 -15.36
CA PRO J 67 15.05 -47.46 -15.91
C PRO J 67 16.16 -47.24 -16.92
N ASP J 68 17.15 -48.13 -17.00
CA ASP J 68 18.27 -47.93 -17.89
C ASP J 68 17.84 -47.96 -19.36
N LYS J 69 16.93 -48.87 -19.70
CA LYS J 69 16.52 -49.07 -21.09
C LYS J 69 15.18 -48.42 -21.41
N ALA J 70 14.76 -47.43 -20.61
CA ALA J 70 13.52 -46.72 -20.87
C ALA J 70 13.81 -45.36 -21.50
N TYR J 71 13.13 -45.06 -22.59
CA TYR J 71 13.32 -43.76 -23.23
C TYR J 71 12.66 -42.65 -22.41
N TYR J 72 11.49 -42.92 -21.85
CA TYR J 72 10.75 -41.95 -21.05
C TYR J 72 10.70 -42.40 -19.61
N TRP J 73 10.71 -41.42 -18.70
CA TRP J 73 10.45 -41.66 -17.29
C TRP J 73 9.25 -40.83 -16.87
N ILE J 74 8.36 -41.43 -16.09
CA ILE J 74 7.26 -40.71 -15.47
C ILE J 74 7.44 -40.85 -13.97
N GLN J 75 7.93 -39.79 -13.34
CA GLN J 75 8.13 -39.74 -11.90
C GLN J 75 7.03 -38.87 -11.32
N ALA J 76 6.23 -39.43 -10.42
CA ALA J 76 5.12 -38.71 -9.82
C ALA J 76 5.16 -38.88 -8.32
N ASN J 77 4.77 -37.83 -7.61
CA ASN J 77 4.70 -37.86 -6.15
C ASN J 77 3.42 -37.16 -5.73
N VAL J 78 2.52 -37.91 -5.09
CA VAL J 78 1.32 -37.31 -4.52
C VAL J 78 1.77 -36.62 -3.24
N LEU J 79 2.01 -35.31 -3.33
CA LEU J 79 2.73 -34.62 -2.28
C LEU J 79 1.82 -34.26 -1.12
N LYS J 80 0.74 -33.53 -1.38
CA LYS J 80 -0.06 -32.96 -0.30
C LYS J 80 -1.52 -33.34 -0.46
N ALA J 81 -2.22 -33.40 0.67
CA ALA J 81 -3.66 -33.63 0.67
C ALA J 81 -4.26 -32.92 1.87
N ASP J 82 -5.34 -32.16 1.63
CA ASP J 82 -5.99 -31.39 2.67
C ASP J 82 -7.49 -31.55 2.52
N LYS J 83 -8.21 -31.40 3.63
CA LYS J 83 -9.66 -31.47 3.65
C LYS J 83 -10.20 -30.23 4.32
N MET J 84 -11.17 -29.58 3.69
CA MET J 84 -11.73 -28.35 4.24
C MET J 84 -13.23 -28.34 4.06
N ASP J 85 -13.88 -27.46 4.83
CA ASP J 85 -15.32 -27.25 4.73
C ASP J 85 -15.55 -25.89 4.08
N LEU J 86 -16.26 -25.90 2.95
CA LEU J 86 -16.52 -24.65 2.24
C LEU J 86 -17.48 -23.76 3.02
N ARG J 87 -18.40 -24.36 3.78
CA ARG J 87 -19.32 -23.58 4.59
C ARG J 87 -18.61 -22.71 5.61
N GLU J 88 -17.40 -23.09 6.01
CA GLU J 88 -16.61 -22.29 6.94
C GLU J 88 -16.18 -20.96 6.33
N SER J 89 -16.28 -20.81 5.00
CA SER J 89 -15.89 -19.54 4.39
C SER J 89 -16.75 -18.39 4.88
N GLN J 90 -18.04 -18.64 5.11
CA GLN J 90 -18.92 -17.61 5.67
C GLN J 90 -18.67 -17.36 7.14
N GLY J 91 -18.04 -18.30 7.84
CA GLY J 91 -17.76 -18.14 9.25
C GLY J 91 -19.01 -18.27 10.10
N TRP J 92 -19.91 -17.30 9.95
CA TRP J 92 -21.19 -17.32 10.64
C TRP J 92 -22.22 -18.12 9.84
N LEU J 93 -23.38 -18.32 10.46
CA LEU J 93 -24.49 -19.10 9.91
C LEU J 93 -24.10 -20.55 9.62
N ASN J 94 -22.94 -20.99 10.11
CA ASN J 94 -22.44 -22.34 9.90
C ASN J 94 -22.39 -23.18 11.16
N ARG J 95 -22.14 -22.55 12.32
CA ARG J 95 -22.05 -23.31 13.56
C ARG J 95 -23.35 -24.03 13.88
N GLY J 96 -24.48 -23.48 13.48
CA GLY J 96 -25.76 -24.11 13.73
C GLY J 96 -26.80 -23.17 14.30
N TYR J 97 -26.51 -21.87 14.26
CA TYR J 97 -27.44 -20.89 14.81
C TYR J 97 -28.76 -20.89 14.04
N GLU J 98 -28.70 -20.99 12.71
CA GLU J 98 -29.91 -20.96 11.91
C GLU J 98 -30.79 -22.19 12.16
N GLY J 99 -30.16 -23.37 12.23
CA GLY J 99 -30.91 -24.56 12.56
C GLY J 99 -31.54 -24.50 13.94
N ALA J 100 -30.79 -23.94 14.89
CA ALA J 100 -31.31 -23.75 16.24
C ALA J 100 -32.52 -22.82 16.22
N ALA J 101 -32.44 -21.76 15.42
CA ALA J 101 -33.54 -20.80 15.31
C ALA J 101 -34.78 -21.46 14.74
N VAL J 102 -34.60 -22.27 13.69
CA VAL J 102 -35.73 -22.98 13.08
C VAL J 102 -36.34 -23.93 14.09
N GLY J 103 -35.50 -24.68 14.81
CA GLY J 103 -36.00 -25.59 15.81
C GLY J 103 -36.75 -24.91 16.92
N ALA J 104 -36.27 -23.74 17.35
CA ALA J 104 -36.96 -22.98 18.38
C ALA J 104 -38.30 -22.47 17.87
N ALA J 105 -38.33 -21.97 16.64
CA ALA J 105 -39.57 -21.48 16.04
C ALA J 105 -40.57 -22.62 15.86
N LEU J 106 -40.07 -23.85 15.79
CA LEU J 106 -40.96 -25.00 15.73
C LEU J 106 -41.84 -25.11 16.98
N GLY J 107 -41.43 -24.50 18.09
CA GLY J 107 -42.25 -24.53 19.30
C GLY J 107 -43.64 -23.95 19.11
N ALA J 108 -43.77 -22.98 18.19
CA ALA J 108 -45.09 -22.49 17.84
C ALA J 108 -45.96 -23.59 17.24
N GLY J 109 -45.32 -24.64 16.70
CA GLY J 109 -46.08 -25.78 16.22
C GLY J 109 -46.68 -26.61 17.33
N ILE J 110 -46.18 -26.45 18.56
CA ILE J 110 -46.76 -27.12 19.72
C ILE J 110 -47.59 -26.17 20.57
N THR J 111 -47.42 -24.86 20.43
CA THR J 111 -48.31 -23.93 21.12
C THR J 111 -49.70 -23.92 20.51
N GLY J 112 -49.81 -24.14 19.20
CA GLY J 112 -51.09 -24.15 18.54
C GLY J 112 -51.81 -25.49 18.51
N TYR J 113 -51.18 -26.55 19.01
CA TYR J 113 -51.76 -27.89 18.96
C TYR J 113 -51.63 -28.56 20.32
N ASN J 114 -52.62 -29.37 20.66
CA ASN J 114 -52.63 -30.17 21.89
C ASN J 114 -52.46 -29.23 23.09
N SER J 115 -51.79 -29.71 24.14
CA SER J 115 -51.53 -28.87 25.30
C SER J 115 -50.59 -27.72 24.95
N ASN J 116 -50.81 -26.58 25.58
CA ASN J 116 -50.03 -25.39 25.30
C ASN J 116 -49.89 -24.56 26.56
N SER J 117 -48.86 -23.71 26.58
CA SER J 117 -48.52 -22.87 27.73
C SER J 117 -48.50 -23.66 29.02
N ALA J 118 -48.15 -24.95 28.94
CA ALA J 118 -48.14 -25.85 30.09
C ALA J 118 -46.74 -26.12 30.61
N GLY J 119 -45.76 -25.32 30.19
CA GLY J 119 -44.39 -25.55 30.57
C GLY J 119 -43.70 -26.54 29.65
N ALA J 120 -44.41 -27.62 29.31
CA ALA J 120 -43.87 -28.59 28.38
C ALA J 120 -43.63 -27.99 27.00
N THR J 121 -44.32 -26.91 26.66
CA THR J 121 -44.08 -26.23 25.39
C THR J 121 -42.64 -25.71 25.31
N LEU J 122 -42.16 -25.10 26.39
CA LEU J 122 -40.79 -24.60 26.40
C LEU J 122 -39.78 -25.74 26.27
N GLY J 123 -40.01 -26.85 26.96
CA GLY J 123 -39.12 -27.99 26.86
C GLY J 123 -39.08 -28.58 25.46
N VAL J 124 -40.26 -28.74 24.85
CA VAL J 124 -40.31 -29.27 23.49
C VAL J 124 -39.64 -28.32 22.52
N GLY J 125 -39.85 -27.01 22.68
CA GLY J 125 -39.20 -26.05 21.83
C GLY J 125 -37.68 -26.07 21.96
N LEU J 126 -37.19 -26.19 23.20
CA LEU J 126 -35.75 -26.27 23.41
C LEU J 126 -35.17 -27.53 22.80
N ALA J 127 -35.85 -28.66 22.97
CA ALA J 127 -35.37 -29.90 22.37
C ALA J 127 -35.35 -29.81 20.85
N ALA J 128 -36.40 -29.22 20.26
CA ALA J 128 -36.43 -29.06 18.81
C ALA J 128 -35.33 -28.14 18.33
N GLY J 129 -35.07 -27.05 19.06
CA GLY J 129 -33.99 -26.17 18.68
C GLY J 129 -32.63 -26.84 18.76
N LEU J 130 -32.41 -27.63 19.81
CA LEU J 130 -31.15 -28.35 19.93
C LEU J 130 -30.99 -29.36 18.81
N VAL J 131 -32.05 -30.09 18.49
CA VAL J 131 -31.98 -31.07 17.40
C VAL J 131 -31.72 -30.39 16.07
N GLY J 132 -32.37 -29.24 15.83
CA GLY J 132 -32.13 -28.51 14.61
C GLY J 132 -30.70 -28.01 14.51
N MET J 133 -30.15 -27.49 15.61
CA MET J 133 -28.76 -27.05 15.60
C MET J 133 -27.82 -28.23 15.34
N ALA J 134 -28.08 -29.37 15.96
CA ALA J 134 -27.25 -30.54 15.73
C ALA J 134 -27.30 -30.99 14.28
N ALA J 135 -28.50 -31.01 13.69
CA ALA J 135 -28.64 -31.42 12.30
C ALA J 135 -27.95 -30.43 11.37
N ASP J 136 -28.06 -29.13 11.65
CA ASP J 136 -27.40 -28.14 10.82
C ASP J 136 -25.88 -28.24 10.93
N ALA J 137 -25.37 -28.55 12.12
CA ALA J 137 -23.93 -28.66 12.30
C ALA J 137 -23.37 -29.93 11.68
N MET J 138 -24.18 -30.97 11.57
CA MET J 138 -23.71 -32.25 11.05
C MET J 138 -23.69 -32.30 9.52
N VAL J 139 -24.14 -31.25 8.85
CA VAL J 139 -24.08 -31.18 7.39
C VAL J 139 -22.84 -30.40 7.00
N GLU J 140 -21.93 -31.05 6.28
CA GLU J 140 -20.63 -30.47 5.94
C GLU J 140 -20.47 -30.46 4.43
N ASP J 141 -19.99 -29.34 3.91
CA ASP J 141 -19.68 -29.22 2.48
C ASP J 141 -18.18 -29.46 2.33
N VAL J 142 -17.80 -30.72 2.23
CA VAL J 142 -16.41 -31.12 2.30
C VAL J 142 -15.78 -31.03 0.91
N ASN J 143 -14.53 -30.56 0.90
CA ASN J 143 -13.73 -30.43 -0.30
C ASN J 143 -12.33 -30.96 0.01
N TYR J 144 -11.89 -31.95 -0.76
CA TYR J 144 -10.57 -32.52 -0.66
C TYR J 144 -9.69 -31.94 -1.76
N THR J 145 -8.56 -31.36 -1.36
CA THR J 145 -7.59 -30.79 -2.29
C THR J 145 -6.33 -31.65 -2.26
N MET J 146 -5.79 -31.96 -3.44
CA MET J 146 -4.63 -32.81 -3.55
C MET J 146 -3.62 -32.18 -4.50
N ILE J 147 -2.35 -32.17 -4.09
CA ILE J 147 -1.27 -31.58 -4.87
C ILE J 147 -0.30 -32.70 -5.22
N THR J 148 -0.07 -32.88 -6.52
CA THR J 148 0.82 -33.90 -7.05
C THR J 148 1.91 -33.25 -7.88
N ASP J 149 3.14 -33.74 -7.73
CA ASP J 149 4.27 -33.25 -8.49
C ASP J 149 4.68 -34.30 -9.50
N VAL J 150 4.85 -33.88 -10.76
CA VAL J 150 5.20 -34.79 -11.84
C VAL J 150 6.54 -34.36 -12.42
N GLN J 151 7.40 -35.34 -12.71
CA GLN J 151 8.69 -35.10 -13.31
C GLN J 151 8.88 -36.07 -14.47
N ILE J 152 8.95 -35.54 -15.68
CA ILE J 152 9.07 -36.33 -16.90
C ILE J 152 10.51 -36.25 -17.39
N ALA J 153 11.12 -37.40 -17.65
CA ALA J 153 12.47 -37.46 -18.16
C ALA J 153 12.45 -38.02 -19.57
N GLU J 154 13.15 -37.35 -20.47
CA GLU J 154 13.23 -37.73 -21.88
C GLU J 154 14.68 -37.85 -22.27
N ARG J 155 15.05 -38.97 -22.89
CA ARG J 155 16.41 -39.21 -23.31
C ARG J 155 16.71 -38.42 -24.59
N THR J 156 17.89 -37.82 -24.66
CA THR J 156 18.29 -37.01 -25.80
C THR J 156 19.67 -37.43 -26.27
N LYS J 157 20.21 -36.69 -27.23
CA LYS J 157 21.53 -36.93 -27.78
C LYS J 157 22.55 -35.88 -27.37
N ALA J 158 22.11 -34.71 -26.91
CA ALA J 158 23.00 -33.66 -26.46
C ALA J 158 23.41 -33.90 -25.01
N THR J 159 24.67 -33.60 -24.69
CA THR J 159 25.14 -33.77 -23.33
C THR J 159 24.46 -32.76 -22.41
N VAL J 160 23.92 -33.24 -21.31
CA VAL J 160 23.19 -32.42 -20.35
C VAL J 160 23.99 -32.38 -19.07
N THR J 161 24.33 -31.18 -18.62
CA THR J 161 25.07 -31.00 -17.37
C THR J 161 24.09 -30.62 -16.28
N THR J 162 24.03 -31.43 -15.23
CA THR J 162 23.19 -31.18 -14.08
C THR J 162 24.05 -30.58 -12.97
N ASP J 163 23.68 -29.40 -12.51
CA ASP J 163 24.41 -28.69 -11.46
C ASP J 163 23.54 -28.71 -10.20
N ASN J 164 23.84 -29.66 -9.31
CA ASN J 164 23.13 -29.74 -8.05
C ASN J 164 23.59 -28.60 -7.15
N VAL J 165 22.64 -27.77 -6.72
CA VAL J 165 22.88 -26.66 -5.81
C VAL J 165 21.87 -26.73 -4.69
N ALA J 166 22.34 -26.86 -3.46
CA ALA J 166 21.47 -26.95 -2.29
C ALA J 166 21.98 -26.02 -1.22
N ALA J 167 21.05 -25.34 -0.54
CA ALA J 167 21.38 -24.44 0.56
C ALA J 167 20.67 -24.95 1.81
N LEU J 168 21.30 -25.88 2.51
CA LEU J 168 20.72 -26.48 3.70
C LEU J 168 20.78 -25.48 4.85
N ARG J 169 19.61 -25.01 5.29
CA ARG J 169 19.57 -24.00 6.35
C ARG J 169 20.17 -24.55 7.63
N GLN J 170 20.89 -23.68 8.36
CA GLN J 170 21.58 -24.05 9.59
C GLN J 170 21.28 -22.97 10.62
N GLY J 171 20.24 -23.21 11.42
CA GLY J 171 19.93 -22.46 12.62
C GLY J 171 19.98 -20.95 12.49
N THR J 172 19.04 -20.36 11.77
CA THR J 172 18.95 -18.89 11.69
C THR J 172 20.22 -18.29 11.12
N SER J 173 21.34 -18.52 11.82
CA SER J 173 22.64 -17.97 11.47
C SER J 173 22.98 -18.13 10.00
N GLY J 174 23.10 -19.37 9.49
CA GLY J 174 23.71 -19.60 8.20
C GLY J 174 23.14 -20.75 7.43
N ALA J 175 23.95 -21.32 6.54
CA ALA J 175 23.56 -22.46 5.74
C ALA J 175 24.80 -23.17 5.25
N LYS J 176 24.62 -24.43 4.88
CA LYS J 176 25.65 -25.21 4.22
C LYS J 176 25.28 -25.32 2.74
N ILE J 177 26.17 -24.85 1.88
CA ILE J 177 25.91 -24.84 0.44
C ILE J 177 26.64 -26.00 -0.19
N GLN J 178 25.88 -26.91 -0.79
CA GLN J 178 26.41 -28.07 -1.48
C GLN J 178 26.25 -27.87 -2.99
N THR J 179 27.33 -28.10 -3.73
CA THR J 179 27.32 -27.98 -5.17
C THR J 179 28.02 -29.18 -5.80
N SER J 180 27.47 -29.67 -6.89
CA SER J 180 28.08 -30.76 -7.63
C SER J 180 27.67 -30.68 -9.09
N THR J 181 28.44 -31.34 -9.95
CA THR J 181 28.20 -31.32 -11.38
C THR J 181 28.27 -32.74 -11.94
N GLU J 182 27.25 -33.12 -12.70
CA GLU J 182 27.23 -34.41 -13.38
C GLU J 182 26.88 -34.19 -14.85
N THR J 183 27.24 -35.17 -15.67
CA THR J 183 26.96 -35.13 -17.10
C THR J 183 26.20 -36.38 -17.50
N GLY J 184 25.11 -36.21 -18.23
CA GLY J 184 24.31 -37.33 -18.67
C GLY J 184 23.43 -36.95 -19.83
N ASN J 185 22.92 -37.96 -20.54
CA ASN J 185 22.08 -37.76 -21.71
C ASN J 185 20.62 -37.95 -21.32
N GLN J 186 20.08 -36.96 -20.63
CA GLN J 186 18.68 -37.02 -20.21
C GLN J 186 18.21 -35.64 -19.80
N HIS J 187 17.07 -35.22 -20.33
CA HIS J 187 16.42 -33.98 -19.93
C HIS J 187 15.30 -34.29 -18.96
N LYS J 188 15.09 -33.40 -17.99
CA LYS J 188 14.04 -33.57 -17.00
C LYS J 188 13.21 -32.29 -16.93
N TYR J 189 11.90 -32.45 -16.91
CA TYR J 189 10.97 -31.33 -16.78
C TYR J 189 9.99 -31.63 -15.66
N GLN J 190 9.45 -30.59 -15.06
CA GLN J 190 8.54 -30.75 -13.94
C GLN J 190 7.18 -30.13 -14.27
N THR J 191 6.21 -30.45 -13.43
CA THR J 191 4.88 -29.86 -13.51
C THR J 191 4.11 -30.24 -12.25
N ARG J 192 2.98 -29.58 -12.05
CA ARG J 192 2.16 -29.79 -10.87
C ARG J 192 0.71 -30.00 -11.28
N VAL J 193 0.05 -30.93 -10.60
CA VAL J 193 -1.36 -31.23 -10.85
C VAL J 193 -2.13 -31.01 -9.56
N VAL J 194 -3.25 -30.31 -9.65
CA VAL J 194 -4.10 -30.02 -8.51
C VAL J 194 -5.45 -30.68 -8.73
N SER J 195 -5.88 -31.47 -7.75
CA SER J 195 -7.14 -32.20 -7.81
C SER J 195 -8.06 -31.73 -6.70
N ASN J 196 -9.35 -31.68 -7.00
CA ASN J 196 -10.37 -31.28 -6.04
C ASN J 196 -11.53 -32.25 -6.12
N ALA J 197 -12.02 -32.68 -4.96
CA ALA J 197 -13.19 -33.55 -4.87
C ALA J 197 -14.15 -32.92 -3.88
N ASN J 198 -15.33 -32.53 -4.35
CA ASN J 198 -16.28 -31.77 -3.55
C ASN J 198 -17.59 -32.55 -3.45
N LYS J 199 -18.16 -32.58 -2.24
CA LYS J 199 -19.47 -33.19 -2.02
C LYS J 199 -19.91 -32.81 -0.62
N VAL J 200 -21.14 -33.21 -0.28
CA VAL J 200 -21.67 -33.01 1.06
C VAL J 200 -21.45 -34.27 1.87
N ASN J 201 -20.81 -34.12 3.04
CA ASN J 201 -20.49 -35.25 3.91
C ASN J 201 -19.75 -36.34 3.16
N LEU J 202 -18.80 -35.92 2.33
CA LEU J 202 -18.04 -36.85 1.50
C LEU J 202 -16.99 -37.59 2.31
N LYS J 203 -16.85 -38.87 2.06
CA LYS J 203 -15.78 -39.69 2.61
C LYS J 203 -14.78 -39.98 1.51
N PHE J 204 -13.49 -39.88 1.84
CA PHE J 204 -12.45 -39.98 0.81
C PHE J 204 -12.46 -41.33 0.11
N GLU J 205 -12.97 -42.38 0.77
CA GLU J 205 -13.00 -43.69 0.12
C GLU J 205 -13.88 -43.69 -1.12
N GLU J 206 -14.91 -42.84 -1.14
CA GLU J 206 -15.76 -42.75 -2.32
C GLU J 206 -15.10 -41.96 -3.43
N ALA J 207 -14.39 -40.89 -3.09
CA ALA J 207 -13.75 -40.03 -4.09
C ALA J 207 -12.43 -40.58 -4.59
N LYS J 208 -11.87 -41.58 -3.92
CA LYS J 208 -10.55 -42.09 -4.32
C LYS J 208 -10.50 -42.64 -5.74
N PRO J 209 -11.42 -43.52 -6.17
CA PRO J 209 -11.22 -44.13 -7.50
C PRO J 209 -11.29 -43.15 -8.66
N VAL J 210 -12.26 -42.23 -8.65
CA VAL J 210 -12.37 -41.28 -9.75
C VAL J 210 -11.20 -40.28 -9.71
N LEU J 211 -10.73 -39.95 -8.50
CA LEU J 211 -9.56 -39.09 -8.38
C LEU J 211 -8.35 -39.76 -9.02
N GLU J 212 -8.13 -41.04 -8.72
CA GLU J 212 -7.03 -41.77 -9.35
C GLU J 212 -7.22 -41.84 -10.86
N ASP J 213 -8.44 -42.09 -11.32
CA ASP J 213 -8.69 -42.18 -12.76
C ASP J 213 -8.31 -40.91 -13.47
N GLN J 214 -8.80 -39.77 -12.97
CA GLN J 214 -8.52 -38.49 -13.63
C GLN J 214 -7.04 -38.15 -13.57
N LEU J 215 -6.40 -38.37 -12.42
CA LEU J 215 -4.98 -38.05 -12.30
C LEU J 215 -4.14 -38.91 -13.25
N ALA J 216 -4.44 -40.21 -13.30
CA ALA J 216 -3.70 -41.08 -14.21
C ALA J 216 -3.93 -40.70 -15.65
N LYS J 217 -5.16 -40.36 -16.02
CA LYS J 217 -5.43 -39.98 -17.40
C LYS J 217 -4.66 -38.72 -17.78
N SER J 218 -4.62 -37.73 -16.89
CA SER J 218 -3.89 -36.51 -17.19
C SER J 218 -2.40 -36.77 -17.34
N ILE J 219 -1.82 -37.51 -16.39
CA ILE J 219 -0.39 -37.76 -16.43
C ILE J 219 -0.01 -38.57 -17.68
N ALA J 220 -0.84 -39.55 -18.04
CA ALA J 220 -0.58 -40.31 -19.25
C ALA J 220 -0.73 -39.45 -20.50
N ASN J 221 -1.74 -38.57 -20.52
CA ASN J 221 -1.95 -37.71 -21.67
C ASN J 221 -0.84 -36.70 -21.85
N ILE J 222 -0.02 -36.47 -20.82
CA ILE J 222 1.20 -35.69 -21.03
C ILE J 222 2.01 -36.29 -22.18
N LEU J 223 2.09 -37.61 -22.25
CA LEU J 223 2.86 -38.28 -23.30
C LEU J 223 2.22 -38.16 -24.67
N GLY J 224 0.92 -37.95 -24.76
CA GLY J 224 0.27 -37.78 -26.05
C GLY J 224 -0.22 -39.06 -26.67
N SER J 225 0.51 -39.58 -27.66
CA SER J 225 0.12 -40.80 -28.34
C SER J 225 1.30 -41.43 -29.07
#